data_2YUP
#
_entry.id   2YUP
#
_entity_poly.entity_id   1
_entity_poly.type   'polypeptide(L)'
_entity_poly.pdbx_seq_one_letter_code
;GSSGSSGKPPTYQVLEYGEAVAQYTFKGDLEVELSFRKGEHICLIRKVNENWYEGRITGTGRQGIFPASYVQVSREPRLR
LCDDSGPSSG
;
_entity_poly.pdbx_strand_id   A
#
# COMPACT_ATOMS: atom_id res chain seq x y z
N GLY A 1 -10.21 4.35 -16.80
CA GLY A 1 -11.00 5.21 -17.67
C GLY A 1 -12.44 5.30 -17.24
N SER A 2 -12.74 6.23 -16.34
CA SER A 2 -14.10 6.42 -15.85
C SER A 2 -14.79 7.59 -16.55
N SER A 3 -14.07 8.71 -16.64
CA SER A 3 -14.62 9.90 -17.29
C SER A 3 -14.13 10.01 -18.73
N GLY A 4 -14.67 10.97 -19.46
CA GLY A 4 -14.28 11.17 -20.85
C GLY A 4 -12.86 11.66 -20.99
N SER A 5 -12.56 12.78 -20.34
CA SER A 5 -11.22 13.37 -20.40
C SER A 5 -10.22 12.50 -19.65
N SER A 6 -8.99 12.44 -20.17
CA SER A 6 -7.94 11.64 -19.55
C SER A 6 -6.61 11.87 -20.25
N GLY A 7 -5.60 12.27 -19.48
CA GLY A 7 -4.29 12.52 -20.04
C GLY A 7 -3.45 11.26 -20.14
N LYS A 8 -3.07 10.70 -18.99
CA LYS A 8 -2.27 9.49 -18.96
C LYS A 8 -2.96 8.35 -19.71
N PRO A 9 -2.16 7.50 -20.37
CA PRO A 9 -2.67 6.37 -21.14
C PRO A 9 -3.25 5.28 -20.24
N PRO A 10 -4.27 4.57 -20.77
CA PRO A 10 -4.93 3.48 -20.03
C PRO A 10 -4.03 2.27 -19.85
N THR A 11 -3.44 2.12 -18.68
CA THR A 11 -2.57 1.00 -18.38
C THR A 11 -2.56 0.67 -16.89
N TYR A 12 -2.06 -0.51 -16.55
CA TYR A 12 -1.99 -0.93 -15.16
C TYR A 12 -0.54 -0.96 -14.66
N GLN A 13 -0.16 0.09 -13.94
CA GLN A 13 1.20 0.19 -13.41
C GLN A 13 1.20 -0.01 -11.90
N VAL A 14 0.08 0.30 -11.26
CA VAL A 14 -0.06 0.17 -9.82
C VAL A 14 0.68 -1.07 -9.32
N LEU A 15 0.68 -2.12 -10.13
CA LEU A 15 1.35 -3.37 -9.77
C LEU A 15 2.62 -3.10 -8.98
N GLU A 16 3.29 -2.00 -9.30
CA GLU A 16 4.52 -1.62 -8.61
C GLU A 16 4.24 -1.27 -7.15
N TYR A 17 3.25 -0.40 -6.94
CA TYR A 17 2.89 0.04 -5.60
C TYR A 17 2.56 -1.16 -4.71
N GLY A 18 2.56 -0.93 -3.40
CA GLY A 18 2.26 -2.01 -2.47
C GLY A 18 0.77 -2.23 -2.29
N GLU A 19 0.39 -3.40 -1.81
CA GLU A 19 -1.02 -3.72 -1.60
C GLU A 19 -1.24 -4.30 -0.20
N ALA A 20 -2.21 -3.76 0.51
CA ALA A 20 -2.53 -4.22 1.85
C ALA A 20 -4.03 -4.13 2.13
N VAL A 21 -4.50 -4.90 3.11
CA VAL A 21 -5.91 -4.90 3.47
C VAL A 21 -6.09 -4.66 4.97
N ALA A 22 -6.92 -3.67 5.31
CA ALA A 22 -7.18 -3.35 6.71
C ALA A 22 -7.88 -4.50 7.42
N GLN A 23 -7.22 -5.05 8.43
CA GLN A 23 -7.78 -6.17 9.19
C GLN A 23 -8.52 -5.65 10.42
N TYR A 24 -7.99 -4.61 11.04
CA TYR A 24 -8.59 -4.03 12.23
C TYR A 24 -8.78 -2.52 12.07
N THR A 25 -9.93 -2.03 12.51
CA THR A 25 -10.23 -0.60 12.42
C THR A 25 -9.32 0.21 13.33
N PHE A 26 -8.47 1.03 12.72
CA PHE A 26 -7.53 1.86 13.48
C PHE A 26 -8.14 3.24 13.76
N LYS A 27 -7.52 3.97 14.66
CA LYS A 27 -8.00 5.31 15.03
C LYS A 27 -6.82 6.23 15.36
N GLY A 28 -6.78 7.39 14.69
CA GLY A 28 -5.72 8.34 14.93
C GLY A 28 -6.15 9.76 14.67
N ASP A 29 -5.57 10.70 15.42
CA ASP A 29 -5.90 12.12 15.25
C ASP A 29 -4.75 12.87 14.61
N LEU A 30 -3.52 12.52 14.99
CA LEU A 30 -2.33 13.16 14.44
C LEU A 30 -2.18 12.84 12.95
N GLU A 31 -1.44 13.70 12.25
CA GLU A 31 -1.20 13.51 10.82
C GLU A 31 -0.61 12.14 10.55
N VAL A 32 0.56 11.88 11.11
CA VAL A 32 1.25 10.61 10.94
C VAL A 32 0.30 9.44 11.17
N GLU A 33 -0.64 9.62 12.10
CA GLU A 33 -1.60 8.58 12.43
C GLU A 33 -2.76 8.60 11.45
N LEU A 34 -2.75 7.68 10.49
CA LEU A 34 -3.80 7.58 9.49
C LEU A 34 -4.86 6.57 9.91
N SER A 35 -6.13 6.94 9.73
CA SER A 35 -7.23 6.06 10.09
C SER A 35 -7.80 5.36 8.86
N PHE A 36 -8.35 4.17 9.06
CA PHE A 36 -8.92 3.40 7.96
C PHE A 36 -9.98 2.43 8.48
N ARG A 37 -10.87 1.99 7.58
CA ARG A 37 -11.93 1.07 7.95
C ARG A 37 -11.64 -0.33 7.39
N LYS A 38 -11.83 -1.34 8.23
CA LYS A 38 -11.59 -2.73 7.82
C LYS A 38 -12.11 -2.96 6.41
N GLY A 39 -11.35 -3.74 5.63
CA GLY A 39 -11.74 -4.04 4.26
C GLY A 39 -11.14 -3.07 3.27
N GLU A 40 -11.04 -1.80 3.66
CA GLU A 40 -10.48 -0.77 2.79
C GLU A 40 -9.13 -1.19 2.24
N HIS A 41 -8.80 -0.71 1.04
CA HIS A 41 -7.54 -1.04 0.40
C HIS A 41 -6.60 0.16 0.41
N ILE A 42 -5.61 0.13 1.29
CA ILE A 42 -4.64 1.22 1.39
C ILE A 42 -3.50 1.04 0.39
N CYS A 43 -3.27 2.07 -0.41
CA CYS A 43 -2.21 2.03 -1.40
C CYS A 43 -0.87 2.43 -0.80
N LEU A 44 -0.03 1.44 -0.53
CA LEU A 44 1.29 1.68 0.05
C LEU A 44 2.18 2.43 -0.93
N ILE A 45 2.59 3.63 -0.55
CA ILE A 45 3.46 4.44 -1.39
C ILE A 45 4.93 4.21 -1.06
N ARG A 46 5.29 4.53 0.19
CA ARG A 46 6.67 4.35 0.64
C ARG A 46 6.71 3.66 2.00
N LYS A 47 6.75 2.33 1.98
CA LYS A 47 6.79 1.56 3.21
C LYS A 47 7.88 2.08 4.15
N VAL A 48 7.46 2.54 5.32
CA VAL A 48 8.39 3.06 6.31
C VAL A 48 9.27 1.95 6.88
N ASN A 49 8.65 0.85 7.27
CA ASN A 49 9.37 -0.28 7.83
C ASN A 49 8.44 -1.49 7.97
N GLU A 50 9.03 -2.63 8.34
CA GLU A 50 8.26 -3.87 8.51
C GLU A 50 7.20 -3.69 9.59
N ASN A 51 7.29 -2.60 10.33
CA ASN A 51 6.34 -2.33 11.40
C ASN A 51 5.26 -1.35 10.93
N TRP A 52 5.66 -0.11 10.70
CA TRP A 52 4.72 0.92 10.24
C TRP A 52 4.70 1.00 8.71
N TYR A 53 3.50 1.10 8.15
CA TYR A 53 3.35 1.18 6.70
C TYR A 53 2.70 2.50 6.30
N GLU A 54 3.30 3.17 5.33
CA GLU A 54 2.77 4.45 4.84
C GLU A 54 1.87 4.25 3.63
N GLY A 55 0.83 5.07 3.53
CA GLY A 55 -0.09 4.97 2.42
C GLY A 55 -1.03 6.16 2.33
N ARG A 56 -2.20 5.94 1.73
CA ARG A 56 -3.18 7.00 1.58
C ARG A 56 -4.59 6.43 1.45
N ILE A 57 -5.59 7.24 1.76
CA ILE A 57 -6.98 6.81 1.68
C ILE A 57 -7.71 7.53 0.55
N THR A 58 -7.43 7.10 -0.68
CA THR A 58 -8.06 7.69 -1.86
C THR A 58 -9.56 7.91 -1.63
N GLY A 59 -10.03 9.11 -1.94
CA GLY A 59 -11.44 9.42 -1.77
C GLY A 59 -11.67 10.45 -0.68
N THR A 60 -10.93 10.33 0.42
CA THR A 60 -11.07 11.25 1.54
C THR A 60 -9.92 12.25 1.58
N GLY A 61 -8.69 11.75 1.44
CA GLY A 61 -7.53 12.62 1.44
C GLY A 61 -6.51 12.20 2.49
N ARG A 62 -6.99 11.75 3.64
CA ARG A 62 -6.12 11.33 4.72
C ARG A 62 -4.87 10.64 4.18
N GLN A 63 -3.78 10.72 4.93
CA GLN A 63 -2.52 10.11 4.52
C GLN A 63 -1.52 10.10 5.66
N GLY A 64 -0.81 8.98 5.81
CA GLY A 64 0.17 8.86 6.88
C GLY A 64 0.65 7.43 7.06
N ILE A 65 1.11 7.11 8.27
CA ILE A 65 1.60 5.77 8.57
C ILE A 65 0.63 5.03 9.50
N PHE A 66 0.86 3.73 9.67
CA PHE A 66 0.02 2.91 10.53
C PHE A 66 0.70 1.59 10.85
N PRO A 67 0.26 0.97 11.96
CA PRO A 67 0.82 -0.31 12.41
C PRO A 67 0.45 -1.47 11.49
N ALA A 68 1.44 -2.28 11.14
CA ALA A 68 1.21 -3.43 10.26
C ALA A 68 0.26 -4.43 10.90
N SER A 69 0.58 -4.86 12.12
CA SER A 69 -0.24 -5.83 12.84
C SER A 69 -1.72 -5.51 12.66
N TYR A 70 -2.03 -4.25 12.38
CA TYR A 70 -3.41 -3.82 12.19
C TYR A 70 -3.87 -4.13 10.76
N VAL A 71 -3.02 -3.86 9.78
CA VAL A 71 -3.34 -4.11 8.39
C VAL A 71 -2.73 -5.42 7.91
N GLN A 72 -3.10 -5.84 6.70
CA GLN A 72 -2.60 -7.08 6.13
C GLN A 72 -1.70 -6.79 4.93
N VAL A 73 -0.46 -7.27 4.98
CA VAL A 73 0.48 -7.07 3.89
C VAL A 73 0.43 -8.22 2.89
N SER A 74 0.19 -7.89 1.63
CA SER A 74 0.11 -8.90 0.59
C SER A 74 1.18 -8.66 -0.47
N ARG A 75 1.37 -7.40 -0.85
CA ARG A 75 2.37 -7.04 -1.85
C ARG A 75 3.21 -5.85 -1.39
N GLU A 76 4.41 -6.15 -0.89
CA GLU A 76 5.30 -5.10 -0.41
C GLU A 76 5.78 -4.22 -1.56
N PRO A 77 5.95 -2.92 -1.29
CA PRO A 77 6.40 -1.95 -2.29
C PRO A 77 7.86 -2.15 -2.67
N ARG A 78 8.41 -1.21 -3.42
CA ARG A 78 9.80 -1.28 -3.85
C ARG A 78 10.35 0.12 -4.15
N LEU A 79 11.20 0.62 -3.27
CA LEU A 79 11.80 1.94 -3.44
C LEU A 79 13.30 1.84 -3.65
N ARG A 80 13.76 0.65 -4.05
CA ARG A 80 15.17 0.42 -4.29
C ARG A 80 15.98 0.59 -3.00
N LEU A 81 15.55 -0.12 -1.95
CA LEU A 81 16.23 -0.04 -0.66
C LEU A 81 17.54 -0.83 -0.69
N CYS A 82 17.45 -2.11 -1.03
CA CYS A 82 18.63 -2.97 -1.10
C CYS A 82 18.63 -3.79 -2.38
N ASP A 83 19.72 -4.51 -2.61
CA ASP A 83 19.86 -5.34 -3.80
C ASP A 83 20.28 -6.76 -3.44
N ASP A 84 19.30 -7.63 -3.25
CA ASP A 84 19.57 -9.03 -2.90
C ASP A 84 20.22 -9.77 -4.06
N SER A 85 21.06 -10.74 -3.74
CA SER A 85 21.75 -11.52 -4.76
C SER A 85 20.89 -12.70 -5.22
N GLY A 86 20.35 -12.60 -6.42
CA GLY A 86 19.52 -13.66 -6.96
C GLY A 86 18.48 -14.14 -5.96
N PRO A 87 17.48 -13.29 -5.69
CA PRO A 87 16.41 -13.61 -4.74
C PRO A 87 15.47 -14.68 -5.28
N SER A 88 15.06 -14.53 -6.54
CA SER A 88 14.15 -15.49 -7.17
C SER A 88 14.40 -15.56 -8.67
N SER A 89 14.22 -16.75 -9.24
CA SER A 89 14.42 -16.96 -10.67
C SER A 89 13.26 -16.38 -11.47
N GLY A 90 12.04 -16.62 -10.99
CA GLY A 90 10.86 -16.13 -11.68
C GLY A 90 10.08 -17.22 -12.37
N GLY A 1 -26.98 -14.89 -19.64
CA GLY A 1 -25.78 -14.52 -20.36
C GLY A 1 -25.95 -13.25 -21.17
N SER A 2 -25.49 -12.13 -20.60
CA SER A 2 -25.60 -10.83 -21.27
C SER A 2 -24.28 -10.08 -21.19
N SER A 3 -24.08 -9.17 -22.14
CA SER A 3 -22.85 -8.37 -22.19
C SER A 3 -22.84 -7.33 -21.07
N GLY A 4 -21.64 -6.97 -20.63
CA GLY A 4 -21.51 -5.99 -19.56
C GLY A 4 -20.31 -5.08 -19.75
N SER A 5 -19.60 -4.81 -18.66
CA SER A 5 -18.42 -3.96 -18.72
C SER A 5 -17.30 -4.51 -17.84
N SER A 6 -16.18 -4.87 -18.47
CA SER A 6 -15.04 -5.42 -17.74
C SER A 6 -14.52 -4.42 -16.72
N GLY A 7 -14.41 -3.16 -17.14
CA GLY A 7 -13.92 -2.13 -16.24
C GLY A 7 -12.44 -2.27 -15.96
N LYS A 8 -12.09 -3.18 -15.05
CA LYS A 8 -10.70 -3.41 -14.69
C LYS A 8 -10.08 -4.50 -15.56
N PRO A 9 -8.78 -4.35 -15.87
CA PRO A 9 -8.05 -5.32 -16.69
C PRO A 9 -7.83 -6.64 -15.97
N PRO A 10 -7.78 -7.74 -16.74
CA PRO A 10 -7.58 -9.08 -16.20
C PRO A 10 -6.16 -9.28 -15.67
N THR A 11 -5.32 -8.26 -15.83
CA THR A 11 -3.94 -8.32 -15.37
C THR A 11 -3.59 -7.11 -14.51
N TYR A 12 -3.19 -7.35 -13.28
CA TYR A 12 -2.83 -6.29 -12.36
C TYR A 12 -1.94 -5.25 -13.05
N GLN A 13 -2.46 -4.03 -13.20
CA GLN A 13 -1.71 -2.96 -13.84
C GLN A 13 -0.31 -2.85 -13.27
N VAL A 14 0.64 -2.48 -14.13
CA VAL A 14 2.03 -2.35 -13.71
C VAL A 14 2.25 -1.05 -12.95
N LEU A 15 2.14 -1.12 -11.62
CA LEU A 15 2.33 0.05 -10.78
C LEU A 15 3.57 -0.10 -9.89
N GLU A 16 3.87 0.94 -9.12
CA GLU A 16 5.02 0.91 -8.23
C GLU A 16 4.60 1.16 -6.79
N TYR A 17 3.59 0.43 -6.33
CA TYR A 17 3.09 0.58 -4.97
C TYR A 17 2.59 -0.76 -4.43
N GLY A 18 2.83 -1.00 -3.15
CA GLY A 18 2.39 -2.24 -2.52
C GLY A 18 0.90 -2.28 -2.31
N GLU A 19 0.40 -3.43 -1.87
CA GLU A 19 -1.03 -3.60 -1.64
C GLU A 19 -1.28 -4.18 -0.24
N ALA A 20 -2.21 -3.60 0.49
CA ALA A 20 -2.55 -4.06 1.82
C ALA A 20 -4.03 -3.87 2.11
N VAL A 21 -4.57 -4.67 3.03
CA VAL A 21 -5.97 -4.59 3.41
C VAL A 21 -6.14 -4.44 4.91
N ALA A 22 -7.04 -3.56 5.32
CA ALA A 22 -7.29 -3.34 6.74
C ALA A 22 -7.95 -4.56 7.38
N GLN A 23 -7.31 -5.13 8.39
CA GLN A 23 -7.83 -6.30 9.08
C GLN A 23 -8.66 -5.87 10.30
N TYR A 24 -8.27 -4.77 10.92
CA TYR A 24 -8.96 -4.27 12.10
C TYR A 24 -9.13 -2.75 12.03
N THR A 25 -10.33 -2.28 12.36
CA THR A 25 -10.62 -0.85 12.33
C THR A 25 -9.74 -0.09 13.30
N PHE A 26 -8.84 0.73 12.76
CA PHE A 26 -7.93 1.51 13.59
C PHE A 26 -8.50 2.90 13.85
N LYS A 27 -7.90 3.61 14.80
CA LYS A 27 -8.34 4.96 15.15
C LYS A 27 -7.18 5.79 15.66
N GLY A 28 -6.77 6.78 14.86
CA GLY A 28 -5.66 7.64 15.26
C GLY A 28 -5.99 9.10 15.08
N ASP A 29 -5.73 9.90 16.12
CA ASP A 29 -6.00 11.33 16.08
C ASP A 29 -4.81 12.09 15.51
N LEU A 30 -3.61 11.59 15.79
CA LEU A 30 -2.39 12.23 15.31
C LEU A 30 -2.28 12.12 13.80
N GLU A 31 -1.69 13.14 13.18
CA GLU A 31 -1.52 13.15 11.73
C GLU A 31 -0.92 11.84 11.24
N VAL A 32 0.24 11.49 11.77
CA VAL A 32 0.92 10.25 11.39
C VAL A 32 0.00 9.05 11.55
N GLU A 33 -0.69 8.99 12.68
CA GLU A 33 -1.60 7.88 12.96
C GLU A 33 -2.84 7.97 12.05
N LEU A 34 -2.73 7.39 10.87
CA LEU A 34 -3.84 7.38 9.91
C LEU A 34 -4.95 6.45 10.37
N SER A 35 -6.18 6.80 10.02
CA SER A 35 -7.35 6.01 10.40
C SER A 35 -7.95 5.31 9.18
N PHE A 36 -8.37 4.06 9.36
CA PHE A 36 -8.96 3.29 8.27
C PHE A 36 -9.92 2.24 8.81
N ARG A 37 -10.87 1.84 7.98
CA ARG A 37 -11.86 0.83 8.39
C ARG A 37 -11.47 -0.54 7.86
N LYS A 38 -12.16 -1.57 8.36
CA LYS A 38 -11.89 -2.95 7.95
C LYS A 38 -12.29 -3.16 6.50
N GLY A 39 -11.38 -3.77 5.72
CA GLY A 39 -11.66 -4.02 4.32
C GLY A 39 -11.03 -3.00 3.41
N GLU A 40 -11.09 -1.73 3.81
CA GLU A 40 -10.52 -0.65 3.01
C GLU A 40 -9.17 -1.07 2.43
N HIS A 41 -8.83 -0.49 1.27
CA HIS A 41 -7.56 -0.79 0.62
C HIS A 41 -6.63 0.40 0.67
N ILE A 42 -5.49 0.23 1.34
CA ILE A 42 -4.50 1.29 1.47
C ILE A 42 -3.28 1.02 0.60
N CYS A 43 -2.98 1.94 -0.30
CA CYS A 43 -1.83 1.79 -1.20
C CYS A 43 -0.54 2.16 -0.48
N LEU A 44 0.42 1.24 -0.47
CA LEU A 44 1.70 1.46 0.18
C LEU A 44 2.60 2.34 -0.68
N ILE A 45 2.85 3.57 -0.21
CA ILE A 45 3.70 4.49 -0.94
C ILE A 45 5.18 4.22 -0.67
N ARG A 46 5.62 4.54 0.53
CA ARG A 46 7.02 4.32 0.91
C ARG A 46 7.12 3.81 2.35
N LYS A 47 7.43 2.54 2.50
CA LYS A 47 7.57 1.93 3.82
C LYS A 47 8.34 2.84 4.76
N VAL A 48 7.68 3.29 5.83
CA VAL A 48 8.30 4.15 6.81
C VAL A 48 9.23 3.38 7.74
N ASN A 49 8.89 2.11 7.97
CA ASN A 49 9.69 1.25 8.84
C ASN A 49 9.36 -0.21 8.60
N GLU A 50 10.19 -1.09 9.14
CA GLU A 50 9.99 -2.53 9.00
C GLU A 50 8.76 -2.98 9.77
N ASN A 51 8.18 -2.08 10.55
CA ASN A 51 6.99 -2.39 11.35
C ASN A 51 5.83 -1.49 10.94
N TRP A 52 6.14 -0.26 10.57
CA TRP A 52 5.12 0.71 10.16
C TRP A 52 5.12 0.89 8.65
N TYR A 53 4.02 1.40 8.12
CA TYR A 53 3.90 1.63 6.68
C TYR A 53 3.33 3.02 6.40
N GLU A 54 3.33 3.40 5.13
CA GLU A 54 2.82 4.70 4.73
C GLU A 54 1.97 4.60 3.46
N GLY A 55 0.69 4.92 3.58
CA GLY A 55 -0.20 4.86 2.43
C GLY A 55 -1.15 6.03 2.37
N ARG A 56 -2.31 5.82 1.75
CA ARG A 56 -3.31 6.87 1.62
C ARG A 56 -4.70 6.27 1.45
N ILE A 57 -5.72 7.07 1.72
CA ILE A 57 -7.11 6.62 1.59
C ILE A 57 -7.77 7.22 0.36
N THR A 58 -7.56 6.57 -0.79
CA THR A 58 -8.14 7.05 -2.04
C THR A 58 -9.58 7.49 -1.85
N GLY A 59 -9.84 8.76 -2.18
CA GLY A 59 -11.19 9.29 -2.04
C GLY A 59 -11.26 10.42 -1.03
N THR A 60 -10.58 10.25 0.10
CA THR A 60 -10.57 11.26 1.15
C THR A 60 -9.22 11.97 1.22
N GLY A 61 -9.19 13.10 1.90
CA GLY A 61 -7.95 13.86 2.04
C GLY A 61 -7.14 13.41 3.24
N ARG A 62 -7.12 12.11 3.50
CA ARG A 62 -6.37 11.57 4.62
C ARG A 62 -5.15 10.79 4.14
N GLN A 63 -4.03 10.95 4.84
CA GLN A 63 -2.80 10.26 4.49
C GLN A 63 -1.84 10.22 5.67
N GLY A 64 -1.17 9.08 5.84
CA GLY A 64 -0.23 8.94 6.93
C GLY A 64 0.32 7.53 7.05
N ILE A 65 0.70 7.14 8.26
CA ILE A 65 1.23 5.80 8.52
C ILE A 65 0.31 5.00 9.43
N PHE A 66 0.62 3.72 9.59
CA PHE A 66 -0.18 2.85 10.46
C PHE A 66 0.56 1.56 10.75
N PRO A 67 0.21 0.91 11.87
CA PRO A 67 0.83 -0.35 12.29
C PRO A 67 0.45 -1.51 11.39
N ALA A 68 1.44 -2.34 11.03
CA ALA A 68 1.22 -3.49 10.18
C ALA A 68 0.32 -4.52 10.86
N SER A 69 0.66 -4.84 12.10
CA SER A 69 -0.10 -5.82 12.87
C SER A 69 -1.61 -5.56 12.74
N TYR A 70 -1.95 -4.34 12.38
CA TYR A 70 -3.36 -3.96 12.21
C TYR A 70 -3.84 -4.26 10.79
N VAL A 71 -2.98 -4.01 9.82
CA VAL A 71 -3.32 -4.27 8.42
C VAL A 71 -2.71 -5.58 7.94
N GLN A 72 -3.10 -5.98 6.73
CA GLN A 72 -2.59 -7.22 6.14
C GLN A 72 -1.75 -6.94 4.90
N VAL A 73 -0.50 -7.40 4.92
CA VAL A 73 0.40 -7.19 3.80
C VAL A 73 0.30 -8.33 2.79
N SER A 74 -0.04 -8.00 1.55
CA SER A 74 -0.18 -8.98 0.49
C SER A 74 0.92 -8.83 -0.55
N ARG A 75 1.19 -7.58 -0.93
CA ARG A 75 2.22 -7.29 -1.93
C ARG A 75 3.11 -6.14 -1.46
N GLU A 76 4.27 -6.48 -0.90
CA GLU A 76 5.21 -5.47 -0.42
C GLU A 76 5.61 -4.53 -1.54
N PRO A 77 6.04 -3.31 -1.17
CA PRO A 77 6.47 -2.29 -2.13
C PRO A 77 7.78 -2.65 -2.82
N ARG A 78 8.31 -1.71 -3.60
CA ARG A 78 9.57 -1.94 -4.30
C ARG A 78 10.76 -1.80 -3.36
N LEU A 79 11.02 -0.56 -2.93
CA LEU A 79 12.13 -0.29 -2.02
C LEU A 79 13.32 -1.20 -2.32
N ARG A 80 13.65 -1.32 -3.61
CA ARG A 80 14.77 -2.16 -4.02
C ARG A 80 14.88 -3.39 -3.13
N LEU A 81 13.76 -4.08 -2.93
CA LEU A 81 13.74 -5.27 -2.09
C LEU A 81 13.35 -6.50 -2.91
N CYS A 82 12.48 -6.30 -3.90
CA CYS A 82 12.03 -7.38 -4.76
C CYS A 82 12.93 -7.52 -5.98
N ASP A 83 13.25 -8.76 -6.34
CA ASP A 83 14.10 -9.03 -7.48
C ASP A 83 13.27 -9.23 -8.74
N ASP A 84 12.95 -8.13 -9.42
CA ASP A 84 12.15 -8.19 -10.64
C ASP A 84 12.96 -8.78 -11.79
N SER A 85 12.40 -9.79 -12.44
CA SER A 85 13.07 -10.45 -13.56
C SER A 85 12.67 -9.81 -14.89
N GLY A 86 13.54 -9.93 -15.88
CA GLY A 86 13.26 -9.36 -17.19
C GLY A 86 12.76 -10.39 -18.17
N PRO A 87 13.69 -10.96 -18.97
CA PRO A 87 13.36 -11.97 -19.98
C PRO A 87 12.96 -13.30 -19.34
N SER A 88 11.68 -13.42 -18.99
CA SER A 88 11.16 -14.64 -18.37
C SER A 88 9.79 -14.99 -18.92
N SER A 89 9.62 -16.26 -19.29
CA SER A 89 8.34 -16.73 -19.83
C SER A 89 8.01 -15.99 -21.13
N GLY A 90 9.02 -15.82 -21.98
CA GLY A 90 8.81 -15.14 -23.24
C GLY A 90 9.76 -15.62 -24.33
N GLY A 1 -22.77 -17.90 -14.47
CA GLY A 1 -21.39 -18.10 -14.89
C GLY A 1 -20.44 -17.07 -14.31
N SER A 2 -20.25 -17.14 -12.99
CA SER A 2 -19.36 -16.21 -12.30
C SER A 2 -17.95 -16.76 -12.23
N SER A 3 -17.01 -15.92 -11.81
CA SER A 3 -15.61 -16.32 -11.70
C SER A 3 -15.45 -17.45 -10.70
N GLY A 4 -15.20 -18.66 -11.21
CA GLY A 4 -15.04 -19.81 -10.34
C GLY A 4 -13.58 -20.17 -10.12
N SER A 5 -12.88 -20.48 -11.22
CA SER A 5 -11.47 -20.84 -11.15
C SER A 5 -10.59 -19.60 -11.24
N SER A 6 -9.31 -19.76 -10.87
CA SER A 6 -8.36 -18.66 -10.91
C SER A 6 -8.01 -18.29 -12.35
N GLY A 7 -7.83 -17.00 -12.60
CA GLY A 7 -7.49 -16.55 -13.94
C GLY A 7 -6.53 -15.38 -13.92
N LYS A 8 -5.25 -15.67 -13.73
CA LYS A 8 -4.22 -14.64 -13.70
C LYS A 8 -3.09 -14.96 -14.67
N PRO A 9 -2.48 -13.91 -15.24
CA PRO A 9 -1.37 -14.06 -16.19
C PRO A 9 -0.09 -14.57 -15.52
N PRO A 10 0.69 -15.34 -16.28
CA PRO A 10 1.96 -15.89 -15.78
C PRO A 10 3.02 -14.83 -15.56
N THR A 11 2.81 -13.66 -16.16
CA THR A 11 3.75 -12.56 -16.04
C THR A 11 3.43 -11.68 -14.83
N TYR A 12 4.40 -11.52 -13.94
CA TYR A 12 4.21 -10.70 -12.74
C TYR A 12 3.68 -9.33 -13.10
N GLN A 13 2.36 -9.19 -13.08
CA GLN A 13 1.72 -7.91 -13.40
C GLN A 13 2.56 -6.74 -12.93
N VAL A 14 3.38 -6.20 -13.82
CA VAL A 14 4.25 -5.08 -13.50
C VAL A 14 3.54 -4.09 -12.56
N LEU A 15 4.13 -3.85 -11.40
CA LEU A 15 3.57 -2.93 -10.43
C LEU A 15 4.67 -2.32 -9.56
N GLU A 16 4.34 -1.21 -8.89
CA GLU A 16 5.29 -0.53 -8.02
C GLU A 16 4.74 -0.40 -6.61
N TYR A 17 3.51 0.12 -6.50
CA TYR A 17 2.88 0.31 -5.20
C TYR A 17 2.31 -1.02 -4.69
N GLY A 18 2.69 -1.37 -3.47
CA GLY A 18 2.20 -2.61 -2.88
C GLY A 18 0.72 -2.60 -2.62
N GLU A 19 0.24 -3.54 -1.83
CA GLU A 19 -1.18 -3.63 -1.50
C GLU A 19 -1.40 -4.14 -0.08
N ALA A 20 -2.23 -3.45 0.67
CA ALA A 20 -2.52 -3.83 2.05
C ALA A 20 -4.02 -3.84 2.32
N VAL A 21 -4.46 -4.75 3.17
CA VAL A 21 -5.87 -4.88 3.50
C VAL A 21 -6.10 -4.67 4.99
N ALA A 22 -6.91 -3.67 5.34
CA ALA A 22 -7.21 -3.36 6.73
C ALA A 22 -7.97 -4.51 7.39
N GLN A 23 -7.36 -5.13 8.39
CA GLN A 23 -7.99 -6.24 9.09
C GLN A 23 -8.76 -5.74 10.32
N TYR A 24 -8.14 -4.84 11.07
CA TYR A 24 -8.76 -4.28 12.27
C TYR A 24 -8.90 -2.77 12.15
N THR A 25 -10.06 -2.26 12.57
CA THR A 25 -10.33 -0.83 12.51
C THR A 25 -9.47 -0.07 13.52
N PHE A 26 -8.74 0.92 13.02
CA PHE A 26 -7.88 1.73 13.88
C PHE A 26 -8.50 3.09 14.17
N LYS A 27 -7.90 3.83 15.08
CA LYS A 27 -8.40 5.15 15.45
C LYS A 27 -7.24 6.11 15.73
N GLY A 28 -7.24 7.24 15.06
CA GLY A 28 -6.19 8.23 15.26
C GLY A 28 -6.65 9.64 14.98
N ASP A 29 -5.95 10.62 15.53
CA ASP A 29 -6.30 12.02 15.34
C ASP A 29 -5.16 12.77 14.66
N LEU A 30 -3.93 12.42 15.01
CA LEU A 30 -2.75 13.07 14.44
C LEU A 30 -2.52 12.59 13.00
N GLU A 31 -1.64 13.28 12.30
CA GLU A 31 -1.33 12.94 10.91
C GLU A 31 -0.76 11.52 10.82
N VAL A 32 0.41 11.32 11.41
CA VAL A 32 1.06 10.01 11.41
C VAL A 32 0.05 8.90 11.70
N GLU A 33 -0.80 9.13 12.69
CA GLU A 33 -1.81 8.14 13.07
C GLU A 33 -2.95 8.13 12.07
N LEU A 34 -2.84 7.28 11.06
CA LEU A 34 -3.87 7.16 10.03
C LEU A 34 -4.78 5.97 10.30
N SER A 35 -6.08 6.23 10.37
CA SER A 35 -7.06 5.18 10.63
C SER A 35 -7.67 4.69 9.32
N PHE A 36 -8.37 3.55 9.40
CA PHE A 36 -9.01 2.97 8.23
C PHE A 36 -10.13 2.02 8.63
N ARG A 37 -10.99 1.68 7.68
CA ARG A 37 -12.12 0.78 7.94
C ARG A 37 -11.83 -0.61 7.40
N LYS A 38 -11.88 -1.61 8.28
CA LYS A 38 -11.63 -2.99 7.89
C LYS A 38 -12.17 -3.27 6.49
N GLY A 39 -11.28 -3.67 5.59
CA GLY A 39 -11.68 -3.96 4.23
C GLY A 39 -11.11 -2.98 3.23
N GLU A 40 -10.92 -1.74 3.67
CA GLU A 40 -10.39 -0.69 2.81
C GLU A 40 -9.07 -1.13 2.17
N HIS A 41 -8.81 -0.65 0.96
CA HIS A 41 -7.59 -0.99 0.25
C HIS A 41 -6.60 0.17 0.28
N ILE A 42 -5.69 0.14 1.24
CA ILE A 42 -4.68 1.18 1.38
C ILE A 42 -3.48 0.93 0.47
N CYS A 43 -3.10 1.94 -0.31
CA CYS A 43 -1.97 1.82 -1.21
C CYS A 43 -0.65 2.06 -0.49
N LEU A 44 0.29 1.15 -0.67
CA LEU A 44 1.60 1.27 -0.03
C LEU A 44 2.54 2.15 -0.85
N ILE A 45 2.81 3.34 -0.34
CA ILE A 45 3.70 4.28 -1.03
C ILE A 45 5.15 3.99 -0.70
N ARG A 46 5.57 4.37 0.51
CA ARG A 46 6.94 4.15 0.94
C ARG A 46 6.97 3.52 2.33
N LYS A 47 7.83 2.51 2.50
CA LYS A 47 7.97 1.82 3.77
C LYS A 47 8.57 2.75 4.83
N VAL A 48 7.73 3.23 5.74
CA VAL A 48 8.19 4.11 6.80
C VAL A 48 9.12 3.38 7.76
N ASN A 49 8.86 2.10 7.97
CA ASN A 49 9.67 1.29 8.88
C ASN A 49 9.36 -0.20 8.70
N GLU A 50 10.12 -1.04 9.39
CA GLU A 50 9.93 -2.48 9.31
C GLU A 50 8.72 -2.91 10.13
N ASN A 51 8.07 -1.95 10.79
CA ASN A 51 6.90 -2.23 11.60
C ASN A 51 5.72 -1.38 11.17
N TRP A 52 6.00 -0.17 10.69
CA TRP A 52 4.96 0.73 10.25
C TRP A 52 4.92 0.82 8.72
N TYR A 53 3.85 1.40 8.19
CA TYR A 53 3.70 1.53 6.75
C TYR A 53 3.01 2.84 6.39
N GLU A 54 3.59 3.58 5.45
CA GLU A 54 3.03 4.86 5.01
C GLU A 54 2.14 4.68 3.80
N GLY A 55 0.83 4.79 4.01
CA GLY A 55 -0.12 4.64 2.92
C GLY A 55 -1.09 5.79 2.83
N ARG A 56 -1.81 5.87 1.72
CA ARG A 56 -2.79 6.94 1.51
C ARG A 56 -4.20 6.38 1.43
N ILE A 57 -5.15 7.07 2.05
CA ILE A 57 -6.54 6.64 2.04
C ILE A 57 -7.30 7.26 0.87
N THR A 58 -6.98 6.80 -0.34
CA THR A 58 -7.62 7.31 -1.55
C THR A 58 -9.13 7.41 -1.35
N GLY A 59 -9.78 8.20 -2.21
CA GLY A 59 -11.22 8.36 -2.12
C GLY A 59 -11.61 9.41 -1.10
N THR A 60 -10.76 9.60 -0.09
CA THR A 60 -11.03 10.58 0.96
C THR A 60 -9.98 11.68 0.96
N GLY A 61 -8.71 11.28 0.90
CA GLY A 61 -7.63 12.26 0.89
C GLY A 61 -6.67 12.05 2.05
N ARG A 62 -7.21 11.80 3.23
CA ARG A 62 -6.38 11.60 4.41
C ARG A 62 -5.23 10.64 4.11
N GLN A 63 -4.05 10.96 4.63
CA GLN A 63 -2.87 10.13 4.42
C GLN A 63 -2.01 10.08 5.67
N GLY A 64 -1.19 9.03 5.79
CA GLY A 64 -0.33 8.88 6.94
C GLY A 64 0.21 7.48 7.08
N ILE A 65 0.79 7.18 8.24
CA ILE A 65 1.35 5.86 8.50
C ILE A 65 0.46 5.06 9.46
N PHE A 66 0.67 3.75 9.49
CA PHE A 66 -0.10 2.88 10.36
C PHE A 66 0.65 1.57 10.64
N PRO A 67 0.31 0.93 11.76
CA PRO A 67 0.93 -0.33 12.18
C PRO A 67 0.56 -1.49 11.26
N ALA A 68 1.54 -2.33 10.94
CA ALA A 68 1.30 -3.48 10.07
C ALA A 68 0.41 -4.50 10.75
N SER A 69 0.83 -4.95 11.94
CA SER A 69 0.05 -5.94 12.68
C SER A 69 -1.44 -5.67 12.57
N TYR A 70 -1.79 -4.42 12.33
CA TYR A 70 -3.19 -4.02 12.20
C TYR A 70 -3.72 -4.33 10.81
N VAL A 71 -2.91 -4.03 9.79
CA VAL A 71 -3.29 -4.29 8.41
C VAL A 71 -2.64 -5.56 7.88
N GLN A 72 -3.05 -5.98 6.69
CA GLN A 72 -2.52 -7.18 6.08
C GLN A 72 -1.65 -6.84 4.87
N VAL A 73 -0.40 -7.30 4.89
CA VAL A 73 0.52 -7.03 3.79
C VAL A 73 0.39 -8.08 2.70
N SER A 74 -0.19 -7.66 1.57
CA SER A 74 -0.38 -8.56 0.43
C SER A 74 0.71 -8.37 -0.61
N ARG A 75 1.12 -7.12 -0.80
CA ARG A 75 2.16 -6.79 -1.77
C ARG A 75 3.15 -5.78 -1.20
N GLU A 76 4.42 -6.16 -1.16
CA GLU A 76 5.46 -5.28 -0.64
C GLU A 76 5.94 -4.31 -1.71
N PRO A 77 6.27 -3.07 -1.28
CA PRO A 77 6.74 -2.03 -2.19
C PRO A 77 8.14 -2.32 -2.73
N ARG A 78 8.65 -1.42 -3.55
CA ARG A 78 9.98 -1.57 -4.13
C ARG A 78 11.06 -1.49 -3.06
N LEU A 79 11.31 -0.29 -2.56
CA LEU A 79 12.31 -0.07 -1.52
C LEU A 79 13.49 -1.02 -1.71
N ARG A 80 14.01 -1.08 -2.93
CA ARG A 80 15.14 -1.95 -3.24
C ARG A 80 16.46 -1.20 -3.08
N LEU A 81 16.41 0.12 -3.19
CA LEU A 81 17.59 0.95 -3.05
C LEU A 81 18.43 0.51 -1.85
N CYS A 82 17.77 0.24 -0.74
CA CYS A 82 18.45 -0.20 0.47
C CYS A 82 18.51 -1.72 0.54
N ASP A 83 17.35 -2.36 0.48
CA ASP A 83 17.27 -3.81 0.54
C ASP A 83 17.80 -4.34 1.87
N ASP A 84 17.43 -3.67 2.95
CA ASP A 84 17.89 -4.06 4.28
C ASP A 84 17.21 -5.36 4.72
N SER A 85 15.89 -5.43 4.52
CA SER A 85 15.12 -6.61 4.91
C SER A 85 15.23 -7.70 3.83
N GLY A 86 15.67 -8.88 4.25
CA GLY A 86 15.80 -9.98 3.31
C GLY A 86 16.33 -11.24 3.97
N PRO A 87 15.55 -11.78 4.92
CA PRO A 87 15.92 -13.00 5.66
C PRO A 87 15.87 -14.24 4.77
N SER A 88 16.60 -15.27 5.17
CA SER A 88 16.65 -16.52 4.41
C SER A 88 17.15 -17.67 5.28
N SER A 89 16.89 -18.90 4.84
CA SER A 89 17.30 -20.08 5.58
C SER A 89 17.07 -19.90 7.07
N GLY A 90 15.91 -19.33 7.42
CA GLY A 90 15.58 -19.10 8.82
C GLY A 90 15.89 -20.32 9.68
N GLY A 1 -19.81 0.82 -20.54
CA GLY A 1 -19.26 2.11 -20.90
C GLY A 1 -17.92 2.38 -20.25
N SER A 2 -17.94 3.15 -19.15
CA SER A 2 -16.73 3.49 -18.44
C SER A 2 -16.66 2.76 -17.10
N SER A 3 -17.77 2.78 -16.37
CA SER A 3 -17.84 2.12 -15.07
C SER A 3 -16.65 2.50 -14.20
N GLY A 4 -16.28 3.78 -14.23
CA GLY A 4 -15.15 4.25 -13.44
C GLY A 4 -13.99 4.69 -14.31
N SER A 5 -13.48 5.89 -14.04
CA SER A 5 -12.36 6.42 -14.80
C SER A 5 -11.16 5.49 -14.74
N SER A 6 -10.64 5.28 -13.53
CA SER A 6 -9.49 4.41 -13.34
C SER A 6 -9.90 2.93 -13.36
N GLY A 7 -9.57 2.25 -14.46
CA GLY A 7 -9.92 0.85 -14.58
C GLY A 7 -8.78 -0.07 -14.23
N LYS A 8 -9.09 -1.20 -13.62
CA LYS A 8 -8.06 -2.18 -13.24
C LYS A 8 -7.16 -2.51 -14.42
N PRO A 9 -5.90 -2.84 -14.11
CA PRO A 9 -4.90 -3.20 -15.14
C PRO A 9 -5.20 -4.53 -15.80
N PRO A 10 -4.48 -4.83 -16.90
CA PRO A 10 -4.65 -6.08 -17.64
C PRO A 10 -4.16 -7.29 -16.86
N THR A 11 -2.98 -7.16 -16.25
CA THR A 11 -2.39 -8.25 -15.48
C THR A 11 -2.20 -7.84 -14.02
N TYR A 12 -1.33 -6.87 -13.80
CA TYR A 12 -1.06 -6.38 -12.45
C TYR A 12 -0.17 -5.15 -12.49
N GLN A 13 -0.71 -4.03 -12.00
CA GLN A 13 0.04 -2.77 -11.97
C GLN A 13 0.51 -2.44 -10.56
N VAL A 14 0.24 -3.36 -9.63
CA VAL A 14 0.65 -3.17 -8.25
C VAL A 14 2.12 -3.50 -8.05
N LEU A 15 2.96 -3.01 -8.95
CA LEU A 15 4.39 -3.25 -8.88
C LEU A 15 5.07 -2.29 -7.90
N GLU A 16 4.97 -1.00 -8.21
CA GLU A 16 5.56 0.03 -7.35
C GLU A 16 4.80 0.16 -6.03
N TYR A 17 3.51 0.49 -6.13
CA TYR A 17 2.67 0.66 -4.95
C TYR A 17 2.31 -0.70 -4.36
N GLY A 18 2.57 -0.87 -3.07
CA GLY A 18 2.26 -2.12 -2.40
C GLY A 18 0.76 -2.31 -2.21
N GLU A 19 0.37 -3.53 -1.83
CA GLU A 19 -1.04 -3.84 -1.61
C GLU A 19 -1.26 -4.36 -0.19
N ALA A 20 -2.31 -3.87 0.45
CA ALA A 20 -2.64 -4.28 1.80
C ALA A 20 -4.14 -4.24 2.05
N VAL A 21 -4.57 -4.78 3.18
CA VAL A 21 -5.99 -4.81 3.54
C VAL A 21 -6.19 -4.52 5.02
N ALA A 22 -7.13 -3.63 5.31
CA ALA A 22 -7.42 -3.27 6.70
C ALA A 22 -8.12 -4.42 7.43
N GLN A 23 -7.36 -5.12 8.28
CA GLN A 23 -7.90 -6.24 9.03
C GLN A 23 -8.68 -5.75 10.25
N TYR A 24 -8.06 -4.85 11.02
CA TYR A 24 -8.70 -4.31 12.22
C TYR A 24 -8.73 -2.79 12.17
N THR A 25 -9.85 -2.21 12.58
CA THR A 25 -10.01 -0.76 12.59
C THR A 25 -9.02 -0.10 13.55
N PHE A 26 -8.36 0.95 13.07
CA PHE A 26 -7.38 1.67 13.88
C PHE A 26 -7.90 3.03 14.29
N LYS A 27 -7.38 3.57 15.39
CA LYS A 27 -7.79 4.87 15.89
C LYS A 27 -6.61 5.83 15.96
N GLY A 28 -6.82 7.06 15.51
CA GLY A 28 -5.76 8.05 15.54
C GLY A 28 -6.28 9.46 15.37
N ASP A 29 -5.54 10.43 15.87
CA ASP A 29 -5.92 11.84 15.78
C ASP A 29 -4.85 12.66 15.07
N LEU A 30 -3.59 12.40 15.43
CA LEU A 30 -2.47 13.12 14.82
C LEU A 30 -2.36 12.81 13.34
N GLU A 31 -1.94 13.81 12.56
CA GLU A 31 -1.79 13.63 11.12
C GLU A 31 -1.09 12.32 10.79
N VAL A 32 0.09 12.11 11.38
CA VAL A 32 0.85 10.90 11.15
C VAL A 32 0.00 9.66 11.41
N GLU A 33 -0.76 9.68 12.50
CA GLU A 33 -1.61 8.55 12.86
C GLU A 33 -2.84 8.49 11.95
N LEU A 34 -2.76 7.68 10.91
CA LEU A 34 -3.86 7.53 9.97
C LEU A 34 -4.72 6.32 10.32
N SER A 35 -6.04 6.52 10.31
CA SER A 35 -6.97 5.45 10.63
C SER A 35 -7.61 4.88 9.37
N PHE A 36 -8.37 3.80 9.53
CA PHE A 36 -9.03 3.17 8.41
C PHE A 36 -10.02 2.11 8.88
N ARG A 37 -11.10 1.92 8.13
CA ARG A 37 -12.12 0.94 8.47
C ARG A 37 -11.84 -0.40 7.80
N LYS A 38 -12.04 -1.48 8.55
CA LYS A 38 -11.81 -2.82 8.02
C LYS A 38 -12.35 -2.96 6.61
N GLY A 39 -11.59 -3.65 5.75
CA GLY A 39 -12.02 -3.83 4.38
C GLY A 39 -11.39 -2.83 3.43
N GLU A 40 -11.28 -1.58 3.89
CA GLU A 40 -10.69 -0.52 3.08
C GLU A 40 -9.35 -0.95 2.50
N HIS A 41 -9.00 -0.40 1.35
CA HIS A 41 -7.74 -0.73 0.69
C HIS A 41 -6.76 0.45 0.79
N ILE A 42 -5.62 0.19 1.43
CA ILE A 42 -4.60 1.23 1.59
C ILE A 42 -3.44 1.01 0.61
N CYS A 43 -3.21 2.01 -0.24
CA CYS A 43 -2.13 1.93 -1.23
C CYS A 43 -0.79 2.23 -0.59
N LEU A 44 0.03 1.20 -0.41
CA LEU A 44 1.35 1.35 0.20
C LEU A 44 2.30 2.08 -0.74
N ILE A 45 2.45 3.39 -0.53
CA ILE A 45 3.33 4.20 -1.37
C ILE A 45 4.79 3.93 -1.04
N ARG A 46 5.18 4.25 0.19
CA ARG A 46 6.56 4.04 0.62
C ARG A 46 6.60 3.51 2.06
N LYS A 47 7.59 2.66 2.34
CA LYS A 47 7.74 2.07 3.66
C LYS A 47 8.41 3.06 4.61
N VAL A 48 7.66 3.52 5.62
CA VAL A 48 8.20 4.45 6.59
C VAL A 48 9.19 3.77 7.53
N ASN A 49 8.80 2.62 8.07
CA ASN A 49 9.64 1.87 8.97
C ASN A 49 9.47 0.36 8.76
N GLU A 50 10.21 -0.42 9.55
CA GLU A 50 10.14 -1.88 9.44
C GLU A 50 8.87 -2.41 10.12
N ASN A 51 8.10 -1.50 10.70
CA ASN A 51 6.87 -1.88 11.39
C ASN A 51 5.69 -1.04 10.89
N TRP A 52 5.91 0.26 10.76
CA TRP A 52 4.87 1.17 10.29
C TRP A 52 4.89 1.27 8.77
N TYR A 53 3.72 1.55 8.19
CA TYR A 53 3.60 1.68 6.74
C TYR A 53 2.94 3.01 6.37
N GLU A 54 3.60 3.76 5.50
CA GLU A 54 3.09 5.05 5.06
C GLU A 54 2.31 4.91 3.76
N GLY A 55 1.00 5.10 3.83
CA GLY A 55 0.16 4.99 2.65
C GLY A 55 -0.89 6.07 2.58
N ARG A 56 -1.93 5.83 1.77
CA ARG A 56 -3.01 6.80 1.62
C ARG A 56 -4.32 6.09 1.31
N ILE A 57 -5.42 6.62 1.85
CA ILE A 57 -6.74 6.04 1.63
C ILE A 57 -7.30 6.45 0.28
N THR A 58 -7.37 5.50 -0.64
CA THR A 58 -7.89 5.75 -1.97
C THR A 58 -9.23 6.45 -1.92
N GLY A 59 -9.51 7.30 -2.91
CA GLY A 59 -10.77 8.03 -2.95
C GLY A 59 -10.72 9.30 -2.13
N THR A 60 -10.19 9.19 -0.92
CA THR A 60 -10.09 10.34 -0.02
C THR A 60 -8.71 10.96 -0.06
N GLY A 61 -8.62 12.22 0.35
CA GLY A 61 -7.33 12.91 0.35
C GLY A 61 -6.58 12.72 1.66
N ARG A 62 -6.73 11.54 2.26
CA ARG A 62 -6.05 11.24 3.52
C ARG A 62 -4.73 10.52 3.26
N GLN A 63 -3.80 10.66 4.19
CA GLN A 63 -2.49 10.02 4.07
C GLN A 63 -1.75 10.03 5.41
N GLY A 64 -1.09 8.92 5.72
CA GLY A 64 -0.36 8.81 6.97
C GLY A 64 0.25 7.43 7.17
N ILE A 65 0.76 7.19 8.37
CA ILE A 65 1.38 5.91 8.68
C ILE A 65 0.46 5.06 9.55
N PHE A 66 0.80 3.78 9.71
CA PHE A 66 0.01 2.86 10.51
C PHE A 66 0.79 1.58 10.81
N PRO A 67 0.45 0.92 11.92
CA PRO A 67 1.11 -0.32 12.34
C PRO A 67 0.75 -1.49 11.42
N ALA A 68 1.77 -2.28 11.08
CA ALA A 68 1.56 -3.44 10.20
C ALA A 68 0.87 -4.57 10.95
N SER A 69 0.58 -4.35 12.23
CA SER A 69 -0.08 -5.35 13.05
C SER A 69 -1.60 -5.14 13.04
N TYR A 70 -2.06 -4.25 12.19
CA TYR A 70 -3.49 -3.95 12.09
C TYR A 70 -4.00 -4.21 10.67
N VAL A 71 -3.08 -4.25 9.71
CA VAL A 71 -3.43 -4.49 8.32
C VAL A 71 -2.62 -5.65 7.73
N GLN A 72 -3.14 -6.24 6.67
CA GLN A 72 -2.46 -7.36 6.02
C GLN A 72 -1.90 -6.95 4.66
N VAL A 73 -0.60 -7.12 4.47
CA VAL A 73 0.06 -6.76 3.23
C VAL A 73 0.28 -7.99 2.36
N SER A 74 -0.26 -7.97 1.14
CA SER A 74 -0.13 -9.08 0.21
C SER A 74 1.15 -8.94 -0.61
N ARG A 75 1.49 -7.71 -0.97
CA ARG A 75 2.68 -7.44 -1.76
C ARG A 75 3.48 -6.28 -1.16
N GLU A 76 4.52 -6.61 -0.40
CA GLU A 76 5.36 -5.60 0.23
C GLU A 76 5.90 -4.62 -0.81
N PRO A 77 6.06 -3.35 -0.40
CA PRO A 77 6.57 -2.30 -1.28
C PRO A 77 8.06 -2.49 -1.62
N ARG A 78 8.37 -2.40 -2.91
CA ARG A 78 9.75 -2.57 -3.36
C ARG A 78 10.38 -1.21 -3.70
N LEU A 79 11.35 -0.80 -2.90
CA LEU A 79 12.03 0.48 -3.11
C LEU A 79 13.50 0.25 -3.43
N ARG A 80 13.79 -0.80 -4.19
CA ARG A 80 15.16 -1.12 -4.57
C ARG A 80 15.99 -1.46 -3.35
N LEU A 81 15.47 -2.33 -2.51
CA LEU A 81 16.17 -2.75 -1.29
C LEU A 81 16.63 -4.20 -1.39
N CYS A 82 17.16 -4.57 -2.55
CA CYS A 82 17.64 -5.93 -2.78
C CYS A 82 19.13 -5.94 -3.10
N ASP A 83 19.71 -7.13 -3.15
CA ASP A 83 21.13 -7.28 -3.44
C ASP A 83 21.35 -7.99 -4.78
N ASP A 84 20.76 -9.18 -4.91
CA ASP A 84 20.89 -9.96 -6.14
C ASP A 84 19.67 -9.76 -7.03
N SER A 85 19.82 -10.09 -8.31
CA SER A 85 18.73 -9.95 -9.27
C SER A 85 18.76 -11.08 -10.29
N GLY A 86 17.57 -11.48 -10.75
CA GLY A 86 17.48 -12.55 -11.72
C GLY A 86 16.06 -12.79 -12.19
N PRO A 87 15.83 -13.94 -12.83
CA PRO A 87 14.50 -14.32 -13.34
C PRO A 87 13.52 -14.63 -12.22
N SER A 88 13.97 -14.48 -10.98
CA SER A 88 13.13 -14.74 -9.82
C SER A 88 12.56 -13.45 -9.25
N SER A 89 11.25 -13.43 -9.04
CA SER A 89 10.57 -12.25 -8.50
C SER A 89 11.25 -11.78 -7.22
N GLY A 90 11.24 -12.64 -6.20
CA GLY A 90 11.85 -12.30 -4.93
C GLY A 90 13.34 -12.01 -5.06
N GLY A 1 -33.42 -10.79 -20.26
CA GLY A 1 -32.09 -10.59 -20.81
C GLY A 1 -31.01 -11.13 -19.90
N SER A 2 -30.62 -12.39 -20.12
CA SER A 2 -29.59 -13.03 -19.30
C SER A 2 -28.25 -12.31 -19.48
N SER A 3 -27.70 -11.82 -18.37
CA SER A 3 -26.43 -11.12 -18.40
C SER A 3 -25.26 -12.10 -18.43
N GLY A 4 -24.45 -12.02 -19.48
CA GLY A 4 -23.31 -12.91 -19.61
C GLY A 4 -22.55 -13.07 -18.31
N SER A 5 -22.09 -14.29 -18.04
CA SER A 5 -21.35 -14.58 -16.82
C SER A 5 -20.17 -15.51 -17.10
N SER A 6 -19.13 -15.40 -16.28
CA SER A 6 -17.93 -16.22 -16.46
C SER A 6 -17.61 -16.97 -15.16
N GLY A 7 -17.55 -16.24 -14.05
CA GLY A 7 -17.25 -16.85 -12.78
C GLY A 7 -17.08 -15.84 -11.67
N LYS A 8 -15.86 -15.30 -11.55
CA LYS A 8 -15.57 -14.31 -10.52
C LYS A 8 -15.12 -12.99 -11.15
N PRO A 9 -15.26 -11.89 -10.39
CA PRO A 9 -14.88 -10.56 -10.85
C PRO A 9 -13.37 -10.39 -10.99
N PRO A 10 -12.95 -9.56 -11.95
CA PRO A 10 -11.53 -9.30 -12.20
C PRO A 10 -10.87 -8.50 -11.08
N THR A 11 -9.60 -8.79 -10.82
CA THR A 11 -8.87 -8.10 -9.77
C THR A 11 -7.56 -7.52 -10.31
N TYR A 12 -6.96 -6.61 -9.55
CA TYR A 12 -5.72 -5.97 -9.94
C TYR A 12 -4.53 -6.63 -9.26
N GLN A 13 -3.79 -7.45 -10.01
CA GLN A 13 -2.62 -8.15 -9.46
C GLN A 13 -1.35 -7.64 -10.11
N VAL A 14 -1.46 -7.14 -11.34
CA VAL A 14 -0.32 -6.63 -12.07
C VAL A 14 0.00 -5.19 -11.65
N LEU A 15 -0.03 -4.94 -10.36
CA LEU A 15 0.25 -3.61 -9.83
C LEU A 15 1.69 -3.52 -9.30
N GLU A 16 2.16 -2.31 -9.08
CA GLU A 16 3.51 -2.08 -8.58
C GLU A 16 3.48 -1.67 -7.11
N TYR A 17 2.74 -0.60 -6.82
CA TYR A 17 2.64 -0.10 -5.45
C TYR A 17 2.26 -1.22 -4.49
N GLY A 18 2.61 -1.05 -3.22
CA GLY A 18 2.30 -2.04 -2.22
C GLY A 18 0.80 -2.24 -2.04
N GLU A 19 0.41 -3.43 -1.63
CA GLU A 19 -1.01 -3.74 -1.43
C GLU A 19 -1.26 -4.24 -0.01
N ALA A 20 -2.22 -3.63 0.67
CA ALA A 20 -2.56 -4.01 2.04
C ALA A 20 -4.06 -3.97 2.27
N VAL A 21 -4.57 -4.89 3.08
CA VAL A 21 -6.00 -4.94 3.37
C VAL A 21 -6.24 -4.79 4.87
N ALA A 22 -6.97 -3.74 5.25
CA ALA A 22 -7.28 -3.48 6.64
C ALA A 22 -8.02 -4.66 7.27
N GLN A 23 -7.48 -5.17 8.37
CA GLN A 23 -8.09 -6.30 9.06
C GLN A 23 -8.88 -5.83 10.27
N TYR A 24 -8.31 -4.88 11.02
CA TYR A 24 -8.96 -4.36 12.20
C TYR A 24 -9.11 -2.83 12.12
N THR A 25 -10.29 -2.35 12.46
CA THR A 25 -10.57 -0.91 12.42
C THR A 25 -9.61 -0.15 13.30
N PHE A 26 -8.74 0.66 12.69
CA PHE A 26 -7.77 1.45 13.43
C PHE A 26 -8.26 2.89 13.60
N LYS A 27 -7.77 3.55 14.65
CA LYS A 27 -8.15 4.93 14.92
C LYS A 27 -6.92 5.80 15.18
N GLY A 28 -6.60 6.66 14.23
CA GLY A 28 -5.45 7.54 14.38
C GLY A 28 -5.83 8.94 14.78
N ASP A 29 -5.72 9.25 16.08
CA ASP A 29 -6.06 10.56 16.59
C ASP A 29 -5.02 11.60 16.15
N LEU A 30 -3.77 11.18 16.08
CA LEU A 30 -2.69 12.07 15.68
C LEU A 30 -2.69 12.29 14.17
N GLU A 31 -1.73 13.08 13.68
CA GLU A 31 -1.63 13.37 12.26
C GLU A 31 -0.95 12.22 11.53
N VAL A 32 0.25 11.88 11.96
CA VAL A 32 1.00 10.79 11.34
C VAL A 32 0.25 9.47 11.44
N GLU A 33 -0.76 9.44 12.30
CA GLU A 33 -1.56 8.23 12.50
C GLU A 33 -2.76 8.21 11.55
N LEU A 34 -2.62 7.49 10.45
CA LEU A 34 -3.70 7.38 9.46
C LEU A 34 -4.72 6.32 9.87
N SER A 35 -5.99 6.70 9.89
CA SER A 35 -7.05 5.78 10.26
C SER A 35 -7.57 5.04 9.04
N PHE A 36 -8.25 3.91 9.27
CA PHE A 36 -8.81 3.11 8.19
C PHE A 36 -9.81 2.09 8.73
N ARG A 37 -10.67 1.60 7.85
CA ARG A 37 -11.69 0.62 8.24
C ARG A 37 -11.38 -0.75 7.62
N LYS A 38 -11.64 -1.80 8.38
CA LYS A 38 -11.41 -3.16 7.91
C LYS A 38 -12.03 -3.38 6.53
N GLY A 39 -11.21 -3.86 5.59
CA GLY A 39 -11.70 -4.11 4.25
C GLY A 39 -11.18 -3.09 3.25
N GLU A 40 -10.83 -1.90 3.74
CA GLU A 40 -10.33 -0.83 2.89
C GLU A 40 -8.95 -1.20 2.33
N HIS A 41 -8.66 -0.69 1.13
CA HIS A 41 -7.39 -0.97 0.49
C HIS A 41 -6.49 0.28 0.50
N ILE A 42 -5.48 0.26 1.36
CA ILE A 42 -4.56 1.39 1.48
C ILE A 42 -3.34 1.19 0.57
N CYS A 43 -3.18 2.10 -0.38
CA CYS A 43 -2.06 2.04 -1.32
C CYS A 43 -0.77 2.48 -0.65
N LEU A 44 0.15 1.52 -0.46
CA LEU A 44 1.42 1.81 0.18
C LEU A 44 2.33 2.60 -0.76
N ILE A 45 2.30 3.92 -0.64
CA ILE A 45 3.13 4.78 -1.48
C ILE A 45 4.60 4.53 -1.24
N ARG A 46 5.00 4.51 0.03
CA ARG A 46 6.39 4.28 0.39
C ARG A 46 6.49 3.63 1.77
N LYS A 47 7.51 2.79 1.96
CA LYS A 47 7.72 2.11 3.22
C LYS A 47 8.51 2.98 4.19
N VAL A 48 7.92 3.27 5.34
CA VAL A 48 8.57 4.10 6.35
C VAL A 48 9.43 3.25 7.27
N ASN A 49 8.93 2.07 7.63
CA ASN A 49 9.66 1.17 8.52
C ASN A 49 9.21 -0.28 8.30
N GLU A 50 10.04 -1.22 8.74
CA GLU A 50 9.74 -2.63 8.60
C GLU A 50 8.46 -2.99 9.34
N ASN A 51 8.00 -2.07 10.20
CA ASN A 51 6.79 -2.29 10.98
C ASN A 51 5.69 -1.31 10.57
N TRP A 52 6.05 -0.04 10.47
CA TRP A 52 5.09 1.00 10.09
C TRP A 52 4.99 1.10 8.57
N TYR A 53 3.79 1.42 8.09
CA TYR A 53 3.55 1.55 6.65
C TYR A 53 2.88 2.89 6.33
N GLU A 54 3.41 3.58 5.32
CA GLU A 54 2.85 4.87 4.91
C GLU A 54 2.07 4.73 3.61
N GLY A 55 0.82 5.17 3.63
CA GLY A 55 -0.01 5.10 2.45
C GLY A 55 -1.02 6.23 2.35
N ARG A 56 -2.15 5.98 1.73
CA ARG A 56 -3.20 6.99 1.57
C ARG A 56 -4.54 6.35 1.28
N ILE A 57 -5.61 7.10 1.49
CA ILE A 57 -6.96 6.60 1.25
C ILE A 57 -7.56 7.23 -0.01
N THR A 58 -7.21 6.67 -1.17
CA THR A 58 -7.71 7.17 -2.44
C THR A 58 -9.15 7.64 -2.32
N GLY A 59 -9.38 8.90 -2.64
CA GLY A 59 -10.73 9.45 -2.56
C GLY A 59 -10.86 10.51 -1.48
N THR A 60 -10.24 10.26 -0.33
CA THR A 60 -10.29 11.20 0.78
C THR A 60 -8.93 11.85 1.02
N GLY A 61 -8.93 12.93 1.80
CA GLY A 61 -7.69 13.64 2.09
C GLY A 61 -6.91 13.00 3.21
N ARG A 62 -7.00 11.67 3.33
CA ARG A 62 -6.29 10.94 4.37
C ARG A 62 -4.98 10.38 3.86
N GLN A 63 -3.92 10.52 4.66
CA GLN A 63 -2.60 10.04 4.29
C GLN A 63 -1.64 10.11 5.47
N GLY A 64 -1.08 8.96 5.83
CA GLY A 64 -0.15 8.91 6.94
C GLY A 64 0.47 7.54 7.12
N ILE A 65 0.85 7.22 8.36
CA ILE A 65 1.45 5.93 8.67
C ILE A 65 0.56 5.10 9.57
N PHE A 66 0.84 3.81 9.65
CA PHE A 66 0.06 2.91 10.49
C PHE A 66 0.78 1.57 10.67
N PRO A 67 0.45 0.86 11.76
CA PRO A 67 1.05 -0.44 12.07
C PRO A 67 0.60 -1.53 11.11
N ALA A 68 1.57 -2.21 10.50
CA ALA A 68 1.28 -3.28 9.56
C ALA A 68 0.44 -4.38 10.21
N SER A 69 0.92 -4.88 11.35
CA SER A 69 0.22 -5.93 12.08
C SER A 69 -1.29 -5.73 12.00
N TYR A 70 -1.71 -4.48 12.09
CA TYR A 70 -3.14 -4.15 12.04
C TYR A 70 -3.73 -4.51 10.68
N VAL A 71 -2.99 -4.19 9.61
CA VAL A 71 -3.44 -4.48 8.26
C VAL A 71 -2.81 -5.77 7.73
N GLN A 72 -3.31 -6.25 6.60
CA GLN A 72 -2.79 -7.46 5.99
C GLN A 72 -1.85 -7.13 4.83
N VAL A 73 -0.62 -7.63 4.92
CA VAL A 73 0.38 -7.39 3.89
C VAL A 73 0.27 -8.43 2.78
N SER A 74 -0.19 -8.00 1.61
CA SER A 74 -0.34 -8.90 0.47
C SER A 74 0.83 -8.75 -0.49
N ARG A 75 1.30 -7.53 -0.66
CA ARG A 75 2.42 -7.24 -1.56
C ARG A 75 3.24 -6.06 -1.06
N GLU A 76 4.46 -6.33 -0.61
CA GLU A 76 5.35 -5.28 -0.10
C GLU A 76 5.77 -4.34 -1.23
N PRO A 77 5.90 -3.06 -0.89
CA PRO A 77 6.30 -2.02 -1.86
C PRO A 77 7.76 -2.16 -2.28
N ARG A 78 8.14 -1.45 -3.34
CA ARG A 78 9.50 -1.51 -3.85
C ARG A 78 9.81 -0.27 -4.69
N LEU A 79 11.07 0.16 -4.67
CA LEU A 79 11.49 1.32 -5.42
C LEU A 79 12.48 0.94 -6.52
N ARG A 80 12.15 1.29 -7.76
CA ARG A 80 13.02 0.98 -8.90
C ARG A 80 14.43 1.49 -8.67
N LEU A 81 15.23 0.71 -7.97
CA LEU A 81 16.62 1.09 -7.68
C LEU A 81 17.54 0.66 -8.81
N CYS A 82 16.96 0.38 -9.97
CA CYS A 82 17.74 -0.03 -11.13
C CYS A 82 17.34 0.76 -12.37
N ASP A 83 18.32 1.32 -13.05
CA ASP A 83 18.07 2.11 -14.26
C ASP A 83 18.33 1.27 -15.51
N ASP A 84 19.44 0.56 -15.53
CA ASP A 84 19.80 -0.28 -16.67
C ASP A 84 19.33 -1.72 -16.46
N SER A 85 18.20 -2.06 -17.06
CA SER A 85 17.64 -3.40 -16.94
C SER A 85 18.56 -4.44 -17.58
N GLY A 86 18.47 -5.67 -17.11
CA GLY A 86 19.31 -6.73 -17.65
C GLY A 86 19.83 -7.67 -16.57
N PRO A 87 20.83 -8.47 -16.92
CA PRO A 87 21.45 -9.43 -16.00
C PRO A 87 22.26 -8.74 -14.91
N SER A 88 22.33 -7.41 -14.98
CA SER A 88 23.08 -6.63 -14.00
C SER A 88 24.50 -7.16 -13.86
N SER A 89 25.17 -7.38 -14.98
CA SER A 89 26.53 -7.89 -14.98
C SER A 89 27.24 -7.56 -16.29
N GLY A 90 28.56 -7.76 -16.31
CA GLY A 90 29.33 -7.47 -17.51
C GLY A 90 30.79 -7.27 -17.22
N GLY A 1 -1.25 21.62 -27.30
CA GLY A 1 -0.49 20.47 -27.79
C GLY A 1 -0.96 19.17 -27.18
N SER A 2 -1.90 18.51 -27.84
CA SER A 2 -2.44 17.24 -27.36
C SER A 2 -2.27 16.14 -28.40
N SER A 3 -1.11 16.13 -29.06
CA SER A 3 -0.83 15.13 -30.09
C SER A 3 0.25 14.16 -29.61
N GLY A 4 0.00 12.87 -29.81
CA GLY A 4 0.95 11.86 -29.40
C GLY A 4 1.23 10.85 -30.50
N SER A 5 2.50 10.47 -30.64
CA SER A 5 2.90 9.52 -31.66
C SER A 5 1.99 8.30 -31.65
N SER A 6 1.94 7.60 -30.51
CA SER A 6 1.12 6.42 -30.38
C SER A 6 0.81 6.14 -28.91
N GLY A 7 -0.48 6.17 -28.57
CA GLY A 7 -0.89 5.92 -27.20
C GLY A 7 -0.60 7.09 -26.28
N LYS A 8 0.27 6.87 -25.30
CA LYS A 8 0.63 7.91 -24.35
C LYS A 8 2.12 7.84 -24.01
N PRO A 9 2.74 9.02 -23.83
CA PRO A 9 4.17 9.11 -23.49
C PRO A 9 4.47 8.62 -22.08
N PRO A 10 5.76 8.44 -21.77
CA PRO A 10 6.22 7.97 -20.46
C PRO A 10 5.99 9.01 -19.37
N THR A 11 4.90 8.86 -18.63
CA THR A 11 4.57 9.79 -17.55
C THR A 11 4.38 9.05 -16.24
N TYR A 12 3.69 7.92 -16.29
CA TYR A 12 3.45 7.12 -15.10
C TYR A 12 3.92 5.68 -15.29
N GLN A 13 5.22 5.47 -15.21
CA GLN A 13 5.81 4.14 -15.38
C GLN A 13 6.06 3.49 -14.03
N VAL A 14 6.07 4.29 -12.97
CA VAL A 14 6.31 3.78 -11.62
C VAL A 14 4.98 3.55 -10.89
N LEU A 15 4.49 2.32 -10.96
CA LEU A 15 3.23 1.97 -10.31
C LEU A 15 3.37 0.65 -9.54
N GLU A 16 4.57 0.39 -9.04
CA GLU A 16 4.84 -0.84 -8.29
C GLU A 16 4.50 -0.65 -6.81
N TYR A 17 3.45 0.13 -6.54
CA TYR A 17 3.02 0.39 -5.18
C TYR A 17 2.61 -0.90 -4.48
N GLY A 18 2.77 -0.93 -3.16
CA GLY A 18 2.42 -2.12 -2.40
C GLY A 18 0.92 -2.28 -2.24
N GLU A 19 0.49 -3.44 -1.77
CA GLU A 19 -0.92 -3.72 -1.58
C GLU A 19 -1.20 -4.24 -0.17
N ALA A 20 -2.15 -3.63 0.50
CA ALA A 20 -2.52 -4.03 1.86
C ALA A 20 -4.02 -3.91 2.09
N VAL A 21 -4.54 -4.71 3.02
CA VAL A 21 -5.95 -4.69 3.34
C VAL A 21 -6.19 -4.54 4.84
N ALA A 22 -7.01 -3.56 5.22
CA ALA A 22 -7.31 -3.32 6.62
C ALA A 22 -8.01 -4.51 7.25
N GLN A 23 -7.40 -5.06 8.29
CA GLN A 23 -7.96 -6.21 8.99
C GLN A 23 -8.70 -5.79 10.25
N TYR A 24 -8.16 -4.78 10.93
CA TYR A 24 -8.77 -4.27 12.15
C TYR A 24 -8.95 -2.75 12.08
N THR A 25 -10.07 -2.27 12.60
CA THR A 25 -10.37 -0.85 12.60
C THR A 25 -9.40 -0.09 13.49
N PHE A 26 -8.58 0.76 12.88
CA PHE A 26 -7.60 1.55 13.61
C PHE A 26 -8.14 2.95 13.90
N LYS A 27 -7.45 3.68 14.78
CA LYS A 27 -7.86 5.03 15.14
C LYS A 27 -6.64 5.90 15.43
N GLY A 28 -6.55 7.02 14.72
CA GLY A 28 -5.43 7.93 14.91
C GLY A 28 -5.81 9.37 14.64
N ASP A 29 -5.58 10.23 15.62
CA ASP A 29 -5.89 11.65 15.48
C ASP A 29 -4.71 12.42 14.89
N LEU A 30 -3.50 12.01 15.27
CA LEU A 30 -2.29 12.67 14.79
C LEU A 30 -2.19 12.56 13.27
N GLU A 31 -1.67 13.61 12.64
CA GLU A 31 -1.52 13.63 11.19
C GLU A 31 -0.85 12.35 10.68
N VAL A 32 0.32 12.07 11.21
CA VAL A 32 1.07 10.87 10.82
C VAL A 32 0.25 9.61 11.10
N GLU A 33 -0.75 9.73 11.97
CA GLU A 33 -1.60 8.59 12.31
C GLU A 33 -2.85 8.57 11.45
N LEU A 34 -2.88 7.65 10.49
CA LEU A 34 -4.03 7.53 9.59
C LEU A 34 -5.04 6.51 10.13
N SER A 35 -6.31 6.77 9.90
CA SER A 35 -7.37 5.89 10.35
C SER A 35 -8.00 5.14 9.18
N PHE A 36 -8.43 3.91 9.43
CA PHE A 36 -9.05 3.09 8.40
C PHE A 36 -9.88 1.97 9.03
N ARG A 37 -10.86 1.48 8.27
CA ARG A 37 -11.74 0.41 8.75
C ARG A 37 -11.52 -0.87 7.95
N LYS A 38 -11.68 -2.01 8.61
CA LYS A 38 -11.51 -3.30 7.96
C LYS A 38 -12.16 -3.31 6.59
N GLY A 39 -11.39 -3.72 5.57
CA GLY A 39 -11.93 -3.77 4.22
C GLY A 39 -11.33 -2.70 3.32
N GLU A 40 -11.20 -1.50 3.85
CA GLU A 40 -10.64 -0.38 3.08
C GLU A 40 -9.36 -0.80 2.38
N HIS A 41 -9.12 -0.20 1.21
CA HIS A 41 -7.92 -0.52 0.43
C HIS A 41 -6.89 0.61 0.54
N ILE A 42 -5.86 0.38 1.36
CA ILE A 42 -4.81 1.37 1.55
C ILE A 42 -3.62 1.09 0.65
N CYS A 43 -3.28 2.05 -0.20
CA CYS A 43 -2.15 1.90 -1.11
C CYS A 43 -0.84 2.25 -0.42
N LEU A 44 0.03 1.26 -0.29
CA LEU A 44 1.33 1.46 0.36
C LEU A 44 2.24 2.33 -0.51
N ILE A 45 2.44 3.57 -0.09
CA ILE A 45 3.29 4.50 -0.82
C ILE A 45 4.76 4.13 -0.68
N ARG A 46 5.26 4.16 0.56
CA ARG A 46 6.65 3.82 0.82
C ARG A 46 6.84 3.44 2.29
N LYS A 47 7.14 2.17 2.52
CA LYS A 47 7.35 1.67 3.88
C LYS A 47 8.09 2.70 4.73
N VAL A 48 7.46 3.10 5.84
CA VAL A 48 8.06 4.08 6.73
C VAL A 48 9.08 3.43 7.67
N ASN A 49 8.68 2.29 8.26
CA ASN A 49 9.56 1.57 9.17
C ASN A 49 9.40 0.06 8.99
N GLU A 50 10.30 -0.70 9.61
CA GLU A 50 10.26 -2.16 9.52
C GLU A 50 8.96 -2.70 10.11
N ASN A 51 8.29 -1.88 10.90
CA ASN A 51 7.04 -2.28 11.53
C ASN A 51 5.88 -1.40 11.06
N TRP A 52 6.15 -0.11 10.92
CA TRP A 52 5.14 0.84 10.47
C TRP A 52 5.18 1.02 8.96
N TYR A 53 4.07 1.48 8.39
CA TYR A 53 3.98 1.69 6.95
C TYR A 53 3.45 3.08 6.63
N GLU A 54 3.33 3.38 5.34
CA GLU A 54 2.84 4.68 4.90
C GLU A 54 1.99 4.54 3.64
N GLY A 55 0.69 4.75 3.78
CA GLY A 55 -0.22 4.65 2.66
C GLY A 55 -1.17 5.83 2.56
N ARG A 56 -2.25 5.65 1.81
CA ARG A 56 -3.24 6.71 1.64
C ARG A 56 -4.63 6.13 1.42
N ILE A 57 -5.65 6.93 1.70
CA ILE A 57 -7.03 6.49 1.54
C ILE A 57 -7.66 7.08 0.27
N THR A 58 -7.55 6.35 -0.83
CA THR A 58 -8.12 6.80 -2.10
C THR A 58 -9.58 7.16 -1.96
N GLY A 59 -9.95 8.32 -2.50
CA GLY A 59 -11.33 8.77 -2.42
C GLY A 59 -11.51 9.95 -1.49
N THR A 60 -10.91 9.86 -0.30
CA THR A 60 -11.01 10.93 0.69
C THR A 60 -9.80 11.87 0.60
N GLY A 61 -8.61 11.28 0.63
CA GLY A 61 -7.39 12.07 0.56
C GLY A 61 -6.45 11.77 1.71
N ARG A 62 -7.01 11.40 2.85
CA ARG A 62 -6.21 11.10 4.03
C ARG A 62 -4.93 10.36 3.64
N GLN A 63 -3.84 10.66 4.35
CA GLN A 63 -2.56 10.03 4.09
C GLN A 63 -1.66 10.08 5.32
N GLY A 64 -0.98 8.96 5.59
CA GLY A 64 -0.10 8.88 6.74
C GLY A 64 0.48 7.50 6.94
N ILE A 65 0.78 7.16 8.17
CA ILE A 65 1.35 5.85 8.49
C ILE A 65 0.42 5.05 9.38
N PHE A 66 0.73 3.76 9.56
CA PHE A 66 -0.08 2.88 10.38
C PHE A 66 0.66 1.58 10.68
N PRO A 67 0.28 0.92 11.78
CA PRO A 67 0.89 -0.34 12.20
C PRO A 67 0.54 -1.49 11.26
N ALA A 68 1.54 -2.28 10.91
CA ALA A 68 1.34 -3.42 10.02
C ALA A 68 0.45 -4.47 10.67
N SER A 69 0.84 -4.92 11.85
CA SER A 69 0.06 -5.93 12.58
C SER A 69 -1.44 -5.67 12.44
N TYR A 70 -1.78 -4.41 12.22
CA TYR A 70 -3.19 -4.02 12.07
C TYR A 70 -3.70 -4.34 10.67
N VAL A 71 -2.88 -4.04 9.67
CA VAL A 71 -3.25 -4.30 8.28
C VAL A 71 -2.61 -5.58 7.77
N GLN A 72 -3.10 -6.07 6.63
CA GLN A 72 -2.57 -7.29 6.04
C GLN A 72 -1.70 -6.98 4.82
N VAL A 73 -0.47 -7.45 4.86
CA VAL A 73 0.46 -7.22 3.76
C VAL A 73 0.41 -8.36 2.73
N SER A 74 0.06 -8.02 1.50
CA SER A 74 -0.03 -9.01 0.43
C SER A 74 1.04 -8.77 -0.62
N ARG A 75 1.29 -7.50 -0.93
CA ARG A 75 2.29 -7.14 -1.93
C ARG A 75 3.22 -6.06 -1.38
N GLU A 76 4.25 -6.47 -0.66
CA GLU A 76 5.22 -5.53 -0.10
C GLU A 76 5.65 -4.50 -1.13
N PRO A 77 5.87 -3.26 -0.67
CA PRO A 77 6.29 -2.16 -1.54
C PRO A 77 7.72 -2.33 -2.05
N ARG A 78 7.97 -1.85 -3.27
CA ARG A 78 9.30 -1.95 -3.86
C ARG A 78 10.14 -0.72 -3.55
N LEU A 79 11.40 -0.92 -3.21
CA LEU A 79 12.30 0.16 -2.89
C LEU A 79 13.43 0.27 -3.91
N ARG A 80 14.22 -0.79 -4.01
CA ARG A 80 15.34 -0.82 -4.95
C ARG A 80 15.90 -2.23 -5.09
N LEU A 81 15.80 -2.79 -6.29
CA LEU A 81 16.30 -4.13 -6.56
C LEU A 81 17.77 -4.11 -6.95
N CYS A 82 18.64 -4.21 -5.95
CA CYS A 82 20.08 -4.19 -6.19
C CYS A 82 20.67 -5.58 -6.00
N ASP A 83 20.37 -6.20 -4.86
CA ASP A 83 20.87 -7.54 -4.55
C ASP A 83 20.40 -8.55 -5.60
N ASP A 84 21.34 -9.09 -6.35
CA ASP A 84 21.02 -10.07 -7.39
C ASP A 84 20.40 -11.32 -6.78
N SER A 85 19.07 -11.36 -6.73
CA SER A 85 18.36 -12.49 -6.16
C SER A 85 17.22 -12.93 -7.07
N GLY A 86 16.73 -14.15 -6.87
CA GLY A 86 15.64 -14.67 -7.67
C GLY A 86 14.76 -15.62 -6.91
N PRO A 87 13.70 -16.12 -7.57
CA PRO A 87 12.74 -17.05 -6.97
C PRO A 87 13.36 -18.42 -6.72
N SER A 88 12.65 -19.27 -5.98
CA SER A 88 13.13 -20.61 -5.67
C SER A 88 12.06 -21.40 -4.93
N SER A 89 12.23 -22.72 -4.90
CA SER A 89 11.28 -23.60 -4.22
C SER A 89 10.83 -23.00 -2.89
N GLY A 90 9.53 -23.06 -2.62
CA GLY A 90 9.01 -22.51 -1.38
C GLY A 90 8.35 -23.58 -0.52
N GLY A 1 8.73 -20.22 -34.22
CA GLY A 1 8.64 -19.58 -32.92
C GLY A 1 7.36 -19.91 -32.19
N SER A 2 7.15 -19.29 -31.04
CA SER A 2 5.95 -19.52 -30.24
C SER A 2 5.36 -18.21 -29.74
N SER A 3 4.03 -18.15 -29.69
CA SER A 3 3.34 -16.95 -29.24
C SER A 3 2.12 -17.32 -28.37
N GLY A 4 2.22 -17.05 -27.08
CA GLY A 4 1.14 -17.36 -26.17
C GLY A 4 0.27 -16.14 -25.87
N SER A 5 -1.04 -16.33 -25.90
CA SER A 5 -1.97 -15.24 -25.63
C SER A 5 -1.85 -14.76 -24.19
N SER A 6 -2.42 -13.60 -23.91
CA SER A 6 -2.37 -13.02 -22.58
C SER A 6 -3.42 -11.92 -22.41
N GLY A 7 -3.98 -11.82 -21.22
CA GLY A 7 -4.98 -10.80 -20.96
C GLY A 7 -4.63 -9.92 -19.78
N LYS A 8 -4.48 -8.62 -20.04
CA LYS A 8 -4.13 -7.67 -18.99
C LYS A 8 -5.38 -7.24 -18.22
N PRO A 9 -5.19 -6.90 -16.93
CA PRO A 9 -6.28 -6.46 -16.06
C PRO A 9 -6.81 -5.09 -16.45
N PRO A 10 -7.94 -4.70 -15.84
CA PRO A 10 -8.57 -3.40 -16.10
C PRO A 10 -7.76 -2.23 -15.54
N THR A 11 -6.87 -2.54 -14.60
CA THR A 11 -6.04 -1.51 -13.98
C THR A 11 -4.56 -1.90 -14.03
N TYR A 12 -3.73 -1.01 -14.56
CA TYR A 12 -2.30 -1.27 -14.67
C TYR A 12 -1.79 -2.01 -13.44
N GLN A 13 -1.37 -3.26 -13.65
CA GLN A 13 -0.86 -4.09 -12.57
C GLN A 13 0.23 -3.37 -11.80
N VAL A 14 -0.07 -2.97 -10.57
CA VAL A 14 0.89 -2.26 -9.74
C VAL A 14 2.31 -2.77 -9.98
N LEU A 15 3.26 -1.84 -10.03
CA LEU A 15 4.66 -2.19 -10.26
C LEU A 15 5.46 -2.08 -8.98
N GLU A 16 5.52 -0.88 -8.42
CA GLU A 16 6.25 -0.63 -7.19
C GLU A 16 5.31 -0.61 -5.98
N TYR A 17 4.38 0.33 -5.99
CA TYR A 17 3.43 0.47 -4.90
C TYR A 17 3.05 -0.90 -4.33
N GLY A 18 2.95 -0.97 -3.01
CA GLY A 18 2.60 -2.22 -2.36
C GLY A 18 1.12 -2.36 -2.12
N GLU A 19 0.66 -3.58 -1.90
CA GLU A 19 -0.77 -3.83 -1.65
C GLU A 19 -0.99 -4.25 -0.21
N ALA A 20 -2.07 -3.74 0.39
CA ALA A 20 -2.41 -4.06 1.76
C ALA A 20 -3.90 -3.88 2.01
N VAL A 21 -4.43 -4.60 3.01
CA VAL A 21 -5.84 -4.52 3.36
C VAL A 21 -6.02 -4.36 4.86
N ALA A 22 -6.90 -3.43 5.26
CA ALA A 22 -7.17 -3.19 6.67
C ALA A 22 -7.80 -4.41 7.32
N GLN A 23 -7.16 -4.91 8.37
CA GLN A 23 -7.66 -6.08 9.09
C GLN A 23 -8.33 -5.67 10.39
N TYR A 24 -7.79 -4.64 11.04
CA TYR A 24 -8.34 -4.16 12.30
C TYR A 24 -8.51 -2.64 12.27
N THR A 25 -9.68 -2.17 12.68
CA THR A 25 -9.97 -0.75 12.71
C THR A 25 -8.96 0.00 13.57
N PHE A 26 -8.50 1.15 13.08
CA PHE A 26 -7.53 1.96 13.81
C PHE A 26 -8.07 3.36 14.06
N LYS A 27 -7.45 4.08 15.00
CA LYS A 27 -7.88 5.43 15.34
C LYS A 27 -6.67 6.35 15.49
N GLY A 28 -6.50 7.26 14.54
CA GLY A 28 -5.39 8.19 14.59
C GLY A 28 -5.83 9.64 14.55
N ASP A 29 -5.80 10.30 15.70
CA ASP A 29 -6.21 11.70 15.78
C ASP A 29 -5.13 12.62 15.21
N LEU A 30 -3.88 12.17 15.27
CA LEU A 30 -2.76 12.95 14.77
C LEU A 30 -2.64 12.82 13.26
N GLU A 31 -1.80 13.65 12.65
CA GLU A 31 -1.60 13.63 11.21
C GLU A 31 -0.90 12.33 10.79
N VAL A 32 0.26 12.07 11.38
CA VAL A 32 1.02 10.86 11.07
C VAL A 32 0.19 9.61 11.29
N GLU A 33 -0.73 9.67 12.25
CA GLU A 33 -1.59 8.55 12.56
C GLU A 33 -2.83 8.53 11.67
N LEU A 34 -2.84 7.62 10.69
CA LEU A 34 -3.96 7.51 9.77
C LEU A 34 -4.95 6.46 10.24
N SER A 35 -6.24 6.75 10.09
CA SER A 35 -7.29 5.82 10.51
C SER A 35 -7.87 5.08 9.31
N PHE A 36 -8.49 3.94 9.57
CA PHE A 36 -9.10 3.13 8.51
C PHE A 36 -9.86 1.95 9.10
N ARG A 37 -11.01 1.65 8.52
CA ARG A 37 -11.84 0.54 8.98
C ARG A 37 -11.50 -0.74 8.23
N LYS A 38 -11.81 -1.88 8.83
CA LYS A 38 -11.54 -3.17 8.21
C LYS A 38 -12.22 -3.28 6.85
N GLY A 39 -11.43 -3.65 5.84
CA GLY A 39 -11.97 -3.79 4.50
C GLY A 39 -11.43 -2.73 3.55
N GLU A 40 -11.25 -1.51 4.05
CA GLU A 40 -10.73 -0.43 3.24
C GLU A 40 -9.45 -0.84 2.53
N HIS A 41 -9.26 -0.35 1.31
CA HIS A 41 -8.08 -0.65 0.52
C HIS A 41 -7.05 0.46 0.61
N ILE A 42 -5.96 0.20 1.32
CA ILE A 42 -4.90 1.19 1.49
C ILE A 42 -3.72 0.89 0.58
N CYS A 43 -3.19 1.93 -0.05
CA CYS A 43 -2.05 1.78 -0.95
C CYS A 43 -0.75 2.17 -0.26
N LEU A 44 0.25 1.29 -0.33
CA LEU A 44 1.54 1.54 0.29
C LEU A 44 2.42 2.39 -0.61
N ILE A 45 2.60 3.65 -0.23
CA ILE A 45 3.43 4.58 -1.02
C ILE A 45 4.90 4.46 -0.62
N ARG A 46 5.14 4.29 0.67
CA ARG A 46 6.51 4.17 1.18
C ARG A 46 6.54 3.35 2.46
N LYS A 47 7.15 2.17 2.38
CA LYS A 47 7.25 1.28 3.54
C LYS A 47 8.10 1.92 4.63
N VAL A 48 7.43 2.62 5.54
CA VAL A 48 8.12 3.28 6.65
C VAL A 48 9.16 2.36 7.28
N ASN A 49 8.69 1.27 7.88
CA ASN A 49 9.58 0.30 8.51
C ASN A 49 8.98 -1.09 8.48
N GLU A 50 9.72 -2.07 8.99
CA GLU A 50 9.26 -3.45 9.01
C GLU A 50 8.08 -3.61 9.96
N ASN A 51 7.75 -2.54 10.67
CA ASN A 51 6.63 -2.55 11.61
C ASN A 51 5.61 -1.49 11.26
N TRP A 52 6.07 -0.42 10.62
CA TRP A 52 5.20 0.68 10.22
C TRP A 52 5.00 0.70 8.70
N TYR A 53 4.02 1.48 8.25
CA TYR A 53 3.74 1.58 6.82
C TYR A 53 3.01 2.89 6.50
N GLU A 54 3.43 3.53 5.42
CA GLU A 54 2.82 4.80 5.01
C GLU A 54 1.99 4.61 3.74
N GLY A 55 0.71 4.94 3.83
CA GLY A 55 -0.18 4.80 2.68
C GLY A 55 -1.21 5.91 2.61
N ARG A 56 -2.19 5.75 1.73
CA ARG A 56 -3.23 6.75 1.56
C ARG A 56 -4.59 6.09 1.33
N ILE A 57 -5.63 6.65 1.95
CA ILE A 57 -6.97 6.11 1.82
C ILE A 57 -7.61 6.53 0.52
N THR A 58 -7.54 5.66 -0.49
CA THR A 58 -8.11 5.95 -1.79
C THR A 58 -9.59 6.33 -1.68
N GLY A 59 -9.99 7.34 -2.45
CA GLY A 59 -11.38 7.78 -2.41
C GLY A 59 -11.55 9.09 -1.67
N THR A 60 -10.94 9.18 -0.49
CA THR A 60 -11.04 10.39 0.32
C THR A 60 -9.85 11.32 0.06
N GLY A 61 -8.64 10.78 0.20
CA GLY A 61 -7.45 11.58 -0.03
C GLY A 61 -6.51 11.56 1.16
N ARG A 62 -7.01 11.11 2.31
CA ARG A 62 -6.21 11.05 3.52
C ARG A 62 -4.88 10.34 3.25
N GLN A 63 -3.95 10.47 4.20
CA GLN A 63 -2.64 9.85 4.06
C GLN A 63 -1.87 9.89 5.39
N GLY A 64 -1.09 8.85 5.64
CA GLY A 64 -0.32 8.80 6.86
C GLY A 64 0.30 7.43 7.10
N ILE A 65 0.79 7.19 8.31
CA ILE A 65 1.41 5.92 8.66
C ILE A 65 0.52 5.11 9.58
N PHE A 66 0.70 3.79 9.56
CA PHE A 66 -0.10 2.90 10.40
C PHE A 66 0.67 1.61 10.70
N PRO A 67 0.32 0.96 11.82
CA PRO A 67 0.97 -0.28 12.25
C PRO A 67 0.62 -1.46 11.34
N ALA A 68 1.58 -2.37 11.17
CA ALA A 68 1.38 -3.53 10.32
C ALA A 68 0.49 -4.56 11.02
N SER A 69 0.55 -4.57 12.35
CA SER A 69 -0.25 -5.51 13.13
C SER A 69 -1.74 -5.22 13.00
N TYR A 70 -2.05 -4.12 12.31
CA TYR A 70 -3.44 -3.71 12.12
C TYR A 70 -3.88 -3.94 10.68
N VAL A 71 -2.90 -3.96 9.76
CA VAL A 71 -3.19 -4.16 8.35
C VAL A 71 -2.50 -5.43 7.84
N GLN A 72 -3.01 -5.95 6.72
CA GLN A 72 -2.45 -7.16 6.12
C GLN A 72 -1.75 -6.84 4.82
N VAL A 73 -0.46 -7.19 4.74
CA VAL A 73 0.33 -6.95 3.55
C VAL A 73 0.17 -8.08 2.54
N SER A 74 -0.31 -7.74 1.35
CA SER A 74 -0.52 -8.73 0.30
C SER A 74 0.65 -8.73 -0.68
N ARG A 75 1.28 -7.57 -0.85
CA ARG A 75 2.41 -7.44 -1.76
C ARG A 75 3.30 -6.26 -1.35
N GLU A 76 4.47 -6.57 -0.81
CA GLU A 76 5.40 -5.54 -0.39
C GLU A 76 5.86 -4.69 -1.57
N PRO A 77 6.27 -3.44 -1.28
CA PRO A 77 6.73 -2.51 -2.31
C PRO A 77 8.09 -2.92 -2.90
N ARG A 78 8.37 -2.44 -4.10
CA ARG A 78 9.63 -2.76 -4.77
C ARG A 78 10.79 -2.06 -4.09
N LEU A 79 10.49 -1.07 -3.26
CA LEU A 79 11.51 -0.32 -2.54
C LEU A 79 12.71 -1.21 -2.22
N ARG A 80 13.70 -1.21 -3.10
CA ARG A 80 14.89 -2.02 -2.90
C ARG A 80 14.56 -3.32 -2.17
N LEU A 81 13.62 -4.07 -2.72
CA LEU A 81 13.19 -5.34 -2.13
C LEU A 81 14.37 -6.31 -2.05
N CYS A 82 15.26 -6.24 -3.03
CA CYS A 82 16.43 -7.11 -3.08
C CYS A 82 17.22 -7.03 -1.77
N ASP A 83 17.73 -8.17 -1.33
CA ASP A 83 18.51 -8.22 -0.10
C ASP A 83 19.91 -8.75 -0.37
N ASP A 84 20.91 -7.91 -0.12
CA ASP A 84 22.31 -8.28 -0.34
C ASP A 84 22.62 -9.62 0.34
N SER A 85 22.43 -9.67 1.65
CA SER A 85 22.69 -10.88 2.41
C SER A 85 21.52 -11.86 2.30
N GLY A 86 21.84 -13.13 2.12
CA GLY A 86 20.81 -14.15 2.00
C GLY A 86 20.61 -14.60 0.56
N PRO A 87 19.57 -15.42 0.34
CA PRO A 87 19.25 -15.95 -0.98
C PRO A 87 18.71 -14.87 -1.92
N SER A 88 19.02 -14.98 -3.20
CA SER A 88 18.57 -14.01 -4.19
C SER A 88 17.14 -14.29 -4.60
N SER A 89 16.26 -13.33 -4.32
CA SER A 89 14.84 -13.47 -4.66
C SER A 89 14.60 -13.18 -6.13
N GLY A 90 13.50 -13.69 -6.66
CA GLY A 90 13.17 -13.47 -8.06
C GLY A 90 12.04 -14.37 -8.54
N GLY A 1 11.31 16.47 -42.87
CA GLY A 1 10.87 16.92 -41.55
C GLY A 1 9.88 15.95 -40.92
N SER A 2 9.67 16.10 -39.62
CA SER A 2 8.74 15.23 -38.89
C SER A 2 7.61 16.05 -38.27
N SER A 3 6.57 15.35 -37.84
CA SER A 3 5.42 16.01 -37.22
C SER A 3 4.97 15.27 -35.97
N GLY A 4 4.38 15.99 -35.03
CA GLY A 4 3.92 15.39 -33.79
C GLY A 4 2.42 15.56 -33.60
N SER A 5 1.78 14.52 -33.08
CA SER A 5 0.34 14.55 -32.85
C SER A 5 -0.05 13.61 -31.72
N SER A 6 -0.40 14.18 -30.57
CA SER A 6 -0.79 13.39 -29.41
C SER A 6 -2.29 13.07 -29.45
N GLY A 7 -2.64 11.90 -28.91
CA GLY A 7 -4.03 11.48 -28.90
C GLY A 7 -4.19 9.98 -29.01
N LYS A 8 -3.52 9.26 -28.12
CA LYS A 8 -3.58 7.79 -28.11
C LYS A 8 -4.22 7.28 -26.83
N PRO A 9 -4.91 6.14 -26.93
CA PRO A 9 -5.57 5.51 -25.78
C PRO A 9 -4.57 4.95 -24.76
N PRO A 10 -4.97 4.96 -23.48
CA PRO A 10 -4.13 4.46 -22.39
C PRO A 10 -3.98 2.94 -22.43
N THR A 11 -3.14 2.42 -21.55
CA THR A 11 -2.89 0.98 -21.48
C THR A 11 -3.16 0.44 -20.08
N TYR A 12 -2.56 1.09 -19.09
CA TYR A 12 -2.73 0.68 -17.70
C TYR A 12 -2.09 1.69 -16.75
N GLN A 13 -2.93 2.34 -15.95
CA GLN A 13 -2.46 3.34 -14.99
C GLN A 13 -1.27 2.81 -14.20
N VAL A 14 -0.17 3.54 -14.22
CA VAL A 14 1.03 3.15 -13.49
C VAL A 14 0.78 3.07 -12.00
N LEU A 15 0.09 2.01 -11.57
CA LEU A 15 -0.23 1.82 -10.16
C LEU A 15 0.87 1.01 -9.46
N GLU A 16 2.13 1.33 -9.78
CA GLU A 16 3.26 0.64 -9.19
C GLU A 16 3.38 0.97 -7.70
N TYR A 17 2.63 0.25 -6.87
CA TYR A 17 2.65 0.47 -5.43
C TYR A 17 2.33 -0.83 -4.68
N GLY A 18 2.51 -0.79 -3.36
CA GLY A 18 2.24 -1.96 -2.55
C GLY A 18 0.76 -2.17 -2.31
N GLU A 19 0.37 -3.39 -1.99
CA GLU A 19 -1.02 -3.72 -1.73
C GLU A 19 -1.21 -4.22 -0.30
N ALA A 20 -2.23 -3.70 0.38
CA ALA A 20 -2.51 -4.09 1.75
C ALA A 20 -4.02 -4.14 2.01
N VAL A 21 -4.40 -4.65 3.17
CA VAL A 21 -5.81 -4.76 3.53
C VAL A 21 -6.02 -4.50 5.03
N ALA A 22 -6.97 -3.63 5.34
CA ALA A 22 -7.27 -3.30 6.73
C ALA A 22 -7.95 -4.47 7.45
N GLN A 23 -7.20 -5.14 8.31
CA GLN A 23 -7.73 -6.29 9.06
C GLN A 23 -8.48 -5.82 10.30
N TYR A 24 -7.91 -4.85 11.00
CA TYR A 24 -8.53 -4.33 12.21
C TYR A 24 -8.68 -2.81 12.13
N THR A 25 -9.76 -2.30 12.72
CA THR A 25 -10.02 -0.86 12.72
C THR A 25 -9.07 -0.13 13.66
N PHE A 26 -8.26 0.77 13.11
CA PHE A 26 -7.32 1.54 13.90
C PHE A 26 -7.93 2.86 14.36
N LYS A 27 -7.41 3.40 15.46
CA LYS A 27 -7.92 4.65 16.00
C LYS A 27 -6.84 5.73 15.95
N GLY A 28 -7.12 6.80 15.21
CA GLY A 28 -6.16 7.89 15.09
C GLY A 28 -6.57 8.91 14.04
N ASP A 29 -6.16 10.15 14.24
CA ASP A 29 -6.48 11.22 13.29
C ASP A 29 -5.21 11.95 12.85
N LEU A 30 -4.24 12.04 13.75
CA LEU A 30 -2.98 12.71 13.45
C LEU A 30 -2.45 12.29 12.08
N GLU A 31 -1.39 12.96 11.63
CA GLU A 31 -0.79 12.64 10.34
C GLU A 31 -0.21 11.23 10.34
N VAL A 32 0.50 10.89 11.41
CA VAL A 32 1.11 9.57 11.54
C VAL A 32 0.15 8.57 12.17
N GLU A 33 -0.94 9.09 12.74
CA GLU A 33 -1.94 8.26 13.38
C GLU A 33 -3.10 7.98 12.44
N LEU A 34 -2.82 7.97 11.14
CA LEU A 34 -3.85 7.72 10.14
C LEU A 34 -4.71 6.53 10.52
N SER A 35 -6.00 6.61 10.18
CA SER A 35 -6.93 5.53 10.49
C SER A 35 -7.52 4.92 9.22
N PHE A 36 -8.22 3.81 9.37
CA PHE A 36 -8.84 3.13 8.23
C PHE A 36 -9.89 2.13 8.70
N ARG A 37 -10.91 1.92 7.87
CA ARG A 37 -11.98 0.98 8.19
C ARG A 37 -11.68 -0.40 7.64
N LYS A 38 -11.73 -1.40 8.50
CA LYS A 38 -11.46 -2.78 8.11
C LYS A 38 -12.12 -3.09 6.77
N GLY A 39 -11.38 -3.77 5.90
CA GLY A 39 -11.90 -4.12 4.59
C GLY A 39 -11.45 -3.16 3.51
N GLU A 40 -11.35 -1.88 3.85
CA GLU A 40 -10.91 -0.87 2.89
C GLU A 40 -9.54 -1.21 2.33
N HIS A 41 -9.21 -0.60 1.19
CA HIS A 41 -7.93 -0.85 0.54
C HIS A 41 -7.03 0.38 0.65
N ILE A 42 -5.77 0.15 0.98
CA ILE A 42 -4.80 1.24 1.12
C ILE A 42 -3.62 1.06 0.17
N CYS A 43 -3.26 2.13 -0.52
CA CYS A 43 -2.15 2.10 -1.46
C CYS A 43 -0.83 2.41 -0.76
N LEU A 44 -0.05 1.37 -0.48
CA LEU A 44 1.23 1.53 0.20
C LEU A 44 2.23 2.27 -0.70
N ILE A 45 2.50 3.52 -0.36
CA ILE A 45 3.43 4.34 -1.13
C ILE A 45 4.88 3.96 -0.81
N ARG A 46 5.34 4.32 0.38
CA ARG A 46 6.70 4.02 0.79
C ARG A 46 6.71 3.31 2.15
N LYS A 47 7.07 2.03 2.14
CA LYS A 47 7.12 1.24 3.36
C LYS A 47 8.15 1.81 4.33
N VAL A 48 7.66 2.41 5.42
CA VAL A 48 8.53 2.99 6.43
C VAL A 48 9.32 1.91 7.16
N ASN A 49 8.63 0.89 7.64
CA ASN A 49 9.26 -0.21 8.36
C ASN A 49 8.31 -1.39 8.51
N GLU A 50 8.88 -2.56 8.79
CA GLU A 50 8.07 -3.77 8.97
C GLU A 50 7.06 -3.60 10.10
N ASN A 51 7.23 -2.53 10.88
CA ASN A 51 6.34 -2.25 12.00
C ASN A 51 5.28 -1.22 11.61
N TRP A 52 5.72 -0.20 10.89
CA TRP A 52 4.81 0.87 10.45
C TRP A 52 4.77 0.95 8.93
N TYR A 53 3.56 0.99 8.38
CA TYR A 53 3.38 1.07 6.93
C TYR A 53 2.73 2.39 6.54
N GLU A 54 3.27 3.02 5.49
CA GLU A 54 2.75 4.30 5.02
C GLU A 54 1.91 4.10 3.76
N GLY A 55 0.74 4.73 3.73
CA GLY A 55 -0.13 4.61 2.58
C GLY A 55 -1.05 5.82 2.42
N ARG A 56 -2.18 5.61 1.77
CA ARG A 56 -3.15 6.68 1.56
C ARG A 56 -4.56 6.12 1.41
N ILE A 57 -5.55 6.95 1.74
CA ILE A 57 -6.95 6.54 1.65
C ILE A 57 -7.67 7.31 0.55
N THR A 58 -7.50 6.86 -0.70
CA THR A 58 -8.15 7.50 -1.84
C THR A 58 -9.60 7.82 -1.54
N GLY A 59 -10.16 8.78 -2.28
CA GLY A 59 -11.54 9.15 -2.07
C GLY A 59 -11.71 10.20 -0.99
N THR A 60 -10.93 10.07 0.07
CA THR A 60 -11.00 11.01 1.18
C THR A 60 -9.81 11.96 1.17
N GLY A 61 -8.61 11.41 1.01
CA GLY A 61 -7.41 12.23 0.99
C GLY A 61 -6.42 11.84 2.07
N ARG A 62 -6.93 11.38 3.21
CA ARG A 62 -6.08 10.99 4.31
C ARG A 62 -4.84 10.25 3.82
N GLN A 63 -3.72 10.45 4.50
CA GLN A 63 -2.47 9.81 4.12
C GLN A 63 -1.45 9.89 5.26
N GLY A 64 -0.95 8.74 5.69
CA GLY A 64 0.02 8.70 6.76
C GLY A 64 0.52 7.30 7.05
N ILE A 65 1.10 7.10 8.23
CA ILE A 65 1.62 5.80 8.61
C ILE A 65 0.67 5.09 9.57
N PHE A 66 0.89 3.80 9.76
CA PHE A 66 0.05 3.00 10.65
C PHE A 66 0.76 1.70 11.05
N PRO A 67 0.32 1.11 12.17
CA PRO A 67 0.89 -0.14 12.67
C PRO A 67 0.54 -1.34 11.78
N ALA A 68 1.55 -2.17 11.52
CA ALA A 68 1.35 -3.35 10.69
C ALA A 68 0.53 -4.42 11.42
N SER A 69 0.30 -4.19 12.71
CA SER A 69 -0.46 -5.13 13.53
C SER A 69 -1.97 -4.91 13.36
N TYR A 70 -2.32 -3.96 12.49
CA TYR A 70 -3.72 -3.65 12.23
C TYR A 70 -4.07 -3.90 10.77
N VAL A 71 -3.07 -3.84 9.90
CA VAL A 71 -3.27 -4.07 8.48
C VAL A 71 -2.43 -5.24 7.98
N GLN A 72 -2.83 -5.80 6.84
CA GLN A 72 -2.11 -6.93 6.26
C GLN A 72 -1.63 -6.59 4.85
N VAL A 73 -0.32 -6.71 4.63
CA VAL A 73 0.27 -6.42 3.34
C VAL A 73 0.45 -7.69 2.52
N SER A 74 -0.10 -7.70 1.31
CA SER A 74 0.00 -8.86 0.43
C SER A 74 1.22 -8.74 -0.50
N ARG A 75 1.48 -7.53 -0.96
CA ARG A 75 2.61 -7.27 -1.85
C ARG A 75 3.40 -6.05 -1.39
N GLU A 76 4.42 -6.28 -0.57
CA GLU A 76 5.25 -5.20 -0.05
C GLU A 76 5.91 -4.43 -1.20
N PRO A 77 6.04 -3.11 -1.03
CA PRO A 77 6.65 -2.24 -2.03
C PRO A 77 8.15 -2.47 -2.17
N ARG A 78 8.68 -2.15 -3.34
CA ARG A 78 10.10 -2.33 -3.61
C ARG A 78 10.86 -1.02 -3.39
N LEU A 79 11.65 -0.98 -2.33
CA LEU A 79 12.43 0.22 -2.01
C LEU A 79 13.93 -0.06 -2.14
N ARG A 80 14.30 -0.80 -3.19
CA ARG A 80 15.69 -1.13 -3.43
C ARG A 80 16.42 -1.42 -2.12
N LEU A 81 15.73 -2.09 -1.19
CA LEU A 81 16.30 -2.43 0.10
C LEU A 81 17.59 -3.24 -0.08
N CYS A 82 17.50 -4.31 -0.85
CA CYS A 82 18.65 -5.18 -1.09
C CYS A 82 19.77 -4.41 -1.78
N ASP A 83 20.89 -4.25 -1.08
CA ASP A 83 22.03 -3.53 -1.61
C ASP A 83 22.42 -4.07 -2.98
N ASP A 84 22.43 -5.39 -3.11
CA ASP A 84 22.78 -6.04 -4.37
C ASP A 84 21.77 -7.12 -4.73
N SER A 85 21.32 -7.12 -5.97
CA SER A 85 20.34 -8.09 -6.45
C SER A 85 20.99 -9.09 -7.40
N GLY A 86 20.80 -10.38 -7.13
CA GLY A 86 21.36 -11.41 -7.98
C GLY A 86 20.93 -12.80 -7.57
N PRO A 87 21.67 -13.39 -6.60
CA PRO A 87 21.38 -14.73 -6.10
C PRO A 87 20.11 -14.79 -5.27
N SER A 88 19.75 -13.66 -4.67
CA SER A 88 18.55 -13.57 -3.86
C SER A 88 17.35 -14.17 -4.59
N SER A 89 16.33 -14.58 -3.83
CA SER A 89 15.14 -15.17 -4.41
C SER A 89 14.65 -14.34 -5.60
N GLY A 90 14.03 -15.02 -6.56
CA GLY A 90 13.52 -14.34 -7.74
C GLY A 90 12.06 -13.96 -7.61
N GLY A 1 -16.07 -21.87 -9.75
CA GLY A 1 -16.64 -20.60 -9.34
C GLY A 1 -15.65 -19.46 -9.44
N SER A 2 -16.09 -18.35 -10.01
CA SER A 2 -15.23 -17.18 -10.18
C SER A 2 -16.06 -15.94 -10.46
N SER A 3 -15.56 -14.78 -10.02
CA SER A 3 -16.26 -13.52 -10.21
C SER A 3 -15.29 -12.43 -10.67
N GLY A 4 -15.84 -11.32 -11.14
CA GLY A 4 -15.01 -10.22 -11.60
C GLY A 4 -15.17 -9.95 -13.08
N SER A 5 -16.24 -9.24 -13.44
CA SER A 5 -16.51 -8.92 -14.84
C SER A 5 -15.91 -7.57 -15.21
N SER A 6 -14.68 -7.60 -15.71
CA SER A 6 -13.98 -6.38 -16.11
C SER A 6 -12.65 -6.71 -16.80
N GLY A 7 -12.19 -5.80 -17.63
CA GLY A 7 -10.93 -6.00 -18.34
C GLY A 7 -9.91 -6.76 -17.51
N LYS A 8 -9.17 -7.66 -18.14
CA LYS A 8 -8.16 -8.45 -17.45
C LYS A 8 -6.82 -8.34 -18.16
N PRO A 9 -5.73 -8.33 -17.36
CA PRO A 9 -4.36 -8.24 -17.89
C PRO A 9 -3.94 -9.50 -18.63
N PRO A 10 -3.01 -9.35 -19.58
CA PRO A 10 -2.49 -10.46 -20.38
C PRO A 10 -1.63 -11.41 -19.55
N THR A 11 -0.77 -10.84 -18.71
CA THR A 11 0.12 -11.63 -17.87
C THR A 11 0.09 -11.13 -16.42
N TYR A 12 0.45 -9.86 -16.23
CA TYR A 12 0.48 -9.27 -14.91
C TYR A 12 0.81 -7.79 -14.99
N GLN A 13 -0.09 -6.95 -14.45
CA GLN A 13 0.11 -5.51 -14.45
C GLN A 13 1.40 -5.13 -13.74
N VAL A 14 2.02 -4.03 -14.18
CA VAL A 14 3.25 -3.57 -13.58
C VAL A 14 3.00 -2.90 -12.22
N LEU A 15 2.36 -3.64 -11.32
CA LEU A 15 2.05 -3.13 -10.00
C LEU A 15 3.20 -2.28 -9.46
N GLU A 16 2.92 -1.00 -9.23
CA GLU A 16 3.94 -0.08 -8.72
C GLU A 16 3.86 0.02 -7.19
N TYR A 17 2.68 0.38 -6.69
CA TYR A 17 2.47 0.52 -5.26
C TYR A 17 2.04 -0.82 -4.64
N GLY A 18 2.49 -1.05 -3.41
CA GLY A 18 2.15 -2.28 -2.72
C GLY A 18 0.65 -2.44 -2.49
N GLU A 19 0.26 -3.57 -1.94
CA GLU A 19 -1.15 -3.84 -1.68
C GLU A 19 -1.36 -4.33 -0.25
N ALA A 20 -2.34 -3.77 0.44
CA ALA A 20 -2.64 -4.15 1.81
C ALA A 20 -4.14 -4.12 2.08
N VAL A 21 -4.59 -4.95 3.02
CA VAL A 21 -6.00 -5.01 3.37
C VAL A 21 -6.21 -4.80 4.87
N ALA A 22 -7.00 -3.80 5.21
CA ALA A 22 -7.28 -3.49 6.61
C ALA A 22 -7.97 -4.67 7.31
N GLN A 23 -7.39 -5.11 8.42
CA GLN A 23 -7.93 -6.23 9.18
C GLN A 23 -8.68 -5.75 10.41
N TYR A 24 -8.13 -4.72 11.07
CA TYR A 24 -8.74 -4.17 12.27
C TYR A 24 -8.90 -2.66 12.13
N THR A 25 -10.10 -2.17 12.45
CA THR A 25 -10.40 -0.75 12.38
C THR A 25 -9.53 0.05 13.34
N PHE A 26 -8.81 1.02 12.80
CA PHE A 26 -7.93 1.87 13.61
C PHE A 26 -8.54 3.25 13.81
N LYS A 27 -8.18 3.89 14.93
CA LYS A 27 -8.69 5.22 15.24
C LYS A 27 -7.54 6.17 15.57
N GLY A 28 -7.34 7.16 14.71
CA GLY A 28 -6.28 8.13 14.93
C GLY A 28 -6.69 9.53 14.56
N ASP A 29 -6.38 10.50 15.43
CA ASP A 29 -6.72 11.89 15.19
C ASP A 29 -5.52 12.66 14.63
N LEU A 30 -4.34 12.31 15.12
CA LEU A 30 -3.11 12.97 14.68
C LEU A 30 -2.90 12.77 13.18
N GLU A 31 -2.41 13.81 12.52
CA GLU A 31 -2.16 13.76 11.07
C GLU A 31 -1.45 12.46 10.70
N VAL A 32 -0.31 12.21 11.34
CA VAL A 32 0.48 11.01 11.08
C VAL A 32 -0.38 9.76 11.25
N GLU A 33 -1.18 9.74 12.31
CA GLU A 33 -2.05 8.60 12.59
C GLU A 33 -3.17 8.51 11.57
N LEU A 34 -2.98 7.67 10.55
CA LEU A 34 -3.98 7.49 9.50
C LEU A 34 -5.01 6.44 9.92
N SER A 35 -6.28 6.79 9.78
CA SER A 35 -7.36 5.88 10.13
C SER A 35 -7.90 5.16 8.90
N PHE A 36 -8.46 3.97 9.11
CA PHE A 36 -9.02 3.19 8.02
C PHE A 36 -9.98 2.13 8.54
N ARG A 37 -10.93 1.74 7.71
CA ARG A 37 -11.92 0.74 8.09
C ARG A 37 -11.63 -0.61 7.41
N LYS A 38 -11.71 -1.69 8.17
CA LYS A 38 -11.46 -3.02 7.64
C LYS A 38 -11.97 -3.14 6.20
N GLY A 39 -11.31 -3.98 5.41
CA GLY A 39 -11.72 -4.18 4.04
C GLY A 39 -11.09 -3.16 3.10
N GLU A 40 -11.12 -1.90 3.49
CA GLU A 40 -10.55 -0.83 2.68
C GLU A 40 -9.20 -1.25 2.09
N HIS A 41 -8.84 -0.63 0.98
CA HIS A 41 -7.58 -0.94 0.31
C HIS A 41 -6.62 0.25 0.37
N ILE A 42 -5.62 0.15 1.23
CA ILE A 42 -4.63 1.21 1.38
C ILE A 42 -3.46 1.03 0.43
N CYS A 43 -3.16 2.07 -0.34
CA CYS A 43 -2.06 2.01 -1.29
C CYS A 43 -0.73 2.30 -0.61
N LEU A 44 0.13 1.29 -0.54
CA LEU A 44 1.44 1.44 0.10
C LEU A 44 2.39 2.24 -0.79
N ILE A 45 2.67 3.48 -0.38
CA ILE A 45 3.56 4.34 -1.14
C ILE A 45 5.02 4.14 -0.71
N ARG A 46 5.31 4.45 0.55
CA ARG A 46 6.66 4.30 1.09
C ARG A 46 6.64 3.49 2.38
N LYS A 47 7.14 2.25 2.30
CA LYS A 47 7.18 1.38 3.45
C LYS A 47 8.00 2.00 4.58
N VAL A 48 7.31 2.68 5.49
CA VAL A 48 7.97 3.32 6.62
C VAL A 48 9.00 2.39 7.26
N ASN A 49 8.52 1.28 7.81
CA ASN A 49 9.39 0.31 8.46
C ASN A 49 8.77 -1.09 8.43
N GLU A 50 9.51 -2.05 8.96
CA GLU A 50 9.03 -3.44 8.99
C GLU A 50 7.68 -3.53 9.71
N ASN A 51 7.45 -2.60 10.63
CA ASN A 51 6.21 -2.58 11.39
C ASN A 51 5.30 -1.45 10.92
N TRP A 52 5.87 -0.26 10.78
CA TRP A 52 5.11 0.90 10.33
C TRP A 52 5.04 0.94 8.80
N TYR A 53 4.02 1.62 8.29
CA TYR A 53 3.82 1.74 6.84
C TYR A 53 3.12 3.04 6.49
N GLU A 54 3.65 3.74 5.50
CA GLU A 54 3.07 5.00 5.06
C GLU A 54 2.20 4.81 3.82
N GLY A 55 0.90 4.99 3.99
CA GLY A 55 -0.03 4.83 2.88
C GLY A 55 -0.94 6.03 2.70
N ARG A 56 -2.09 5.81 2.07
CA ARG A 56 -3.05 6.88 1.84
C ARG A 56 -4.45 6.31 1.59
N ILE A 57 -5.45 7.18 1.64
CA ILE A 57 -6.83 6.77 1.43
C ILE A 57 -7.41 7.44 0.19
N THR A 58 -7.05 6.92 -0.99
CA THR A 58 -7.54 7.47 -2.25
C THR A 58 -8.97 7.96 -2.12
N GLY A 59 -9.15 9.28 -2.17
CA GLY A 59 -10.47 9.86 -2.05
C GLY A 59 -10.56 10.89 -0.95
N THR A 60 -9.93 10.59 0.19
CA THR A 60 -9.94 11.51 1.32
C THR A 60 -8.54 12.01 1.64
N GLY A 61 -8.43 13.29 1.97
CA GLY A 61 -7.15 13.88 2.29
C GLY A 61 -6.33 13.00 3.21
N ARG A 62 -7.01 12.18 4.00
CA ARG A 62 -6.34 11.29 4.95
C ARG A 62 -5.12 10.64 4.31
N GLN A 63 -3.98 10.76 4.97
CA GLN A 63 -2.74 10.18 4.46
C GLN A 63 -1.61 10.30 5.49
N GLY A 64 -1.05 9.16 5.86
CA GLY A 64 0.03 9.15 6.84
C GLY A 64 0.64 7.77 7.02
N ILE A 65 0.81 7.36 8.28
CA ILE A 65 1.39 6.06 8.57
C ILE A 65 0.45 5.22 9.43
N PHE A 66 0.73 3.93 9.54
CA PHE A 66 -0.08 3.03 10.34
C PHE A 66 0.65 1.71 10.59
N PRO A 67 0.29 1.04 11.69
CA PRO A 67 0.90 -0.24 12.07
C PRO A 67 0.50 -1.38 11.14
N ALA A 68 1.49 -2.18 10.75
CA ALA A 68 1.24 -3.31 9.86
C ALA A 68 0.38 -4.37 10.53
N SER A 69 0.79 -4.79 11.72
CA SER A 69 0.06 -5.81 12.46
C SER A 69 -1.44 -5.57 12.37
N TYR A 70 -1.84 -4.30 12.25
CA TYR A 70 -3.24 -3.95 12.15
C TYR A 70 -3.80 -4.31 10.77
N VAL A 71 -3.00 -4.08 9.73
CA VAL A 71 -3.40 -4.39 8.37
C VAL A 71 -2.77 -5.68 7.88
N GLN A 72 -3.20 -6.14 6.71
CA GLN A 72 -2.67 -7.36 6.13
C GLN A 72 -1.79 -7.06 4.93
N VAL A 73 -0.54 -7.52 4.97
CA VAL A 73 0.41 -7.30 3.88
C VAL A 73 0.31 -8.40 2.84
N SER A 74 0.03 -8.02 1.60
CA SER A 74 -0.09 -8.98 0.51
C SER A 74 1.01 -8.75 -0.54
N ARG A 75 1.25 -7.49 -0.86
CA ARG A 75 2.26 -7.13 -1.84
C ARG A 75 3.12 -5.98 -1.35
N GLU A 76 4.30 -6.30 -0.82
CA GLU A 76 5.21 -5.29 -0.30
C GLU A 76 5.68 -4.36 -1.43
N PRO A 77 5.84 -3.07 -1.09
CA PRO A 77 6.29 -2.06 -2.06
C PRO A 77 7.74 -2.25 -2.47
N ARG A 78 8.25 -1.33 -3.29
CA ARG A 78 9.63 -1.40 -3.76
C ARG A 78 10.27 -0.02 -3.76
N LEU A 79 11.51 0.05 -3.27
CA LEU A 79 12.23 1.31 -3.21
C LEU A 79 13.39 1.33 -4.22
N ARG A 80 14.30 0.37 -4.06
CA ARG A 80 15.45 0.27 -4.95
C ARG A 80 15.62 -1.16 -5.47
N LEU A 81 14.50 -1.81 -5.74
CA LEU A 81 14.53 -3.18 -6.25
C LEU A 81 15.69 -3.96 -5.63
N CYS A 82 15.81 -3.89 -4.32
CA CYS A 82 16.89 -4.59 -3.61
C CYS A 82 16.43 -5.98 -3.17
N ASP A 83 17.35 -6.76 -2.63
CA ASP A 83 17.05 -8.11 -2.18
C ASP A 83 16.64 -8.11 -0.71
N ASP A 84 15.51 -8.73 -0.41
CA ASP A 84 15.00 -8.80 0.96
C ASP A 84 14.08 -9.99 1.14
N SER A 85 14.44 -10.88 2.06
CA SER A 85 13.64 -12.07 2.33
C SER A 85 13.42 -12.25 3.82
N GLY A 86 12.23 -11.87 4.29
CA GLY A 86 11.92 -11.99 5.71
C GLY A 86 10.87 -13.04 5.97
N PRO A 87 9.60 -12.61 6.05
CA PRO A 87 8.47 -13.52 6.31
C PRO A 87 8.18 -14.43 5.12
N SER A 88 8.74 -15.64 5.16
CA SER A 88 8.54 -16.60 4.08
C SER A 88 7.06 -16.92 3.91
N SER A 89 6.39 -17.20 5.03
CA SER A 89 4.97 -17.53 4.99
C SER A 89 4.22 -16.84 6.13
N GLY A 90 3.04 -16.31 5.83
CA GLY A 90 2.26 -15.64 6.84
C GLY A 90 0.98 -15.04 6.27
N GLY A 1 8.84 4.12 -28.69
CA GLY A 1 10.00 3.35 -29.17
C GLY A 1 11.31 3.88 -28.63
N SER A 2 12.13 2.98 -28.11
CA SER A 2 13.42 3.37 -27.55
C SER A 2 14.49 2.33 -27.88
N SER A 3 15.71 2.80 -28.09
CA SER A 3 16.83 1.91 -28.43
C SER A 3 17.22 1.06 -27.22
N GLY A 4 18.14 0.12 -27.45
CA GLY A 4 18.60 -0.74 -26.37
C GLY A 4 17.53 -1.73 -25.95
N SER A 5 17.94 -2.73 -25.17
CA SER A 5 17.02 -3.76 -24.69
C SER A 5 15.80 -3.13 -24.05
N SER A 6 14.78 -2.83 -24.86
CA SER A 6 13.56 -2.21 -24.37
C SER A 6 12.37 -3.15 -24.55
N GLY A 7 11.29 -2.88 -23.84
CA GLY A 7 10.10 -3.71 -23.93
C GLY A 7 8.83 -2.93 -23.68
N LYS A 8 7.84 -3.58 -23.07
CA LYS A 8 6.57 -2.94 -22.78
C LYS A 8 6.78 -1.53 -22.25
N PRO A 9 5.76 -0.67 -22.45
CA PRO A 9 5.82 0.72 -22.00
C PRO A 9 5.76 0.86 -20.48
N PRO A 10 6.33 1.95 -19.96
CA PRO A 10 6.36 2.21 -18.51
C PRO A 10 4.98 2.55 -17.96
N THR A 11 4.20 1.52 -17.66
CA THR A 11 2.85 1.70 -17.13
C THR A 11 2.72 1.05 -15.76
N TYR A 12 2.26 1.82 -14.78
CA TYR A 12 2.09 1.33 -13.42
C TYR A 12 1.11 0.15 -13.40
N GLN A 13 1.64 -1.06 -13.51
CA GLN A 13 0.82 -2.27 -13.50
C GLN A 13 0.75 -2.87 -12.10
N VAL A 14 0.62 -2.01 -11.10
CA VAL A 14 0.55 -2.46 -9.72
C VAL A 14 1.76 -3.30 -9.34
N LEU A 15 2.95 -2.80 -9.68
CA LEU A 15 4.18 -3.52 -9.38
C LEU A 15 5.06 -2.72 -8.41
N GLU A 16 4.97 -1.39 -8.51
CA GLU A 16 5.76 -0.51 -7.65
C GLU A 16 5.03 -0.27 -6.33
N TYR A 17 3.72 -0.08 -6.41
CA TYR A 17 2.91 0.17 -5.22
C TYR A 17 2.35 -1.13 -4.66
N GLY A 18 2.63 -1.41 -3.39
CA GLY A 18 2.14 -2.62 -2.77
C GLY A 18 0.64 -2.60 -2.56
N GLU A 19 0.14 -3.57 -1.81
CA GLU A 19 -1.30 -3.66 -1.54
C GLU A 19 -1.54 -4.25 -0.15
N ALA A 20 -2.29 -3.51 0.67
CA ALA A 20 -2.61 -3.95 2.02
C ALA A 20 -4.11 -3.93 2.26
N VAL A 21 -4.57 -4.80 3.17
CA VAL A 21 -5.99 -4.88 3.50
C VAL A 21 -6.22 -4.73 5.00
N ALA A 22 -6.98 -3.71 5.39
CA ALA A 22 -7.27 -3.47 6.80
C ALA A 22 -7.99 -4.66 7.42
N GLN A 23 -7.34 -5.26 8.42
CA GLN A 23 -7.92 -6.41 9.10
C GLN A 23 -8.70 -5.98 10.34
N TYR A 24 -8.13 -5.04 11.09
CA TYR A 24 -8.76 -4.54 12.31
C TYR A 24 -8.93 -3.03 12.25
N THR A 25 -10.12 -2.56 12.61
CA THR A 25 -10.42 -1.13 12.60
C THR A 25 -9.54 -0.38 13.58
N PHE A 26 -8.84 0.64 13.09
CA PHE A 26 -7.97 1.43 13.94
C PHE A 26 -8.63 2.76 14.31
N LYS A 27 -8.12 3.40 15.36
CA LYS A 27 -8.65 4.67 15.82
C LYS A 27 -7.53 5.69 16.02
N GLY A 28 -7.58 6.77 15.24
CA GLY A 28 -6.56 7.80 15.35
C GLY A 28 -7.00 9.11 14.72
N ASP A 29 -6.33 10.19 15.11
CA ASP A 29 -6.66 11.51 14.58
C ASP A 29 -5.39 12.25 14.14
N LEU A 30 -4.31 12.03 14.89
CA LEU A 30 -3.03 12.68 14.58
C LEU A 30 -2.62 12.40 13.14
N GLU A 31 -1.87 13.34 12.55
CA GLU A 31 -1.41 13.20 11.18
C GLU A 31 -0.95 11.77 10.91
N VAL A 32 0.17 11.39 11.50
CA VAL A 32 0.71 10.05 11.32
C VAL A 32 -0.33 8.98 11.63
N GLU A 33 -1.21 9.29 12.59
CA GLU A 33 -2.26 8.36 13.00
C GLU A 33 -3.40 8.36 11.98
N LEU A 34 -3.36 7.41 11.05
CA LEU A 34 -4.39 7.31 10.02
C LEU A 34 -5.40 6.22 10.38
N SER A 35 -6.67 6.58 10.38
CA SER A 35 -7.74 5.64 10.71
C SER A 35 -8.30 5.00 9.44
N PHE A 36 -8.76 3.76 9.56
CA PHE A 36 -9.33 3.03 8.42
C PHE A 36 -10.24 1.92 8.90
N ARG A 37 -11.27 1.62 8.11
CA ARG A 37 -12.22 0.56 8.45
C ARG A 37 -11.85 -0.74 7.75
N LYS A 38 -11.88 -1.83 8.51
CA LYS A 38 -11.55 -3.15 7.98
C LYS A 38 -12.19 -3.36 6.60
N GLY A 39 -11.37 -3.69 5.61
CA GLY A 39 -11.87 -3.91 4.27
C GLY A 39 -11.30 -2.93 3.27
N GLU A 40 -11.17 -1.66 3.69
CA GLU A 40 -10.64 -0.62 2.81
C GLU A 40 -9.31 -1.06 2.21
N HIS A 41 -9.02 -0.57 1.01
CA HIS A 41 -7.79 -0.90 0.32
C HIS A 41 -6.79 0.26 0.39
N ILE A 42 -5.76 0.09 1.22
CA ILE A 42 -4.75 1.12 1.39
C ILE A 42 -3.51 0.82 0.54
N CYS A 43 -3.14 1.79 -0.29
CA CYS A 43 -1.98 1.63 -1.16
C CYS A 43 -0.68 1.89 -0.40
N LEU A 44 0.24 0.95 -0.48
CA LEU A 44 1.52 1.09 0.21
C LEU A 44 2.51 1.89 -0.63
N ILE A 45 2.59 3.19 -0.34
CA ILE A 45 3.49 4.08 -1.07
C ILE A 45 4.94 3.81 -0.69
N ARG A 46 5.32 4.15 0.53
CA ARG A 46 6.68 3.94 1.01
C ARG A 46 6.68 3.41 2.44
N LYS A 47 7.69 2.62 2.78
CA LYS A 47 7.82 2.06 4.10
C LYS A 47 8.45 3.05 5.07
N VAL A 48 7.73 3.38 6.14
CA VAL A 48 8.23 4.32 7.14
C VAL A 48 9.21 3.65 8.08
N ASN A 49 8.88 2.44 8.53
CA ASN A 49 9.74 1.69 9.44
C ASN A 49 9.70 0.20 9.13
N GLU A 50 10.54 -0.57 9.81
CA GLU A 50 10.60 -2.00 9.61
C GLU A 50 9.23 -2.66 9.87
N ASN A 51 8.35 -1.91 10.52
CA ASN A 51 7.02 -2.41 10.84
C ASN A 51 5.94 -1.45 10.34
N TRP A 52 6.05 -0.20 10.74
CA TRP A 52 5.09 0.82 10.33
C TRP A 52 5.22 1.13 8.84
N TYR A 53 4.11 1.50 8.22
CA TYR A 53 4.10 1.82 6.80
C TYR A 53 3.50 3.21 6.56
N GLU A 54 3.54 3.66 5.31
CA GLU A 54 3.01 4.96 4.94
C GLU A 54 2.15 4.86 3.68
N GLY A 55 0.84 4.90 3.86
CA GLY A 55 -0.08 4.81 2.74
C GLY A 55 -0.97 6.02 2.62
N ARG A 56 -2.11 5.86 1.96
CA ARG A 56 -3.06 6.95 1.78
C ARG A 56 -4.46 6.41 1.51
N ILE A 57 -5.47 7.20 1.89
CA ILE A 57 -6.86 6.80 1.70
C ILE A 57 -7.44 7.47 0.45
N THR A 58 -7.26 6.83 -0.70
CA THR A 58 -7.77 7.35 -1.96
C THR A 58 -9.27 7.60 -1.88
N GLY A 59 -9.67 8.86 -2.03
CA GLY A 59 -11.08 9.20 -1.97
C GLY A 59 -11.38 10.26 -0.94
N THR A 60 -10.74 10.15 0.22
CA THR A 60 -10.94 11.11 1.31
C THR A 60 -9.80 12.11 1.38
N GLY A 61 -8.58 11.63 1.17
CA GLY A 61 -7.42 12.50 1.20
C GLY A 61 -6.45 12.12 2.31
N ARG A 62 -6.98 11.73 3.46
CA ARG A 62 -6.16 11.34 4.59
C ARG A 62 -4.92 10.57 4.13
N GLN A 63 -3.76 10.98 4.63
CA GLN A 63 -2.50 10.32 4.27
C GLN A 63 -1.53 10.32 5.44
N GLY A 64 -1.05 9.14 5.80
CA GLY A 64 -0.12 9.03 6.91
C GLY A 64 0.46 7.64 7.04
N ILE A 65 0.69 7.21 8.28
CA ILE A 65 1.26 5.88 8.54
C ILE A 65 0.33 5.06 9.44
N PHE A 66 0.63 3.78 9.56
CA PHE A 66 -0.18 2.89 10.39
C PHE A 66 0.56 1.57 10.64
N PRO A 67 0.20 0.90 11.74
CA PRO A 67 0.82 -0.38 12.12
C PRO A 67 0.42 -1.51 11.19
N ALA A 68 1.41 -2.18 10.62
CA ALA A 68 1.16 -3.29 9.71
C ALA A 68 0.33 -4.38 10.39
N SER A 69 0.80 -4.85 11.54
CA SER A 69 0.10 -5.88 12.28
C SER A 69 -1.42 -5.71 12.18
N TYR A 70 -1.85 -4.45 12.17
CA TYR A 70 -3.27 -4.13 12.08
C TYR A 70 -3.83 -4.49 10.70
N VAL A 71 -3.07 -4.17 9.67
CA VAL A 71 -3.49 -4.46 8.29
C VAL A 71 -2.80 -5.72 7.77
N GLN A 72 -3.23 -6.17 6.60
CA GLN A 72 -2.66 -7.37 5.98
C GLN A 72 -1.78 -7.00 4.80
N VAL A 73 -0.52 -7.43 4.87
CA VAL A 73 0.44 -7.14 3.80
C VAL A 73 0.32 -8.17 2.67
N SER A 74 0.08 -7.68 1.46
CA SER A 74 -0.06 -8.56 0.30
C SER A 74 1.06 -8.31 -0.71
N ARG A 75 1.41 -7.04 -0.88
CA ARG A 75 2.47 -6.66 -1.82
C ARG A 75 3.42 -5.65 -1.18
N GLU A 76 4.70 -5.98 -1.18
CA GLU A 76 5.72 -5.09 -0.60
C GLU A 76 5.97 -3.89 -1.50
N PRO A 77 6.09 -2.70 -0.88
CA PRO A 77 6.33 -1.46 -1.61
C PRO A 77 7.74 -1.40 -2.22
N ARG A 78 7.84 -0.82 -3.41
CA ARG A 78 9.12 -0.70 -4.10
C ARG A 78 9.44 0.75 -4.40
N LEU A 79 10.73 1.06 -4.44
CA LEU A 79 11.18 2.43 -4.71
C LEU A 79 11.40 2.63 -6.21
N ARG A 80 10.42 2.26 -7.00
CA ARG A 80 10.50 2.41 -8.45
C ARG A 80 11.93 2.19 -8.94
N LEU A 81 12.60 1.19 -8.37
CA LEU A 81 13.97 0.88 -8.74
C LEU A 81 14.02 -0.02 -9.98
N CYS A 82 13.10 0.23 -10.91
CA CYS A 82 13.04 -0.54 -12.15
C CYS A 82 14.42 -0.74 -12.74
N ASP A 83 14.92 -1.97 -12.66
CA ASP A 83 16.24 -2.29 -13.20
C ASP A 83 16.16 -2.65 -14.68
N ASP A 84 17.02 -2.04 -15.49
CA ASP A 84 17.05 -2.31 -16.92
C ASP A 84 17.22 -3.79 -17.20
N SER A 85 16.58 -4.27 -18.25
CA SER A 85 16.66 -5.69 -18.62
C SER A 85 16.39 -6.58 -17.42
N GLY A 86 15.31 -6.28 -16.70
CA GLY A 86 14.95 -7.07 -15.53
C GLY A 86 14.57 -8.48 -15.89
N PRO A 87 14.38 -9.33 -14.86
CA PRO A 87 14.00 -10.73 -15.04
C PRO A 87 12.58 -10.89 -15.55
N SER A 88 12.28 -12.05 -16.13
CA SER A 88 10.95 -12.32 -16.66
C SER A 88 10.68 -11.46 -17.89
N SER A 89 11.71 -11.21 -18.69
CA SER A 89 11.59 -10.40 -19.89
C SER A 89 11.20 -11.26 -21.09
N GLY A 90 10.55 -10.63 -22.07
CA GLY A 90 10.13 -11.36 -23.25
C GLY A 90 11.00 -11.05 -24.46
N GLY A 1 -17.40 31.30 -26.27
CA GLY A 1 -16.63 30.30 -26.97
C GLY A 1 -17.25 28.92 -26.88
N SER A 2 -16.41 27.89 -26.75
CA SER A 2 -16.88 26.53 -26.66
C SER A 2 -15.77 25.59 -26.19
N SER A 3 -16.15 24.41 -25.71
CA SER A 3 -15.18 23.44 -25.22
C SER A 3 -15.63 22.02 -25.56
N GLY A 4 -14.73 21.06 -25.36
CA GLY A 4 -15.05 19.67 -25.65
C GLY A 4 -13.96 18.72 -25.19
N SER A 5 -13.78 18.61 -23.88
CA SER A 5 -12.76 17.73 -23.32
C SER A 5 -13.40 16.62 -22.48
N SER A 6 -12.81 15.43 -22.56
CA SER A 6 -13.33 14.29 -21.81
C SER A 6 -12.37 13.88 -20.70
N GLY A 7 -11.86 14.88 -19.99
CA GLY A 7 -10.93 14.62 -18.89
C GLY A 7 -9.83 13.64 -19.29
N LYS A 8 -9.24 12.99 -18.30
CA LYS A 8 -8.16 12.03 -18.55
C LYS A 8 -8.59 10.63 -18.15
N PRO A 9 -8.31 9.65 -19.02
CA PRO A 9 -8.65 8.25 -18.77
C PRO A 9 -7.81 7.63 -17.66
N PRO A 10 -8.41 6.68 -16.92
CA PRO A 10 -7.73 5.99 -15.81
C PRO A 10 -6.62 5.07 -16.30
N THR A 11 -5.68 4.75 -15.40
CA THR A 11 -4.57 3.87 -15.74
C THR A 11 -4.15 3.04 -14.54
N TYR A 12 -4.11 1.72 -14.72
CA TYR A 12 -3.72 0.81 -13.64
C TYR A 12 -2.23 0.96 -13.33
N GLN A 13 -1.91 1.81 -12.36
CA GLN A 13 -0.53 2.03 -11.96
C GLN A 13 -0.32 1.64 -10.51
N VAL A 14 -0.91 0.51 -10.11
CA VAL A 14 -0.77 0.02 -8.74
C VAL A 14 0.43 -0.90 -8.60
N LEU A 15 0.67 -1.71 -9.63
CA LEU A 15 1.80 -2.64 -9.62
C LEU A 15 3.01 -2.01 -8.94
N GLU A 16 3.18 -0.72 -9.13
CA GLU A 16 4.30 0.00 -8.55
C GLU A 16 4.17 0.07 -7.03
N TYR A 17 3.04 0.59 -6.56
CA TYR A 17 2.78 0.71 -5.13
C TYR A 17 2.33 -0.62 -4.53
N GLY A 18 2.69 -0.86 -3.28
CA GLY A 18 2.32 -2.11 -2.62
C GLY A 18 0.83 -2.19 -2.36
N GLU A 19 0.38 -3.34 -1.88
CA GLU A 19 -1.03 -3.55 -1.58
C GLU A 19 -1.23 -4.02 -0.15
N ALA A 20 -2.33 -3.60 0.46
CA ALA A 20 -2.64 -3.98 1.84
C ALA A 20 -4.15 -3.92 2.10
N VAL A 21 -4.60 -4.73 3.06
CA VAL A 21 -6.01 -4.77 3.39
C VAL A 21 -6.22 -4.57 4.90
N ALA A 22 -7.09 -3.65 5.25
CA ALA A 22 -7.39 -3.36 6.65
C ALA A 22 -8.06 -4.55 7.32
N GLN A 23 -7.40 -5.11 8.34
CA GLN A 23 -7.94 -6.24 9.06
C GLN A 23 -8.71 -5.79 10.31
N TYR A 24 -8.18 -4.79 10.99
CA TYR A 24 -8.83 -4.26 12.19
C TYR A 24 -8.97 -2.75 12.11
N THR A 25 -10.18 -2.26 12.40
CA THR A 25 -10.46 -0.83 12.36
C THR A 25 -9.61 -0.08 13.39
N PHE A 26 -8.71 0.76 12.89
CA PHE A 26 -7.85 1.54 13.78
C PHE A 26 -8.45 2.91 14.07
N LYS A 27 -7.94 3.57 15.09
CA LYS A 27 -8.42 4.89 15.48
C LYS A 27 -7.27 5.81 15.86
N GLY A 28 -7.15 6.92 15.13
CA GLY A 28 -6.08 7.86 15.41
C GLY A 28 -6.53 9.30 15.27
N ASP A 29 -5.98 10.18 16.09
CA ASP A 29 -6.33 11.59 16.07
C ASP A 29 -5.21 12.42 15.46
N LEU A 30 -3.97 12.02 15.75
CA LEU A 30 -2.80 12.73 15.23
C LEU A 30 -2.77 12.69 13.70
N GLU A 31 -1.95 13.56 13.11
CA GLU A 31 -1.82 13.62 11.66
C GLU A 31 -1.21 12.33 11.11
N VAL A 32 -0.11 11.90 11.72
CA VAL A 32 0.56 10.69 11.30
C VAL A 32 -0.32 9.46 11.48
N GLU A 33 -1.02 9.41 12.61
CA GLU A 33 -1.91 8.29 12.90
C GLU A 33 -3.06 8.23 11.90
N LEU A 34 -2.86 7.47 10.82
CA LEU A 34 -3.87 7.34 9.78
C LEU A 34 -4.89 6.27 10.17
N SER A 35 -6.16 6.67 10.25
CA SER A 35 -7.23 5.74 10.60
C SER A 35 -7.86 5.13 9.36
N PHE A 36 -8.27 3.87 9.47
CA PHE A 36 -8.89 3.16 8.35
C PHE A 36 -9.89 2.12 8.85
N ARG A 37 -10.79 1.69 7.96
CA ARG A 37 -11.80 0.70 8.31
C ARG A 37 -11.47 -0.64 7.70
N LYS A 38 -11.71 -1.70 8.45
CA LYS A 38 -11.44 -3.06 7.98
C LYS A 38 -12.06 -3.30 6.61
N GLY A 39 -11.25 -3.82 5.68
CA GLY A 39 -11.74 -4.09 4.35
C GLY A 39 -11.15 -3.13 3.33
N GLU A 40 -11.26 -1.84 3.60
CA GLU A 40 -10.73 -0.82 2.69
C GLU A 40 -9.40 -1.25 2.09
N HIS A 41 -9.10 -0.74 0.91
CA HIS A 41 -7.85 -1.07 0.22
C HIS A 41 -6.87 0.10 0.28
N ILE A 42 -5.93 0.03 1.22
CA ILE A 42 -4.94 1.09 1.37
C ILE A 42 -3.76 0.88 0.41
N CYS A 43 -3.28 1.98 -0.17
CA CYS A 43 -2.16 1.92 -1.10
C CYS A 43 -0.83 2.13 -0.37
N LEU A 44 0.07 1.17 -0.51
CA LEU A 44 1.37 1.25 0.14
C LEU A 44 2.35 2.05 -0.72
N ILE A 45 2.34 3.37 -0.56
CA ILE A 45 3.22 4.24 -1.32
C ILE A 45 4.69 3.95 -1.00
N ARG A 46 5.05 4.09 0.27
CA ARG A 46 6.42 3.85 0.71
C ARG A 46 6.44 3.28 2.13
N LYS A 47 7.47 2.50 2.43
CA LYS A 47 7.61 1.89 3.74
C LYS A 47 8.35 2.83 4.69
N VAL A 48 7.60 3.58 5.48
CA VAL A 48 8.18 4.52 6.44
C VAL A 48 9.21 3.82 7.32
N ASN A 49 8.84 2.66 7.85
CA ASN A 49 9.73 1.90 8.71
C ASN A 49 9.57 0.40 8.47
N GLU A 50 10.54 -0.37 8.94
CA GLU A 50 10.51 -1.82 8.78
C GLU A 50 9.24 -2.42 9.39
N ASN A 51 8.54 -1.60 10.18
CA ASN A 51 7.31 -2.04 10.83
C ASN A 51 6.13 -1.17 10.40
N TRP A 52 6.28 0.14 10.54
CA TRP A 52 5.23 1.08 10.17
C TRP A 52 5.14 1.22 8.66
N TYR A 53 3.93 1.42 8.16
CA TYR A 53 3.70 1.58 6.72
C TYR A 53 3.01 2.89 6.41
N GLU A 54 3.57 3.64 5.47
CA GLU A 54 3.00 4.93 5.07
C GLU A 54 2.18 4.79 3.79
N GLY A 55 0.86 4.93 3.93
CA GLY A 55 -0.01 4.81 2.77
C GLY A 55 -1.05 5.91 2.73
N ARG A 56 -1.89 5.90 1.71
CA ARG A 56 -2.94 6.90 1.56
C ARG A 56 -4.28 6.24 1.22
N ILE A 57 -5.33 6.68 1.90
CA ILE A 57 -6.66 6.14 1.68
C ILE A 57 -7.17 6.46 0.28
N THR A 58 -7.35 5.42 -0.54
CA THR A 58 -7.83 5.61 -1.90
C THR A 58 -9.15 6.36 -1.92
N GLY A 59 -9.36 7.15 -2.98
CA GLY A 59 -10.59 7.92 -3.09
C GLY A 59 -10.53 9.22 -2.34
N THR A 60 -10.02 9.18 -1.12
CA THR A 60 -9.92 10.36 -0.28
C THR A 60 -8.49 10.91 -0.28
N GLY A 61 -8.36 12.19 0.07
CA GLY A 61 -7.05 12.81 0.11
C GLY A 61 -6.36 12.64 1.46
N ARG A 62 -6.52 11.46 2.05
CA ARG A 62 -5.91 11.17 3.34
C ARG A 62 -4.55 10.48 3.18
N GLN A 63 -3.70 10.59 4.19
CA GLN A 63 -2.39 9.99 4.15
C GLN A 63 -1.76 9.95 5.55
N GLY A 64 -0.92 8.95 5.79
CA GLY A 64 -0.26 8.83 7.08
C GLY A 64 0.34 7.45 7.28
N ILE A 65 0.87 7.22 8.48
CA ILE A 65 1.49 5.95 8.81
C ILE A 65 0.60 5.13 9.75
N PHE A 66 0.72 3.80 9.66
CA PHE A 66 -0.07 2.91 10.50
C PHE A 66 0.68 1.61 10.77
N PRO A 67 0.30 0.92 11.86
CA PRO A 67 0.92 -0.36 12.24
C PRO A 67 0.57 -1.48 11.28
N ALA A 68 1.59 -2.16 10.76
CA ALA A 68 1.37 -3.27 9.84
C ALA A 68 0.49 -4.34 10.47
N SER A 69 0.91 -4.85 11.61
CA SER A 69 0.16 -5.89 12.30
C SER A 69 -1.34 -5.66 12.16
N TYR A 70 -1.75 -4.41 12.28
CA TYR A 70 -3.16 -4.05 12.17
C TYR A 70 -3.70 -4.38 10.78
N VAL A 71 -2.93 -4.06 9.76
CA VAL A 71 -3.32 -4.33 8.39
C VAL A 71 -2.69 -5.61 7.87
N GLN A 72 -3.11 -6.05 6.69
CA GLN A 72 -2.58 -7.27 6.08
C GLN A 72 -1.73 -6.94 4.86
N VAL A 73 -0.48 -7.39 4.89
CA VAL A 73 0.45 -7.14 3.79
C VAL A 73 0.34 -8.24 2.74
N SER A 74 -0.07 -7.86 1.54
CA SER A 74 -0.23 -8.81 0.44
C SER A 74 0.92 -8.69 -0.55
N ARG A 75 1.31 -7.45 -0.84
CA ARG A 75 2.40 -7.18 -1.78
C ARG A 75 3.27 -6.05 -1.28
N GLU A 76 4.50 -6.38 -0.90
CA GLU A 76 5.45 -5.38 -0.39
C GLU A 76 5.86 -4.42 -1.50
N PRO A 77 6.05 -3.14 -1.13
CA PRO A 77 6.44 -2.09 -2.08
C PRO A 77 7.86 -2.27 -2.59
N ARG A 78 8.33 -1.33 -3.40
CA ARG A 78 9.67 -1.38 -3.95
C ARG A 78 10.04 -0.05 -4.62
N LEU A 79 11.26 0.41 -4.36
CA LEU A 79 11.73 1.67 -4.94
C LEU A 79 12.81 1.42 -5.98
N ARG A 80 13.93 0.85 -5.52
CA ARG A 80 15.04 0.57 -6.42
C ARG A 80 15.57 -0.86 -6.19
N LEU A 81 14.66 -1.80 -6.06
CA LEU A 81 15.03 -3.20 -5.82
C LEU A 81 14.75 -4.04 -7.06
N CYS A 82 15.06 -3.49 -8.23
CA CYS A 82 14.85 -4.20 -9.49
C CYS A 82 15.63 -5.50 -9.52
N ASP A 83 14.91 -6.61 -9.57
CA ASP A 83 15.54 -7.94 -9.60
C ASP A 83 15.70 -8.42 -11.04
N ASP A 84 16.91 -8.30 -11.58
CA ASP A 84 17.19 -8.74 -12.93
C ASP A 84 16.63 -10.13 -13.19
N SER A 85 15.82 -10.25 -14.24
CA SER A 85 15.21 -11.53 -14.60
C SER A 85 16.16 -12.37 -15.45
N GLY A 86 15.90 -13.67 -15.52
CA GLY A 86 16.73 -14.56 -16.30
C GLY A 86 15.94 -15.63 -17.01
N PRO A 87 16.64 -16.53 -17.72
CA PRO A 87 16.00 -17.62 -18.46
C PRO A 87 15.40 -18.68 -17.53
N SER A 88 15.86 -18.70 -16.29
CA SER A 88 15.36 -19.66 -15.31
C SER A 88 13.98 -19.27 -14.81
N SER A 89 13.09 -20.24 -14.70
CA SER A 89 11.73 -19.99 -14.23
C SER A 89 11.74 -19.10 -13.00
N GLY A 90 12.43 -19.53 -11.95
CA GLY A 90 12.51 -18.76 -10.73
C GLY A 90 11.38 -19.10 -9.77
N GLY A 1 -8.66 -32.80 -10.44
CA GLY A 1 -7.83 -31.72 -10.95
C GLY A 1 -8.58 -30.82 -11.92
N SER A 2 -8.66 -29.53 -11.60
CA SER A 2 -9.35 -28.58 -12.45
C SER A 2 -8.54 -27.30 -12.62
N SER A 3 -8.56 -26.76 -13.83
CA SER A 3 -7.81 -25.54 -14.13
C SER A 3 -8.71 -24.31 -14.03
N GLY A 4 -8.09 -23.14 -14.08
CA GLY A 4 -8.85 -21.90 -14.00
C GLY A 4 -9.53 -21.55 -15.31
N SER A 5 -10.86 -21.46 -15.28
CA SER A 5 -11.63 -21.14 -16.48
C SER A 5 -11.57 -19.63 -16.76
N SER A 6 -12.09 -18.84 -15.82
CA SER A 6 -12.11 -17.39 -15.97
C SER A 6 -10.75 -16.79 -15.62
N GLY A 7 -10.48 -15.59 -16.14
CA GLY A 7 -9.22 -14.92 -15.87
C GLY A 7 -9.39 -13.66 -15.07
N LYS A 8 -8.42 -12.75 -15.17
CA LYS A 8 -8.47 -11.49 -14.45
C LYS A 8 -8.83 -10.34 -15.38
N PRO A 9 -9.60 -9.38 -14.86
CA PRO A 9 -10.03 -8.20 -15.63
C PRO A 9 -8.88 -7.26 -15.93
N PRO A 10 -9.12 -6.29 -16.83
CA PRO A 10 -8.11 -5.29 -17.22
C PRO A 10 -7.80 -4.31 -16.09
N THR A 11 -6.91 -4.72 -15.19
CA THR A 11 -6.53 -3.87 -14.06
C THR A 11 -5.01 -3.82 -13.91
N TYR A 12 -4.52 -2.76 -13.27
CA TYR A 12 -3.09 -2.59 -13.06
C TYR A 12 -2.64 -3.33 -11.80
N GLN A 13 -1.87 -4.40 -12.00
CA GLN A 13 -1.37 -5.19 -10.87
C GLN A 13 0.14 -5.06 -10.77
N VAL A 14 0.76 -4.44 -11.77
CA VAL A 14 2.21 -4.26 -11.79
C VAL A 14 2.58 -2.79 -11.57
N LEU A 15 2.45 -2.33 -10.33
CA LEU A 15 2.76 -0.94 -10.00
C LEU A 15 3.89 -0.89 -8.97
N GLU A 16 4.37 0.33 -8.69
CA GLU A 16 5.44 0.52 -7.74
C GLU A 16 4.89 0.78 -6.33
N TYR A 17 3.74 0.19 -6.05
CA TYR A 17 3.09 0.37 -4.74
C TYR A 17 2.74 -0.99 -4.13
N GLY A 18 2.76 -1.05 -2.81
CA GLY A 18 2.44 -2.28 -2.12
C GLY A 18 0.96 -2.43 -1.83
N GLU A 19 0.48 -3.66 -1.82
CA GLU A 19 -0.93 -3.92 -1.56
C GLU A 19 -1.14 -4.38 -0.12
N ALA A 20 -2.18 -3.87 0.52
CA ALA A 20 -2.49 -4.22 1.91
C ALA A 20 -3.95 -3.97 2.22
N VAL A 21 -4.59 -4.92 2.91
CA VAL A 21 -5.99 -4.79 3.27
C VAL A 21 -6.14 -4.55 4.77
N ALA A 22 -7.16 -3.76 5.13
CA ALA A 22 -7.41 -3.45 6.53
C ALA A 22 -8.06 -4.63 7.25
N GLN A 23 -7.44 -5.06 8.34
CA GLN A 23 -7.95 -6.20 9.11
C GLN A 23 -8.71 -5.70 10.34
N TYR A 24 -8.16 -4.70 11.01
CA TYR A 24 -8.80 -4.14 12.20
C TYR A 24 -8.93 -2.63 12.09
N THR A 25 -10.08 -2.11 12.50
CA THR A 25 -10.34 -0.68 12.44
C THR A 25 -9.38 0.09 13.35
N PHE A 26 -8.69 1.07 12.77
CA PHE A 26 -7.74 1.87 13.53
C PHE A 26 -8.24 3.30 13.69
N LYS A 27 -7.77 3.97 14.74
CA LYS A 27 -8.18 5.34 15.02
C LYS A 27 -6.97 6.20 15.39
N GLY A 28 -6.76 7.27 14.63
CA GLY A 28 -5.65 8.16 14.90
C GLY A 28 -6.00 9.62 14.69
N ASP A 29 -5.52 10.47 15.58
CA ASP A 29 -5.79 11.91 15.49
C ASP A 29 -4.61 12.64 14.87
N LEU A 30 -3.41 12.32 15.34
CA LEU A 30 -2.19 12.96 14.83
C LEU A 30 -2.10 12.83 13.32
N GLU A 31 -1.44 13.79 12.68
CA GLU A 31 -1.28 13.79 11.24
C GLU A 31 -0.57 12.52 10.77
N VAL A 32 0.41 12.08 11.54
CA VAL A 32 1.17 10.88 11.21
C VAL A 32 0.36 9.62 11.52
N GLU A 33 -0.75 9.79 12.22
CA GLU A 33 -1.61 8.67 12.59
C GLU A 33 -2.83 8.61 11.67
N LEU A 34 -2.71 7.88 10.57
CA LEU A 34 -3.80 7.75 9.61
C LEU A 34 -4.84 6.75 10.12
N SER A 35 -6.11 7.04 9.85
CA SER A 35 -7.20 6.19 10.29
C SER A 35 -7.81 5.44 9.09
N PHE A 36 -8.19 4.19 9.32
CA PHE A 36 -8.79 3.37 8.27
C PHE A 36 -9.72 2.32 8.86
N ARG A 37 -10.72 1.93 8.08
CA ARG A 37 -11.69 0.93 8.53
C ARG A 37 -11.49 -0.40 7.79
N LYS A 38 -11.63 -1.50 8.52
CA LYS A 38 -11.45 -2.82 7.95
C LYS A 38 -12.13 -2.92 6.58
N GLY A 39 -11.51 -3.65 5.67
CA GLY A 39 -12.06 -3.80 4.33
C GLY A 39 -11.47 -2.82 3.34
N GLU A 40 -11.31 -1.57 3.77
CA GLU A 40 -10.77 -0.53 2.91
C GLU A 40 -9.46 -0.99 2.28
N HIS A 41 -9.12 -0.39 1.14
CA HIS A 41 -7.89 -0.74 0.42
C HIS A 41 -6.86 0.38 0.53
N ILE A 42 -5.84 0.15 1.34
CA ILE A 42 -4.78 1.14 1.53
C ILE A 42 -3.63 0.91 0.57
N CYS A 43 -3.26 1.96 -0.17
CA CYS A 43 -2.16 1.86 -1.13
C CYS A 43 -0.83 2.19 -0.47
N LEU A 44 0.07 1.21 -0.43
CA LEU A 44 1.39 1.39 0.16
C LEU A 44 2.29 2.22 -0.74
N ILE A 45 2.42 3.51 -0.42
CA ILE A 45 3.26 4.41 -1.21
C ILE A 45 4.73 4.04 -1.08
N ARG A 46 5.25 4.11 0.14
CA ARG A 46 6.65 3.78 0.39
C ARG A 46 6.86 3.39 1.84
N LYS A 47 7.18 2.12 2.08
CA LYS A 47 7.41 1.62 3.43
C LYS A 47 8.15 2.65 4.27
N VAL A 48 7.46 3.20 5.27
CA VAL A 48 8.06 4.19 6.15
C VAL A 48 9.04 3.55 7.12
N ASN A 49 8.65 2.42 7.70
CA ASN A 49 9.49 1.70 8.64
C ASN A 49 9.40 0.19 8.43
N GLU A 50 10.27 -0.55 9.10
CA GLU A 50 10.29 -2.00 8.97
C GLU A 50 8.90 -2.59 9.23
N ASN A 51 8.17 -1.95 10.13
CA ASN A 51 6.82 -2.41 10.48
C ASN A 51 5.77 -1.38 10.07
N TRP A 52 6.08 -0.11 10.30
CA TRP A 52 5.16 0.98 9.95
C TRP A 52 5.03 1.11 8.44
N TYR A 53 3.86 1.55 7.99
CA TYR A 53 3.61 1.71 6.55
C TYR A 53 2.91 3.04 6.29
N GLU A 54 3.43 3.78 5.32
CA GLU A 54 2.86 5.08 4.95
C GLU A 54 1.97 4.95 3.71
N GLY A 55 0.66 5.01 3.93
CA GLY A 55 -0.27 4.90 2.83
C GLY A 55 -1.23 6.07 2.76
N ARG A 56 -2.07 6.08 1.73
CA ARG A 56 -3.04 7.16 1.55
C ARG A 56 -4.44 6.60 1.33
N ILE A 57 -5.45 7.32 1.83
CA ILE A 57 -6.83 6.89 1.69
C ILE A 57 -7.46 7.48 0.43
N THR A 58 -7.37 6.73 -0.67
CA THR A 58 -7.93 7.18 -1.95
C THR A 58 -9.40 7.56 -1.79
N GLY A 59 -9.75 8.74 -2.29
CA GLY A 59 -11.14 9.20 -2.20
C GLY A 59 -11.30 10.36 -1.25
N THR A 60 -10.70 10.25 -0.06
CA THR A 60 -10.79 11.30 0.94
C THR A 60 -9.56 12.21 0.89
N GLY A 61 -8.39 11.60 0.83
CA GLY A 61 -7.16 12.36 0.77
C GLY A 61 -6.21 12.03 1.91
N ARG A 62 -6.77 11.74 3.08
CA ARG A 62 -5.97 11.41 4.26
C ARG A 62 -4.73 10.62 3.85
N GLN A 63 -3.62 10.89 4.53
CA GLN A 63 -2.36 10.20 4.24
C GLN A 63 -1.44 10.22 5.45
N GLY A 64 -1.03 9.05 5.92
CA GLY A 64 -0.16 8.96 7.06
C GLY A 64 0.43 7.57 7.25
N ILE A 65 0.89 7.28 8.45
CA ILE A 65 1.47 5.97 8.76
C ILE A 65 0.57 5.18 9.70
N PHE A 66 0.76 3.86 9.72
CA PHE A 66 -0.03 2.99 10.58
C PHE A 66 0.70 1.68 10.83
N PRO A 67 0.33 1.00 11.92
CA PRO A 67 0.93 -0.29 12.30
C PRO A 67 0.53 -1.41 11.36
N ALA A 68 1.52 -2.16 10.88
CA ALA A 68 1.27 -3.27 9.96
C ALA A 68 0.44 -4.36 10.64
N SER A 69 0.87 -4.77 11.84
CA SER A 69 0.18 -5.81 12.59
C SER A 69 -1.33 -5.59 12.55
N TYR A 70 -1.74 -4.36 12.30
CA TYR A 70 -3.16 -4.01 12.23
C TYR A 70 -3.73 -4.36 10.86
N VAL A 71 -2.94 -4.16 9.82
CA VAL A 71 -3.36 -4.45 8.45
C VAL A 71 -2.65 -5.68 7.91
N GLN A 72 -3.09 -6.13 6.73
CA GLN A 72 -2.50 -7.30 6.10
C GLN A 72 -1.91 -6.94 4.74
N VAL A 73 -0.63 -7.21 4.57
CA VAL A 73 0.05 -6.91 3.32
C VAL A 73 0.32 -8.18 2.52
N SER A 74 -0.09 -8.18 1.25
CA SER A 74 0.10 -9.33 0.38
C SER A 74 1.24 -9.09 -0.60
N ARG A 75 1.44 -7.83 -0.97
CA ARG A 75 2.49 -7.47 -1.91
C ARG A 75 3.34 -6.32 -1.36
N GLU A 76 4.45 -6.67 -0.71
CA GLU A 76 5.34 -5.67 -0.13
C GLU A 76 5.90 -4.75 -1.22
N PRO A 77 6.11 -3.48 -0.86
CA PRO A 77 6.64 -2.47 -1.79
C PRO A 77 8.10 -2.72 -2.14
N ARG A 78 8.68 -1.81 -2.91
CA ARG A 78 10.08 -1.93 -3.31
C ARG A 78 10.90 -0.77 -2.77
N LEU A 79 12.09 -1.08 -2.24
CA LEU A 79 12.96 -0.05 -1.68
C LEU A 79 14.38 -0.21 -2.23
N ARG A 80 14.90 -1.43 -2.16
CA ARG A 80 16.26 -1.71 -2.65
C ARG A 80 16.43 -3.19 -2.93
N LEU A 81 16.47 -3.54 -4.22
CA LEU A 81 16.64 -4.93 -4.63
C LEU A 81 18.06 -5.42 -4.35
N CYS A 82 18.22 -6.17 -3.27
CA CYS A 82 19.53 -6.69 -2.89
C CYS A 82 19.52 -8.22 -2.90
N ASP A 83 18.92 -8.80 -3.94
CA ASP A 83 18.84 -10.25 -4.07
C ASP A 83 18.75 -10.66 -5.53
N ASP A 84 19.62 -11.59 -5.93
CA ASP A 84 19.64 -12.07 -7.31
C ASP A 84 18.67 -13.24 -7.49
N SER A 85 17.45 -12.92 -7.91
CA SER A 85 16.42 -13.94 -8.13
C SER A 85 16.33 -14.86 -6.92
N GLY A 86 16.38 -14.28 -5.73
CA GLY A 86 16.29 -15.06 -4.51
C GLY A 86 17.61 -15.69 -4.12
N PRO A 87 17.61 -16.44 -3.01
CA PRO A 87 18.81 -17.12 -2.52
C PRO A 87 19.23 -18.28 -3.41
N SER A 88 20.43 -18.19 -3.98
CA SER A 88 20.94 -19.23 -4.85
C SER A 88 22.43 -19.05 -5.09
N SER A 89 23.11 -20.14 -5.42
CA SER A 89 24.55 -20.11 -5.67
C SER A 89 24.96 -21.25 -6.59
N GLY A 90 25.52 -20.90 -7.75
CA GLY A 90 25.96 -21.90 -8.70
C GLY A 90 26.81 -22.99 -8.05
N GLY A 1 -24.38 -22.70 -28.98
CA GLY A 1 -25.44 -22.09 -28.21
C GLY A 1 -24.93 -21.19 -27.11
N SER A 2 -23.84 -21.60 -26.46
CA SER A 2 -23.25 -20.82 -25.38
C SER A 2 -21.98 -20.13 -25.85
N SER A 3 -21.63 -19.03 -25.17
CA SER A 3 -20.43 -18.27 -25.52
C SER A 3 -19.97 -17.43 -24.34
N GLY A 4 -18.81 -16.78 -24.51
CA GLY A 4 -18.29 -15.94 -23.45
C GLY A 4 -17.75 -14.62 -23.96
N SER A 5 -17.19 -13.81 -23.07
CA SER A 5 -16.66 -12.51 -23.44
C SER A 5 -15.45 -12.15 -22.57
N SER A 6 -14.54 -11.37 -23.13
CA SER A 6 -13.34 -10.95 -22.42
C SER A 6 -13.11 -9.45 -22.55
N GLY A 7 -12.35 -8.88 -21.63
CA GLY A 7 -12.07 -7.46 -21.66
C GLY A 7 -12.32 -6.78 -20.33
N LYS A 8 -11.28 -6.18 -19.76
CA LYS A 8 -11.39 -5.50 -18.48
C LYS A 8 -10.83 -4.08 -18.57
N PRO A 9 -11.41 -3.17 -17.77
CA PRO A 9 -10.98 -1.76 -17.74
C PRO A 9 -9.61 -1.59 -17.12
N PRO A 10 -9.03 -0.39 -17.26
CA PRO A 10 -7.71 -0.07 -16.71
C PRO A 10 -7.72 0.01 -15.19
N THR A 11 -8.88 -0.26 -14.59
CA THR A 11 -9.02 -0.22 -13.14
C THR A 11 -7.73 -0.66 -12.45
N TYR A 12 -7.10 -1.70 -13.00
CA TYR A 12 -5.87 -2.23 -12.43
C TYR A 12 -4.76 -2.23 -13.47
N GLN A 13 -4.19 -1.05 -13.72
CA GLN A 13 -3.11 -0.92 -14.69
C GLN A 13 -1.81 -1.53 -14.15
N VAL A 14 -1.81 -2.85 -13.98
CA VAL A 14 -0.63 -3.55 -13.47
C VAL A 14 0.13 -2.68 -12.47
N LEU A 15 -0.61 -2.03 -11.58
CA LEU A 15 0.00 -1.17 -10.57
C LEU A 15 1.26 -1.80 -10.01
N GLU A 16 2.34 -1.02 -9.94
CA GLU A 16 3.61 -1.50 -9.43
C GLU A 16 3.83 -1.04 -7.99
N TYR A 17 2.74 -0.96 -7.22
CA TYR A 17 2.82 -0.53 -5.83
C TYR A 17 2.45 -1.67 -4.89
N GLY A 18 2.62 -1.43 -3.59
CA GLY A 18 2.30 -2.44 -2.60
C GLY A 18 0.81 -2.51 -2.30
N GLU A 19 0.32 -3.72 -2.04
CA GLU A 19 -1.09 -3.92 -1.74
C GLU A 19 -1.28 -4.32 -0.28
N ALA A 20 -2.35 -3.79 0.32
CA ALA A 20 -2.65 -4.09 1.72
C ALA A 20 -4.14 -4.02 1.99
N VAL A 21 -4.59 -4.72 3.03
CA VAL A 21 -6.01 -4.73 3.39
C VAL A 21 -6.18 -4.54 4.89
N ALA A 22 -7.08 -3.62 5.26
CA ALA A 22 -7.35 -3.34 6.66
C ALA A 22 -8.10 -4.50 7.32
N GLN A 23 -7.50 -5.06 8.36
CA GLN A 23 -8.11 -6.19 9.07
C GLN A 23 -8.93 -5.69 10.26
N TYR A 24 -8.38 -4.73 11.00
CA TYR A 24 -9.06 -4.18 12.16
C TYR A 24 -9.19 -2.66 12.04
N THR A 25 -10.34 -2.14 12.46
CA THR A 25 -10.59 -0.71 12.40
C THR A 25 -9.64 0.06 13.32
N PHE A 26 -8.86 0.97 12.74
CA PHE A 26 -7.91 1.78 13.51
C PHE A 26 -8.43 3.20 13.68
N LYS A 27 -7.97 3.85 14.75
CA LYS A 27 -8.38 5.22 15.04
C LYS A 27 -7.19 6.05 15.52
N GLY A 28 -6.90 7.13 14.79
CA GLY A 28 -5.79 7.99 15.16
C GLY A 28 -6.17 9.46 15.15
N ASP A 29 -5.75 10.19 16.17
CA ASP A 29 -6.05 11.62 16.26
C ASP A 29 -4.90 12.44 15.70
N LEU A 30 -3.68 11.91 15.77
CA LEU A 30 -2.50 12.60 15.28
C LEU A 30 -2.41 12.50 13.76
N GLU A 31 -1.68 13.42 13.15
CA GLU A 31 -1.52 13.45 11.71
C GLU A 31 -0.88 12.15 11.22
N VAL A 32 0.37 11.93 11.59
CA VAL A 32 1.09 10.72 11.20
C VAL A 32 0.22 9.48 11.35
N GLU A 33 -0.65 9.50 12.35
CA GLU A 33 -1.55 8.38 12.61
C GLU A 33 -2.77 8.43 11.69
N LEU A 34 -2.75 7.62 10.64
CA LEU A 34 -3.85 7.57 9.69
C LEU A 34 -4.94 6.60 10.15
N SER A 35 -6.16 6.82 9.69
CA SER A 35 -7.28 5.96 10.06
C SER A 35 -7.84 5.25 8.82
N PHE A 36 -8.34 4.03 9.03
CA PHE A 36 -8.91 3.24 7.94
C PHE A 36 -9.89 2.20 8.47
N ARG A 37 -10.97 1.99 7.74
CA ARG A 37 -11.99 1.03 8.13
C ARG A 37 -11.69 -0.35 7.54
N LYS A 38 -11.86 -1.38 8.36
CA LYS A 38 -11.61 -2.76 7.92
C LYS A 38 -12.19 -2.99 6.53
N GLY A 39 -11.38 -3.55 5.64
CA GLY A 39 -11.84 -3.81 4.29
C GLY A 39 -11.30 -2.82 3.28
N GLU A 40 -11.05 -1.59 3.74
CA GLU A 40 -10.54 -0.54 2.87
C GLU A 40 -9.23 -0.96 2.23
N HIS A 41 -8.94 -0.39 1.06
CA HIS A 41 -7.72 -0.70 0.34
C HIS A 41 -6.72 0.44 0.42
N ILE A 42 -5.72 0.31 1.29
CA ILE A 42 -4.71 1.34 1.46
C ILE A 42 -3.51 1.09 0.55
N CYS A 43 -3.24 2.03 -0.34
CA CYS A 43 -2.12 1.92 -1.27
C CYS A 43 -0.79 2.14 -0.54
N LEU A 44 0.07 1.14 -0.58
CA LEU A 44 1.37 1.23 0.07
C LEU A 44 2.37 2.01 -0.80
N ILE A 45 2.48 3.30 -0.54
CA ILE A 45 3.40 4.14 -1.30
C ILE A 45 4.86 3.86 -0.93
N ARG A 46 5.25 4.25 0.27
CA ARG A 46 6.60 4.04 0.75
C ARG A 46 6.60 3.33 2.11
N LYS A 47 7.15 2.12 2.12
CA LYS A 47 7.21 1.33 3.36
C LYS A 47 8.07 2.03 4.41
N VAL A 48 7.41 2.60 5.41
CA VAL A 48 8.13 3.29 6.48
C VAL A 48 9.15 2.38 7.14
N ASN A 49 8.66 1.38 7.87
CA ASN A 49 9.54 0.43 8.56
C ASN A 49 9.01 -0.99 8.42
N GLU A 50 9.71 -1.93 9.05
CA GLU A 50 9.31 -3.33 9.00
C GLU A 50 8.05 -3.57 9.80
N ASN A 51 7.70 -2.61 10.65
CA ASN A 51 6.51 -2.71 11.48
C ASN A 51 5.55 -1.56 11.21
N TRP A 52 5.99 -0.60 10.40
CA TRP A 52 5.17 0.55 10.05
C TRP A 52 5.04 0.68 8.54
N TYR A 53 4.00 1.39 8.11
CA TYR A 53 3.76 1.59 6.68
C TYR A 53 3.07 2.92 6.44
N GLU A 54 3.41 3.57 5.31
CA GLU A 54 2.81 4.85 4.96
C GLU A 54 1.92 4.72 3.73
N GLY A 55 0.62 4.97 3.91
CA GLY A 55 -0.31 4.87 2.80
C GLY A 55 -1.28 6.03 2.77
N ARG A 56 -2.14 6.03 1.75
CA ARG A 56 -3.14 7.10 1.60
C ARG A 56 -4.53 6.51 1.41
N ILE A 57 -5.55 7.34 1.65
CA ILE A 57 -6.94 6.90 1.50
C ILE A 57 -7.61 7.62 0.34
N THR A 58 -7.14 7.37 -0.87
CA THR A 58 -7.71 8.00 -2.06
C THR A 58 -9.22 8.19 -1.92
N GLY A 59 -9.69 9.38 -2.25
CA GLY A 59 -11.11 9.67 -2.15
C GLY A 59 -11.44 10.56 -0.98
N THR A 60 -10.68 10.43 0.10
CA THR A 60 -10.91 11.24 1.29
C THR A 60 -9.83 12.29 1.45
N GLY A 61 -8.58 11.90 1.19
CA GLY A 61 -7.46 12.83 1.31
C GLY A 61 -6.64 12.57 2.54
N ARG A 62 -6.94 11.49 3.25
CA ARG A 62 -6.21 11.13 4.47
C ARG A 62 -4.93 10.39 4.14
N GLN A 63 -3.80 10.92 4.59
CA GLN A 63 -2.51 10.30 4.35
C GLN A 63 -1.66 10.25 5.63
N GLY A 64 -1.25 9.05 6.00
CA GLY A 64 -0.45 8.90 7.21
C GLY A 64 0.08 7.48 7.37
N ILE A 65 0.89 7.27 8.40
CA ILE A 65 1.46 5.96 8.67
C ILE A 65 0.56 5.15 9.61
N PHE A 66 0.78 3.84 9.64
CA PHE A 66 0.01 2.96 10.50
C PHE A 66 0.75 1.65 10.76
N PRO A 67 0.43 1.00 11.89
CA PRO A 67 1.06 -0.26 12.27
C PRO A 67 0.64 -1.42 11.37
N ALA A 68 1.61 -2.18 10.88
CA ALA A 68 1.35 -3.31 10.01
C ALA A 68 0.57 -4.40 10.75
N SER A 69 0.76 -4.47 12.06
CA SER A 69 0.07 -5.46 12.87
C SER A 69 -1.43 -5.27 12.81
N TYR A 70 -1.86 -4.14 12.26
CA TYR A 70 -3.28 -3.83 12.14
C TYR A 70 -3.81 -4.17 10.76
N VAL A 71 -2.98 -3.94 9.75
CA VAL A 71 -3.35 -4.23 8.37
C VAL A 71 -2.67 -5.50 7.87
N GLN A 72 -3.11 -5.98 6.71
CA GLN A 72 -2.55 -7.19 6.12
C GLN A 72 -1.72 -6.86 4.88
N VAL A 73 -0.46 -7.26 4.89
CA VAL A 73 0.45 -7.01 3.77
C VAL A 73 0.41 -8.16 2.77
N SER A 74 0.05 -7.85 1.54
CA SER A 74 -0.02 -8.86 0.48
C SER A 74 1.21 -8.79 -0.42
N ARG A 75 1.66 -7.57 -0.71
CA ARG A 75 2.82 -7.37 -1.57
C ARG A 75 3.56 -6.09 -1.18
N GLU A 76 4.70 -6.26 -0.52
CA GLU A 76 5.50 -5.12 -0.09
C GLU A 76 5.95 -4.28 -1.29
N PRO A 77 6.00 -2.96 -1.10
CA PRO A 77 6.41 -2.02 -2.15
C PRO A 77 7.89 -2.13 -2.48
N ARG A 78 8.42 -1.13 -3.17
CA ARG A 78 9.83 -1.12 -3.54
C ARG A 78 10.47 0.23 -3.21
N LEU A 79 11.76 0.21 -2.92
CA LEU A 79 12.50 1.42 -2.58
C LEU A 79 13.78 1.52 -3.40
N ARG A 80 14.56 0.44 -3.40
CA ARG A 80 15.83 0.42 -4.13
C ARG A 80 16.38 -1.00 -4.19
N LEU A 81 16.31 -1.61 -5.38
CA LEU A 81 16.82 -2.96 -5.57
C LEU A 81 18.32 -2.96 -5.82
N CYS A 82 19.10 -3.08 -4.74
CA CYS A 82 20.55 -3.08 -4.84
C CYS A 82 21.02 -2.18 -5.98
N ASP A 83 20.33 -1.06 -6.15
CA ASP A 83 20.67 -0.10 -7.20
C ASP A 83 22.18 0.14 -7.23
N ASP A 84 22.86 -0.50 -8.17
CA ASP A 84 24.31 -0.35 -8.31
C ASP A 84 24.73 1.10 -8.07
N SER A 85 25.56 1.30 -7.05
CA SER A 85 26.04 2.63 -6.72
C SER A 85 27.52 2.61 -6.36
N GLY A 86 28.14 3.79 -6.32
CA GLY A 86 29.55 3.88 -5.99
C GLY A 86 29.99 2.81 -5.02
N PRO A 87 30.54 1.71 -5.55
CA PRO A 87 31.01 0.58 -4.74
C PRO A 87 32.26 0.95 -3.92
N SER A 88 32.28 0.52 -2.67
CA SER A 88 33.42 0.79 -1.79
C SER A 88 34.38 -0.39 -1.77
N SER A 89 35.59 -0.16 -2.27
CA SER A 89 36.62 -1.21 -2.32
C SER A 89 36.89 -1.75 -0.92
N GLY A 90 36.79 -3.07 -0.78
CA GLY A 90 37.04 -3.69 0.52
C GLY A 90 36.44 -2.91 1.67
N GLY A 1 -23.21 15.34 -28.90
CA GLY A 1 -23.79 14.70 -30.06
C GLY A 1 -23.32 13.26 -30.24
N SER A 2 -23.33 12.51 -29.14
CA SER A 2 -22.90 11.12 -29.17
C SER A 2 -23.84 10.24 -28.36
N SER A 3 -23.92 8.96 -28.72
CA SER A 3 -24.79 8.02 -28.02
C SER A 3 -23.97 7.05 -27.18
N GLY A 4 -23.00 7.60 -26.43
CA GLY A 4 -22.17 6.77 -25.59
C GLY A 4 -20.69 6.88 -25.95
N SER A 5 -19.85 7.03 -24.93
CA SER A 5 -18.42 7.15 -25.14
C SER A 5 -17.84 5.85 -25.69
N SER A 6 -17.16 5.94 -26.83
CA SER A 6 -16.56 4.78 -27.47
C SER A 6 -15.12 4.59 -27.02
N GLY A 7 -14.93 4.16 -25.77
CA GLY A 7 -13.60 3.96 -25.24
C GLY A 7 -13.46 4.46 -23.82
N LYS A 8 -12.24 4.82 -23.43
CA LYS A 8 -11.98 5.32 -22.08
C LYS A 8 -10.65 6.06 -22.03
N PRO A 9 -10.60 7.12 -21.22
CA PRO A 9 -9.39 7.95 -21.06
C PRO A 9 -8.28 7.20 -20.32
N PRO A 10 -7.03 7.52 -20.65
CA PRO A 10 -5.85 6.90 -20.03
C PRO A 10 -5.68 7.32 -18.57
N THR A 11 -5.11 6.44 -17.77
CA THR A 11 -4.89 6.71 -16.35
C THR A 11 -3.79 5.84 -15.78
N TYR A 12 -2.66 6.45 -15.44
CA TYR A 12 -1.53 5.71 -14.88
C TYR A 12 -1.95 4.91 -13.65
N GLN A 13 -2.39 3.68 -13.88
CA GLN A 13 -2.81 2.81 -12.80
C GLN A 13 -1.81 1.68 -12.56
N VAL A 14 -0.78 1.63 -13.42
CA VAL A 14 0.24 0.60 -13.31
C VAL A 14 1.28 0.98 -12.25
N LEU A 15 0.82 1.57 -11.16
CA LEU A 15 1.72 1.98 -10.08
C LEU A 15 2.43 0.77 -9.48
N GLU A 16 3.66 0.99 -9.02
CA GLU A 16 4.44 -0.08 -8.42
C GLU A 16 4.32 -0.08 -6.90
N TYR A 17 3.21 0.49 -6.40
CA TYR A 17 2.97 0.57 -4.97
C TYR A 17 2.57 -0.79 -4.41
N GLY A 18 2.64 -0.93 -3.10
CA GLY A 18 2.28 -2.19 -2.45
C GLY A 18 0.78 -2.31 -2.22
N GLU A 19 0.34 -3.53 -1.90
CA GLU A 19 -1.07 -3.78 -1.66
C GLU A 19 -1.29 -4.29 -0.23
N ALA A 20 -2.16 -3.60 0.50
CA ALA A 20 -2.46 -3.98 1.88
C ALA A 20 -3.94 -3.79 2.19
N VAL A 21 -4.55 -4.80 2.81
CA VAL A 21 -5.97 -4.74 3.16
C VAL A 21 -6.15 -4.57 4.66
N ALA A 22 -6.92 -3.56 5.05
CA ALA A 22 -7.18 -3.29 6.45
C ALA A 22 -7.86 -4.47 7.12
N GLN A 23 -7.47 -4.76 8.36
CA GLN A 23 -8.06 -5.88 9.11
C GLN A 23 -8.83 -5.37 10.32
N TYR A 24 -8.35 -4.29 10.92
CA TYR A 24 -8.99 -3.70 12.08
C TYR A 24 -9.18 -2.20 11.91
N THR A 25 -10.33 -1.70 12.35
CA THR A 25 -10.64 -0.28 12.24
C THR A 25 -9.78 0.54 13.20
N PHE A 26 -8.90 1.36 12.64
CA PHE A 26 -8.02 2.20 13.44
C PHE A 26 -8.58 3.61 13.58
N LYS A 27 -8.01 4.39 14.49
CA LYS A 27 -8.46 5.75 14.71
C LYS A 27 -7.28 6.66 15.05
N GLY A 28 -7.19 7.80 14.36
CA GLY A 28 -6.12 8.73 14.60
C GLY A 28 -6.54 10.18 14.41
N ASP A 29 -5.86 11.09 15.09
CA ASP A 29 -6.18 12.50 15.00
C ASP A 29 -5.05 13.27 14.30
N LEU A 30 -3.81 12.86 14.55
CA LEU A 30 -2.66 13.51 13.94
C LEU A 30 -2.54 13.14 12.47
N GLU A 31 -1.82 13.96 11.72
CA GLU A 31 -1.63 13.72 10.29
C GLU A 31 -0.87 12.41 10.06
N VAL A 32 0.12 12.14 10.90
CA VAL A 32 0.93 10.94 10.78
C VAL A 32 0.08 9.70 11.06
N GLU A 33 -0.81 9.79 12.04
CA GLU A 33 -1.68 8.67 12.39
C GLU A 33 -2.81 8.52 11.39
N LEU A 34 -2.63 7.65 10.41
CA LEU A 34 -3.64 7.41 9.39
C LEU A 34 -4.61 6.31 9.83
N SER A 35 -5.90 6.55 9.58
CA SER A 35 -6.93 5.57 9.95
C SER A 35 -7.51 4.91 8.70
N PHE A 36 -8.27 3.84 8.92
CA PHE A 36 -8.88 3.10 7.82
C PHE A 36 -9.97 2.16 8.34
N ARG A 37 -10.82 1.68 7.43
CA ARG A 37 -11.90 0.77 7.80
C ARG A 37 -11.61 -0.64 7.29
N LYS A 38 -11.64 -1.60 8.21
CA LYS A 38 -11.39 -3.00 7.87
C LYS A 38 -11.95 -3.33 6.49
N GLY A 39 -11.11 -3.88 5.63
CA GLY A 39 -11.55 -4.24 4.29
C GLY A 39 -11.12 -3.23 3.25
N GLU A 40 -11.19 -1.96 3.59
CA GLU A 40 -10.80 -0.90 2.67
C GLU A 40 -9.43 -1.18 2.06
N HIS A 41 -9.20 -0.63 0.86
CA HIS A 41 -7.92 -0.83 0.18
C HIS A 41 -7.02 0.38 0.37
N ILE A 42 -5.80 0.13 0.85
CA ILE A 42 -4.83 1.19 1.08
C ILE A 42 -3.58 0.97 0.26
N CYS A 43 -3.15 2.01 -0.45
CA CYS A 43 -1.95 1.93 -1.28
C CYS A 43 -0.72 2.31 -0.48
N LEU A 44 0.26 1.40 -0.45
CA LEU A 44 1.49 1.63 0.28
C LEU A 44 2.40 2.60 -0.47
N ILE A 45 2.70 3.74 0.17
CA ILE A 45 3.55 4.74 -0.44
C ILE A 45 5.02 4.30 -0.45
N ARG A 46 5.60 4.20 0.74
CA ARG A 46 6.99 3.78 0.88
C ARG A 46 7.25 3.13 2.23
N LYS A 47 7.48 1.83 2.22
CA LYS A 47 7.74 1.08 3.46
C LYS A 47 8.62 1.89 4.41
N VAL A 48 8.01 2.42 5.46
CA VAL A 48 8.75 3.22 6.44
C VAL A 48 9.75 2.35 7.21
N ASN A 49 9.23 1.40 7.98
CA ASN A 49 10.08 0.52 8.77
C ASN A 49 9.60 -0.93 8.65
N GLU A 50 10.33 -1.84 9.29
CA GLU A 50 9.99 -3.26 9.24
C GLU A 50 8.66 -3.51 9.94
N ASN A 51 8.14 -2.48 10.60
CA ASN A 51 6.87 -2.60 11.31
C ASN A 51 5.88 -1.52 10.85
N TRP A 52 6.34 -0.27 10.87
CA TRP A 52 5.50 0.85 10.45
C TRP A 52 5.47 0.97 8.93
N TYR A 53 4.35 1.45 8.40
CA TYR A 53 4.20 1.62 6.96
C TYR A 53 3.59 2.98 6.63
N GLU A 54 3.31 3.19 5.35
CA GLU A 54 2.72 4.45 4.90
C GLU A 54 1.75 4.22 3.76
N GLY A 55 0.57 4.84 3.85
CA GLY A 55 -0.43 4.69 2.81
C GLY A 55 -1.32 5.91 2.67
N ARG A 56 -2.37 5.78 1.88
CA ARG A 56 -3.30 6.89 1.66
C ARG A 56 -4.72 6.37 1.45
N ILE A 57 -5.69 7.27 1.53
CA ILE A 57 -7.10 6.91 1.35
C ILE A 57 -7.74 7.73 0.24
N THR A 58 -7.29 7.51 -1.00
CA THR A 58 -7.83 8.23 -2.15
C THR A 58 -9.31 8.55 -1.96
N GLY A 59 -9.62 9.84 -1.89
CA GLY A 59 -11.00 10.25 -1.71
C GLY A 59 -11.22 11.02 -0.42
N THR A 60 -10.22 10.98 0.45
CA THR A 60 -10.30 11.68 1.73
C THR A 60 -8.97 12.29 2.12
N GLY A 61 -8.98 13.12 3.15
CA GLY A 61 -7.76 13.76 3.61
C GLY A 61 -6.87 12.83 4.40
N ARG A 62 -7.41 11.66 4.75
CA ARG A 62 -6.66 10.67 5.51
C ARG A 62 -5.46 10.15 4.71
N GLN A 63 -4.27 10.30 5.29
CA GLN A 63 -3.05 9.85 4.63
C GLN A 63 -1.84 9.98 5.56
N GLY A 64 -1.20 8.85 5.86
CA GLY A 64 -0.05 8.87 6.73
C GLY A 64 0.50 7.48 6.99
N ILE A 65 1.10 7.29 8.15
CA ILE A 65 1.67 6.00 8.53
C ILE A 65 0.76 5.24 9.48
N PHE A 66 0.93 3.93 9.54
CA PHE A 66 0.12 3.09 10.41
C PHE A 66 0.80 1.75 10.66
N PRO A 67 0.44 1.12 11.80
CA PRO A 67 1.01 -0.17 12.19
C PRO A 67 0.55 -1.31 11.29
N ALA A 68 1.50 -2.14 10.86
CA ALA A 68 1.19 -3.27 9.99
C ALA A 68 0.26 -4.27 10.70
N SER A 69 0.67 -4.71 11.88
CA SER A 69 -0.11 -5.66 12.65
C SER A 69 -1.61 -5.36 12.53
N TYR A 70 -1.93 -4.10 12.27
CA TYR A 70 -3.32 -3.68 12.14
C TYR A 70 -3.86 -4.02 10.75
N VAL A 71 -3.05 -3.78 9.72
CA VAL A 71 -3.44 -4.06 8.35
C VAL A 71 -2.80 -5.36 7.86
N GLN A 72 -3.23 -5.81 6.67
CA GLN A 72 -2.70 -7.03 6.09
C GLN A 72 -1.76 -6.73 4.92
N VAL A 73 -0.65 -7.44 4.86
CA VAL A 73 0.32 -7.24 3.79
C VAL A 73 0.24 -8.35 2.76
N SER A 74 -0.16 -7.99 1.54
CA SER A 74 -0.28 -8.96 0.46
C SER A 74 0.92 -8.89 -0.48
N ARG A 75 1.38 -7.68 -0.76
CA ARG A 75 2.53 -7.47 -1.63
C ARG A 75 3.37 -6.29 -1.16
N GLU A 76 4.58 -6.58 -0.71
CA GLU A 76 5.49 -5.55 -0.23
C GLU A 76 5.69 -4.46 -1.28
N PRO A 77 5.81 -3.21 -0.82
CA PRO A 77 6.00 -2.06 -1.70
C PRO A 77 7.38 -2.06 -2.37
N ARG A 78 7.51 -1.26 -3.43
CA ARG A 78 8.78 -1.18 -4.16
C ARG A 78 9.12 0.28 -4.48
N LEU A 79 10.30 0.70 -4.07
CA LEU A 79 10.76 2.07 -4.32
C LEU A 79 11.93 2.09 -5.30
N ARG A 80 12.84 1.14 -5.14
CA ARG A 80 14.01 1.05 -6.01
C ARG A 80 14.75 -0.27 -5.79
N LEU A 81 14.73 -1.12 -6.81
CA LEU A 81 15.40 -2.41 -6.73
C LEU A 81 16.85 -2.26 -6.27
N CYS A 82 17.10 -2.54 -5.00
CA CYS A 82 18.44 -2.43 -4.45
C CYS A 82 18.89 -3.75 -3.83
N ASP A 83 20.07 -4.21 -4.21
CA ASP A 83 20.61 -5.46 -3.70
C ASP A 83 22.12 -5.54 -3.94
N ASP A 84 22.75 -6.53 -3.31
CA ASP A 84 24.19 -6.72 -3.45
C ASP A 84 24.51 -8.09 -4.03
N SER A 85 23.94 -9.13 -3.42
CA SER A 85 24.16 -10.50 -3.87
C SER A 85 22.95 -11.38 -3.56
N GLY A 86 22.21 -11.75 -4.60
CA GLY A 86 21.05 -12.58 -4.42
C GLY A 86 21.06 -13.81 -5.31
N PRO A 87 20.49 -14.91 -4.82
CA PRO A 87 20.43 -16.17 -5.57
C PRO A 87 19.47 -16.10 -6.75
N SER A 88 20.02 -16.10 -7.96
CA SER A 88 19.21 -16.02 -9.17
C SER A 88 18.61 -17.38 -9.51
N SER A 89 17.28 -17.44 -9.51
CA SER A 89 16.57 -18.68 -9.79
C SER A 89 17.09 -19.83 -8.93
N GLY A 90 17.32 -19.53 -7.65
CA GLY A 90 17.81 -20.54 -6.73
C GLY A 90 16.89 -20.77 -5.56
N GLY A 1 -35.11 -7.76 -24.90
CA GLY A 1 -33.75 -8.25 -24.73
C GLY A 1 -32.93 -7.37 -23.82
N SER A 2 -31.71 -7.80 -23.51
CA SER A 2 -30.82 -7.04 -22.64
C SER A 2 -29.91 -6.12 -23.45
N SER A 3 -29.38 -5.10 -22.80
CA SER A 3 -28.50 -4.15 -23.45
C SER A 3 -27.04 -4.47 -23.16
N GLY A 4 -26.73 -4.67 -21.88
CA GLY A 4 -25.37 -4.99 -21.48
C GLY A 4 -24.89 -6.31 -22.06
N SER A 5 -24.12 -6.23 -23.13
CA SER A 5 -23.60 -7.44 -23.78
C SER A 5 -22.17 -7.21 -24.27
N SER A 6 -21.31 -8.19 -24.06
CA SER A 6 -19.91 -8.10 -24.47
C SER A 6 -19.32 -6.76 -24.07
N GLY A 7 -19.61 -6.32 -22.86
CA GLY A 7 -19.10 -5.05 -22.37
C GLY A 7 -19.22 -4.90 -20.88
N LYS A 8 -18.85 -5.95 -20.14
CA LYS A 8 -18.92 -5.93 -18.69
C LYS A 8 -17.90 -4.96 -18.11
N PRO A 9 -18.28 -4.30 -16.99
CA PRO A 9 -17.42 -3.33 -16.32
C PRO A 9 -16.23 -3.99 -15.64
N PRO A 10 -15.24 -3.18 -15.25
CA PRO A 10 -14.03 -3.66 -14.57
C PRO A 10 -14.30 -4.17 -13.16
N THR A 11 -13.24 -4.52 -12.45
CA THR A 11 -13.38 -5.02 -11.08
C THR A 11 -12.61 -4.14 -10.11
N TYR A 12 -11.31 -3.99 -10.35
CA TYR A 12 -10.46 -3.17 -9.49
C TYR A 12 -9.11 -2.93 -10.12
N GLN A 13 -8.73 -1.66 -10.24
CA GLN A 13 -7.45 -1.30 -10.84
C GLN A 13 -6.31 -2.10 -10.21
N VAL A 14 -5.22 -2.25 -10.95
CA VAL A 14 -4.06 -2.99 -10.47
C VAL A 14 -3.12 -2.08 -9.67
N LEU A 15 -3.43 -1.91 -8.39
CA LEU A 15 -2.62 -1.07 -7.52
C LEU A 15 -1.14 -1.26 -7.81
N GLU A 16 -0.50 -0.21 -8.32
CA GLU A 16 0.92 -0.25 -8.64
C GLU A 16 1.76 -0.42 -7.38
N TYR A 17 1.56 0.47 -6.42
CA TYR A 17 2.30 0.42 -5.16
C TYR A 17 1.89 -0.80 -4.33
N GLY A 18 2.51 -0.95 -3.17
CA GLY A 18 2.19 -2.06 -2.30
C GLY A 18 0.70 -2.23 -2.08
N GLU A 19 0.26 -3.45 -1.82
CA GLU A 19 -1.15 -3.73 -1.59
C GLU A 19 -1.38 -4.28 -0.19
N ALA A 20 -2.38 -3.73 0.49
CA ALA A 20 -2.70 -4.17 1.86
C ALA A 20 -4.21 -4.10 2.10
N VAL A 21 -4.66 -4.82 3.11
CA VAL A 21 -6.08 -4.86 3.47
C VAL A 21 -6.28 -4.62 4.96
N ALA A 22 -7.13 -3.65 5.29
CA ALA A 22 -7.42 -3.32 6.68
C ALA A 22 -8.12 -4.49 7.38
N GLN A 23 -7.39 -5.16 8.26
CA GLN A 23 -7.94 -6.29 9.00
C GLN A 23 -8.65 -5.83 10.26
N TYR A 24 -8.02 -4.93 11.00
CA TYR A 24 -8.59 -4.40 12.24
C TYR A 24 -8.73 -2.89 12.17
N THR A 25 -9.89 -2.39 12.58
CA THR A 25 -10.16 -0.96 12.57
C THR A 25 -9.15 -0.20 13.43
N PHE A 26 -8.68 0.93 12.92
CA PHE A 26 -7.71 1.75 13.65
C PHE A 26 -8.22 3.18 13.82
N LYS A 27 -7.68 3.89 14.81
CA LYS A 27 -8.07 5.27 15.07
C LYS A 27 -6.86 6.13 15.38
N GLY A 28 -6.85 7.35 14.86
CA GLY A 28 -5.74 8.26 15.09
C GLY A 28 -6.12 9.70 14.87
N ASP A 29 -5.83 10.55 15.86
CA ASP A 29 -6.14 11.97 15.77
C ASP A 29 -5.01 12.73 15.08
N LEU A 30 -3.78 12.29 15.32
CA LEU A 30 -2.61 12.93 14.72
C LEU A 30 -2.52 12.64 13.24
N GLU A 31 -2.24 13.68 12.45
CA GLU A 31 -2.14 13.53 11.00
C GLU A 31 -1.40 12.25 10.64
N VAL A 32 -0.17 12.11 11.14
CA VAL A 32 0.64 10.92 10.87
C VAL A 32 -0.15 9.65 11.13
N GLU A 33 -0.88 9.62 12.24
CA GLU A 33 -1.68 8.46 12.60
C GLU A 33 -2.85 8.29 11.63
N LEU A 34 -2.61 7.58 10.53
CA LEU A 34 -3.65 7.35 9.53
C LEU A 34 -4.64 6.30 10.01
N SER A 35 -5.91 6.50 9.68
CA SER A 35 -6.96 5.57 10.08
C SER A 35 -7.54 4.84 8.87
N PHE A 36 -8.23 3.74 9.12
CA PHE A 36 -8.82 2.95 8.05
C PHE A 36 -9.83 1.94 8.61
N ARG A 37 -10.91 1.71 7.88
CA ARG A 37 -11.93 0.77 8.30
C ARG A 37 -11.71 -0.60 7.68
N LYS A 38 -11.86 -1.65 8.50
CA LYS A 38 -11.66 -3.01 8.03
C LYS A 38 -12.25 -3.19 6.63
N GLY A 39 -11.42 -3.68 5.71
CA GLY A 39 -11.87 -3.89 4.35
C GLY A 39 -11.25 -2.92 3.37
N GLU A 40 -11.16 -1.65 3.77
CA GLU A 40 -10.58 -0.62 2.92
C GLU A 40 -9.27 -1.11 2.29
N HIS A 41 -8.87 -0.45 1.20
CA HIS A 41 -7.65 -0.81 0.50
C HIS A 41 -6.62 0.31 0.58
N ILE A 42 -5.64 0.15 1.46
CA ILE A 42 -4.60 1.15 1.64
C ILE A 42 -3.49 0.98 0.60
N CYS A 43 -3.03 2.10 0.05
CA CYS A 43 -1.97 2.07 -0.96
C CYS A 43 -0.61 2.37 -0.32
N LEU A 44 0.20 1.34 -0.16
CA LEU A 44 1.53 1.49 0.43
C LEU A 44 2.48 2.19 -0.54
N ILE A 45 2.48 3.52 -0.51
CA ILE A 45 3.35 4.31 -1.38
C ILE A 45 4.82 3.99 -1.12
N ARG A 46 5.23 4.13 0.14
CA ARG A 46 6.62 3.86 0.52
C ARG A 46 6.71 3.47 1.99
N LYS A 47 7.38 2.35 2.26
CA LYS A 47 7.54 1.86 3.62
C LYS A 47 8.26 2.89 4.49
N VAL A 48 7.68 3.19 5.64
CA VAL A 48 8.26 4.16 6.57
C VAL A 48 9.17 3.47 7.58
N ASN A 49 8.81 2.25 7.96
CA ASN A 49 9.60 1.49 8.91
C ASN A 49 9.29 -0.01 8.82
N GLU A 50 10.19 -0.82 9.35
CA GLU A 50 10.02 -2.28 9.32
C GLU A 50 8.75 -2.69 10.05
N ASN A 51 8.15 -1.72 10.75
CA ASN A 51 6.92 -1.98 11.51
C ASN A 51 5.78 -1.09 11.02
N TRP A 52 6.08 0.19 10.86
CA TRP A 52 5.07 1.15 10.39
C TRP A 52 4.97 1.13 8.88
N TYR A 53 3.82 1.55 8.36
CA TYR A 53 3.60 1.58 6.92
C TYR A 53 2.91 2.88 6.50
N GLU A 54 3.46 3.54 5.48
CA GLU A 54 2.90 4.79 4.99
C GLU A 54 2.08 4.56 3.72
N GLY A 55 0.80 4.93 3.78
CA GLY A 55 -0.07 4.76 2.64
C GLY A 55 -1.01 5.93 2.44
N ARG A 56 -2.12 5.68 1.74
CA ARG A 56 -3.10 6.74 1.47
C ARG A 56 -4.48 6.14 1.28
N ILE A 57 -5.51 6.92 1.62
CA ILE A 57 -6.89 6.47 1.49
C ILE A 57 -7.64 7.30 0.46
N THR A 58 -7.27 7.14 -0.81
CA THR A 58 -7.91 7.88 -1.89
C THR A 58 -9.39 8.09 -1.62
N GLY A 59 -10.09 6.99 -1.33
CA GLY A 59 -11.51 7.08 -1.05
C GLY A 59 -11.89 8.35 -0.33
N THR A 60 -11.10 8.73 0.68
CA THR A 60 -11.36 9.94 1.44
C THR A 60 -10.45 11.07 1.01
N GLY A 61 -9.16 10.77 0.85
CA GLY A 61 -8.21 11.78 0.43
C GLY A 61 -7.19 12.10 1.51
N ARG A 62 -6.99 11.16 2.43
CA ARG A 62 -6.04 11.34 3.52
C ARG A 62 -4.76 10.56 3.27
N GLN A 63 -3.78 10.72 4.15
CA GLN A 63 -2.50 10.03 4.02
C GLN A 63 -1.74 10.05 5.34
N GLY A 64 -1.00 8.97 5.60
CA GLY A 64 -0.22 8.89 6.83
C GLY A 64 0.36 7.50 7.05
N ILE A 65 0.90 7.27 8.24
CA ILE A 65 1.49 5.98 8.58
C ILE A 65 0.55 5.15 9.44
N PHE A 66 0.88 3.87 9.60
CA PHE A 66 0.06 2.97 10.40
C PHE A 66 0.83 1.68 10.72
N PRO A 67 0.44 1.01 11.80
CA PRO A 67 1.06 -0.23 12.24
C PRO A 67 0.75 -1.39 11.31
N ALA A 68 1.75 -2.24 11.07
CA ALA A 68 1.59 -3.39 10.20
C ALA A 68 0.82 -4.51 10.89
N SER A 69 0.72 -4.42 12.22
CA SER A 69 0.02 -5.43 13.01
C SER A 69 -1.48 -5.14 13.04
N TYR A 70 -1.94 -4.37 12.06
CA TYR A 70 -3.36 -4.01 11.97
C TYR A 70 -3.92 -4.33 10.59
N VAL A 71 -3.06 -4.28 9.59
CA VAL A 71 -3.46 -4.58 8.21
C VAL A 71 -2.70 -5.78 7.67
N GLN A 72 -3.20 -6.32 6.56
CA GLN A 72 -2.57 -7.48 5.92
C GLN A 72 -1.77 -7.06 4.69
N VAL A 73 -0.49 -7.39 4.69
CA VAL A 73 0.39 -7.06 3.57
C VAL A 73 0.43 -8.20 2.55
N SER A 74 -0.09 -7.93 1.36
CA SER A 74 -0.11 -8.92 0.30
C SER A 74 1.03 -8.68 -0.70
N ARG A 75 1.32 -7.41 -0.95
CA ARG A 75 2.38 -7.04 -1.89
C ARG A 75 3.25 -5.93 -1.31
N GLU A 76 4.37 -6.32 -0.70
CA GLU A 76 5.29 -5.35 -0.11
C GLU A 76 5.65 -4.26 -1.11
N PRO A 77 5.82 -3.03 -0.60
CA PRO A 77 6.17 -1.87 -1.44
C PRO A 77 7.59 -1.96 -1.97
N ARG A 78 7.73 -2.03 -3.29
CA ARG A 78 9.03 -2.11 -3.93
C ARG A 78 9.45 -0.76 -4.49
N LEU A 79 10.76 -0.51 -4.51
CA LEU A 79 11.29 0.75 -5.02
C LEU A 79 12.22 0.50 -6.20
N ARG A 80 13.33 -0.19 -5.93
CA ARG A 80 14.30 -0.49 -6.97
C ARG A 80 14.72 -1.96 -6.92
N LEU A 81 13.74 -2.83 -6.73
CA LEU A 81 14.00 -4.26 -6.66
C LEU A 81 13.88 -4.91 -8.03
N CYS A 82 14.51 -4.30 -9.03
CA CYS A 82 14.47 -4.81 -10.39
C CYS A 82 15.55 -5.86 -10.61
N ASP A 83 15.17 -6.99 -11.19
CA ASP A 83 16.12 -8.08 -11.45
C ASP A 83 17.18 -7.63 -12.44
N ASP A 84 18.41 -7.52 -11.96
CA ASP A 84 19.54 -7.09 -12.79
C ASP A 84 20.00 -8.24 -13.68
N SER A 85 20.40 -9.35 -13.06
CA SER A 85 20.87 -10.51 -13.81
C SER A 85 20.46 -11.81 -13.11
N GLY A 86 20.77 -12.93 -13.73
CA GLY A 86 20.42 -14.22 -13.16
C GLY A 86 20.73 -15.37 -14.09
N PRO A 87 21.16 -16.51 -13.53
CA PRO A 87 21.49 -17.71 -14.30
C PRO A 87 20.27 -18.36 -14.91
N SER A 88 20.50 -19.22 -15.90
CA SER A 88 19.40 -19.93 -16.57
C SER A 88 19.66 -21.42 -16.60
N SER A 89 18.86 -22.17 -15.84
CA SER A 89 19.00 -23.62 -15.78
C SER A 89 17.78 -24.31 -16.36
N GLY A 90 17.97 -25.52 -16.88
CA GLY A 90 16.88 -26.27 -17.46
C GLY A 90 16.41 -25.68 -18.79
N GLY A 1 -13.83 -11.31 -14.04
CA GLY A 1 -15.14 -10.91 -14.51
C GLY A 1 -15.25 -10.96 -16.02
N SER A 2 -14.67 -9.97 -16.70
CA SER A 2 -14.71 -9.91 -18.15
C SER A 2 -13.39 -10.39 -18.76
N SER A 3 -12.29 -9.83 -18.27
CA SER A 3 -10.96 -10.19 -18.76
C SER A 3 -10.92 -10.14 -20.28
N GLY A 4 -11.50 -9.09 -20.85
CA GLY A 4 -11.51 -8.94 -22.29
C GLY A 4 -11.87 -7.53 -22.73
N SER A 5 -10.86 -6.66 -22.81
CA SER A 5 -11.08 -5.28 -23.22
C SER A 5 -9.78 -4.64 -23.68
N SER A 6 -9.89 -3.47 -24.30
CA SER A 6 -8.73 -2.75 -24.80
C SER A 6 -8.27 -1.69 -23.80
N GLY A 7 -9.11 -0.68 -23.60
CA GLY A 7 -8.79 0.39 -22.66
C GLY A 7 -7.45 1.03 -22.98
N LYS A 8 -6.48 0.84 -22.10
CA LYS A 8 -5.15 1.40 -22.29
C LYS A 8 -4.11 0.31 -22.49
N PRO A 9 -3.02 0.65 -23.22
CA PRO A 9 -1.94 -0.30 -23.50
C PRO A 9 -1.12 -0.64 -22.25
N PRO A 10 -0.59 -1.86 -22.21
CA PRO A 10 0.21 -2.34 -21.08
C PRO A 10 1.57 -1.64 -21.00
N THR A 11 1.80 -0.93 -19.91
CA THR A 11 3.06 -0.21 -19.71
C THR A 11 3.62 -0.47 -18.31
N TYR A 12 2.78 -0.26 -17.30
CA TYR A 12 3.20 -0.47 -15.92
C TYR A 12 2.01 -0.88 -15.05
N GLN A 13 2.11 -2.06 -14.45
CA GLN A 13 1.04 -2.58 -13.59
C GLN A 13 1.20 -2.07 -12.17
N VAL A 14 1.33 -0.76 -12.02
CA VAL A 14 1.50 -0.15 -10.70
C VAL A 14 2.30 -1.05 -9.77
N LEU A 15 3.32 -1.71 -10.32
CA LEU A 15 4.17 -2.59 -9.53
C LEU A 15 5.06 -1.81 -8.58
N GLU A 16 4.91 -0.50 -8.59
CA GLU A 16 5.70 0.36 -7.73
C GLU A 16 5.15 0.38 -6.30
N TYR A 17 3.83 0.51 -6.19
CA TYR A 17 3.17 0.54 -4.90
C TYR A 17 2.77 -0.87 -4.46
N GLY A 18 2.76 -1.09 -3.15
CA GLY A 18 2.38 -2.40 -2.62
C GLY A 18 0.89 -2.53 -2.39
N GLU A 19 0.47 -3.68 -1.91
CA GLU A 19 -0.95 -3.94 -1.64
C GLU A 19 -1.17 -4.36 -0.19
N ALA A 20 -2.21 -3.82 0.42
CA ALA A 20 -2.52 -4.14 1.81
C ALA A 20 -4.03 -4.08 2.05
N VAL A 21 -4.46 -4.61 3.20
CA VAL A 21 -5.87 -4.62 3.55
C VAL A 21 -6.07 -4.40 5.05
N ALA A 22 -7.01 -3.53 5.40
CA ALA A 22 -7.30 -3.23 6.80
C ALA A 22 -8.03 -4.40 7.46
N GLN A 23 -7.41 -4.97 8.49
CA GLN A 23 -8.01 -6.09 9.21
C GLN A 23 -8.75 -5.60 10.46
N TYR A 24 -8.14 -4.65 11.15
CA TYR A 24 -8.74 -4.10 12.37
C TYR A 24 -8.78 -2.58 12.31
N THR A 25 -9.86 -2.00 12.83
CA THR A 25 -10.03 -0.55 12.83
C THR A 25 -8.99 0.11 13.73
N PHE A 26 -8.38 1.18 13.24
CA PHE A 26 -7.37 1.91 13.99
C PHE A 26 -7.90 3.25 14.46
N LYS A 27 -7.31 3.77 15.54
CA LYS A 27 -7.74 5.06 16.09
C LYS A 27 -6.53 5.94 16.38
N GLY A 28 -6.51 7.13 15.78
CA GLY A 28 -5.41 8.05 15.98
C GLY A 28 -5.86 9.50 16.03
N ASP A 29 -5.13 10.33 16.76
CA ASP A 29 -5.46 11.74 16.88
C ASP A 29 -4.34 12.61 16.33
N LEU A 30 -3.16 12.01 16.13
CA LEU A 30 -2.01 12.72 15.61
C LEU A 30 -2.09 12.87 14.09
N GLU A 31 -1.13 13.57 13.51
CA GLU A 31 -1.10 13.77 12.07
C GLU A 31 -0.60 12.52 11.35
N VAL A 32 0.57 12.04 11.75
CA VAL A 32 1.16 10.85 11.15
C VAL A 32 0.23 9.65 11.28
N GLU A 33 -0.41 9.54 12.44
CA GLU A 33 -1.34 8.44 12.71
C GLU A 33 -2.53 8.49 11.76
N LEU A 34 -2.59 7.53 10.85
CA LEU A 34 -3.68 7.46 9.88
C LEU A 34 -4.59 6.28 10.16
N SER A 35 -5.85 6.57 10.48
CA SER A 35 -6.82 5.53 10.78
C SER A 35 -7.53 5.06 9.50
N PHE A 36 -8.31 3.99 9.63
CA PHE A 36 -9.02 3.43 8.49
C PHE A 36 -10.12 2.48 8.96
N ARG A 37 -11.07 2.20 8.07
CA ARG A 37 -12.18 1.31 8.39
C ARG A 37 -11.93 -0.09 7.81
N LYS A 38 -11.93 -1.09 8.69
CA LYS A 38 -11.71 -2.47 8.27
C LYS A 38 -12.32 -2.73 6.90
N GLY A 39 -11.50 -3.23 5.98
CA GLY A 39 -11.98 -3.51 4.64
C GLY A 39 -11.44 -2.53 3.61
N GLU A 40 -11.24 -1.29 4.02
CA GLU A 40 -10.72 -0.26 3.13
C GLU A 40 -9.42 -0.71 2.48
N HIS A 41 -9.15 -0.19 1.28
CA HIS A 41 -7.93 -0.54 0.55
C HIS A 41 -6.92 0.59 0.63
N ILE A 42 -5.82 0.35 1.34
CA ILE A 42 -4.77 1.36 1.48
C ILE A 42 -3.58 1.03 0.60
N CYS A 43 -3.13 2.02 -0.17
CA CYS A 43 -1.99 1.84 -1.06
C CYS A 43 -0.68 2.05 -0.31
N LEU A 44 0.20 1.06 -0.40
CA LEU A 44 1.50 1.13 0.27
C LEU A 44 2.50 1.93 -0.57
N ILE A 45 2.56 3.24 -0.31
CA ILE A 45 3.48 4.11 -1.04
C ILE A 45 4.93 3.76 -0.71
N ARG A 46 5.28 3.89 0.57
CA ARG A 46 6.65 3.59 1.01
C ARG A 46 6.65 2.97 2.40
N LYS A 47 7.70 2.23 2.72
CA LYS A 47 7.82 1.59 4.02
C LYS A 47 8.55 2.49 5.02
N VAL A 48 7.77 3.23 5.80
CA VAL A 48 8.33 4.13 6.80
C VAL A 48 9.26 3.38 7.76
N ASN A 49 8.78 2.24 8.26
CA ASN A 49 9.57 1.44 9.19
C ASN A 49 9.23 -0.04 9.03
N GLU A 50 9.95 -0.88 9.77
CA GLU A 50 9.74 -2.32 9.71
C GLU A 50 8.49 -2.71 10.50
N ASN A 51 7.84 -1.73 11.11
CA ASN A 51 6.65 -1.97 11.90
C ASN A 51 5.48 -1.11 11.41
N TRP A 52 5.82 0.08 10.89
CA TRP A 52 4.81 0.99 10.39
C TRP A 52 4.85 1.08 8.87
N TYR A 53 3.72 1.43 8.26
CA TYR A 53 3.63 1.54 6.82
C TYR A 53 2.97 2.85 6.41
N GLU A 54 3.57 3.54 5.45
CA GLU A 54 3.04 4.82 4.97
C GLU A 54 2.11 4.60 3.77
N GLY A 55 0.81 4.71 4.02
CA GLY A 55 -0.16 4.52 2.96
C GLY A 55 -0.95 5.79 2.67
N ARG A 56 -2.17 5.61 2.16
CA ARG A 56 -3.03 6.74 1.84
C ARG A 56 -4.48 6.31 1.73
N ILE A 57 -5.39 7.28 1.74
CA ILE A 57 -6.82 7.00 1.64
C ILE A 57 -7.42 7.63 0.39
N THR A 58 -7.54 6.83 -0.67
CA THR A 58 -8.10 7.32 -1.93
C THR A 58 -9.60 7.54 -1.81
N GLY A 59 -9.98 8.73 -1.36
CA GLY A 59 -11.39 9.06 -1.21
C GLY A 59 -11.62 10.20 -0.23
N THR A 60 -10.79 10.26 0.80
CA THR A 60 -10.91 11.31 1.81
C THR A 60 -9.73 12.27 1.75
N GLY A 61 -8.76 11.95 0.91
CA GLY A 61 -7.58 12.80 0.78
C GLY A 61 -6.75 12.83 2.04
N ARG A 62 -6.88 11.81 2.87
CA ARG A 62 -6.13 11.72 4.11
C ARG A 62 -5.08 10.62 4.04
N GLN A 63 -3.82 11.01 4.22
CA GLN A 63 -2.72 10.05 4.18
C GLN A 63 -2.07 9.89 5.55
N GLY A 64 -0.99 9.13 5.61
CA GLY A 64 -0.30 8.91 6.86
C GLY A 64 0.21 7.50 7.01
N ILE A 65 0.81 7.19 8.16
CA ILE A 65 1.34 5.86 8.42
C ILE A 65 0.41 5.06 9.32
N PHE A 66 0.73 3.79 9.53
CA PHE A 66 -0.08 2.92 10.37
C PHE A 66 0.68 1.64 10.71
N PRO A 67 0.28 0.99 11.81
CA PRO A 67 0.90 -0.26 12.27
C PRO A 67 0.61 -1.43 11.35
N ALA A 68 1.63 -2.23 11.07
CA ALA A 68 1.49 -3.39 10.21
C ALA A 68 0.67 -4.49 10.89
N SER A 69 0.82 -4.61 12.20
CA SER A 69 0.12 -5.61 12.97
C SER A 69 -1.39 -5.40 12.90
N TYR A 70 -1.78 -4.26 12.32
CA TYR A 70 -3.20 -3.93 12.18
C TYR A 70 -3.72 -4.30 10.80
N VAL A 71 -2.91 -4.03 9.78
CA VAL A 71 -3.29 -4.33 8.40
C VAL A 71 -2.50 -5.52 7.87
N GLN A 72 -2.88 -6.00 6.69
CA GLN A 72 -2.20 -7.14 6.08
C GLN A 72 -1.69 -6.78 4.69
N VAL A 73 -0.39 -6.93 4.48
CA VAL A 73 0.23 -6.62 3.20
C VAL A 73 0.36 -7.87 2.33
N SER A 74 -0.22 -7.82 1.14
CA SER A 74 -0.17 -8.96 0.22
C SER A 74 1.05 -8.87 -0.68
N ARG A 75 1.36 -7.66 -1.13
CA ARG A 75 2.50 -7.44 -2.01
C ARG A 75 3.41 -6.34 -1.46
N GLU A 76 4.27 -6.70 -0.52
CA GLU A 76 5.19 -5.75 0.08
C GLU A 76 5.70 -4.74 -0.95
N PRO A 77 5.89 -3.49 -0.52
CA PRO A 77 6.37 -2.41 -1.39
C PRO A 77 7.83 -2.60 -1.79
N ARG A 78 8.18 -2.15 -2.99
CA ARG A 78 9.53 -2.26 -3.49
C ARG A 78 10.10 -0.90 -3.88
N LEU A 79 11.27 -0.57 -3.36
CA LEU A 79 11.92 0.70 -3.65
C LEU A 79 13.02 0.53 -4.68
N ARG A 80 13.69 -0.62 -4.64
CA ARG A 80 14.78 -0.91 -5.57
C ARG A 80 14.74 -2.36 -6.01
N LEU A 81 14.35 -2.59 -7.26
CA LEU A 81 14.27 -3.94 -7.81
C LEU A 81 15.67 -4.51 -8.05
N CYS A 82 16.22 -5.14 -7.02
CA CYS A 82 17.55 -5.75 -7.13
C CYS A 82 17.52 -7.21 -6.69
N ASP A 83 18.42 -8.01 -7.25
CA ASP A 83 18.50 -9.42 -6.92
C ASP A 83 19.77 -9.73 -6.12
N ASP A 84 19.60 -9.99 -4.84
CA ASP A 84 20.73 -10.29 -3.96
C ASP A 84 20.93 -11.81 -3.86
N SER A 85 21.68 -12.36 -4.80
CA SER A 85 21.95 -13.80 -4.82
C SER A 85 22.19 -14.31 -3.41
N GLY A 86 23.19 -13.74 -2.73
CA GLY A 86 23.51 -14.15 -1.38
C GLY A 86 23.95 -15.61 -1.31
N PRO A 87 23.84 -16.21 -0.12
CA PRO A 87 24.23 -17.60 0.11
C PRO A 87 23.29 -18.58 -0.59
N SER A 88 23.62 -19.87 -0.51
CA SER A 88 22.80 -20.91 -1.13
C SER A 88 22.19 -21.82 -0.07
N SER A 89 20.86 -21.90 -0.07
CA SER A 89 20.14 -22.73 0.89
C SER A 89 18.85 -23.26 0.28
N GLY A 90 18.49 -24.49 0.63
CA GLY A 90 17.28 -25.10 0.11
C GLY A 90 16.03 -24.50 0.73
N GLY A 1 -2.03 10.02 -23.47
CA GLY A 1 -1.78 9.08 -22.39
C GLY A 1 -3.07 8.45 -21.88
N SER A 2 -3.69 7.62 -22.71
CA SER A 2 -4.94 6.95 -22.32
C SER A 2 -5.08 5.62 -23.05
N SER A 3 -5.21 4.55 -22.28
CA SER A 3 -5.36 3.21 -22.83
C SER A 3 -6.40 3.20 -23.95
N GLY A 4 -6.53 2.05 -24.61
CA GLY A 4 -7.50 1.93 -25.69
C GLY A 4 -8.91 1.79 -25.19
N SER A 5 -9.27 0.61 -24.71
CA SER A 5 -10.62 0.35 -24.20
C SER A 5 -11.05 1.47 -23.25
N SER A 6 -12.26 1.98 -23.46
CA SER A 6 -12.80 3.04 -22.63
C SER A 6 -13.73 2.49 -21.56
N GLY A 7 -13.18 2.27 -20.36
CA GLY A 7 -13.98 1.73 -19.28
C GLY A 7 -13.14 0.97 -18.27
N LYS A 8 -13.13 -0.35 -18.39
CA LYS A 8 -12.37 -1.21 -17.49
C LYS A 8 -11.59 -2.27 -18.27
N PRO A 9 -10.28 -2.37 -17.98
CA PRO A 9 -9.41 -3.34 -18.65
C PRO A 9 -9.71 -4.77 -18.23
N PRO A 10 -9.31 -5.73 -19.08
CA PRO A 10 -9.53 -7.16 -18.81
C PRO A 10 -8.68 -7.68 -17.67
N THR A 11 -7.54 -7.03 -17.44
CA THR A 11 -6.64 -7.42 -16.36
C THR A 11 -5.99 -6.21 -15.71
N TYR A 12 -6.37 -5.94 -14.46
CA TYR A 12 -5.83 -4.80 -13.73
C TYR A 12 -4.37 -4.58 -14.08
N GLN A 13 -4.06 -3.38 -14.59
CA GLN A 13 -2.70 -3.04 -14.97
C GLN A 13 -1.75 -3.22 -13.78
N VAL A 14 -0.49 -3.55 -14.08
CA VAL A 14 0.51 -3.75 -13.05
C VAL A 14 1.02 -2.42 -12.51
N LEU A 15 0.72 -2.15 -11.24
CA LEU A 15 1.15 -0.90 -10.61
C LEU A 15 2.46 -1.10 -9.85
N GLU A 16 3.27 -0.05 -9.78
CA GLU A 16 4.54 -0.11 -9.09
C GLU A 16 4.37 0.24 -7.61
N TYR A 17 3.23 -0.15 -7.05
CA TYR A 17 2.95 0.13 -5.65
C TYR A 17 2.57 -1.16 -4.90
N GLY A 18 2.68 -1.12 -3.59
CA GLY A 18 2.36 -2.29 -2.79
C GLY A 18 0.87 -2.39 -2.50
N GLU A 19 0.43 -3.57 -2.05
CA GLU A 19 -0.98 -3.80 -1.75
C GLU A 19 -1.17 -4.14 -0.28
N ALA A 20 -2.27 -3.67 0.30
CA ALA A 20 -2.57 -3.92 1.70
C ALA A 20 -4.07 -3.84 1.96
N VAL A 21 -4.53 -4.53 3.00
CA VAL A 21 -5.94 -4.52 3.36
C VAL A 21 -6.12 -4.35 4.87
N ALA A 22 -6.92 -3.36 5.25
CA ALA A 22 -7.17 -3.08 6.66
C ALA A 22 -7.87 -4.27 7.33
N GLN A 23 -7.21 -4.84 8.33
CA GLN A 23 -7.77 -5.98 9.05
C GLN A 23 -8.52 -5.52 10.29
N TYR A 24 -7.95 -4.55 11.01
CA TYR A 24 -8.56 -4.04 12.22
C TYR A 24 -8.76 -2.53 12.12
N THR A 25 -9.96 -2.07 12.48
CA THR A 25 -10.28 -0.65 12.43
C THR A 25 -9.39 0.15 13.38
N PHE A 26 -8.65 1.09 12.82
CA PHE A 26 -7.75 1.93 13.61
C PHE A 26 -8.35 3.32 13.82
N LYS A 27 -7.94 3.98 14.90
CA LYS A 27 -8.43 5.32 15.21
C LYS A 27 -7.27 6.26 15.51
N GLY A 28 -7.10 7.27 14.66
CA GLY A 28 -6.03 8.24 14.86
C GLY A 28 -6.40 9.62 14.37
N ASP A 29 -5.98 10.64 15.13
CA ASP A 29 -6.28 12.03 14.76
C ASP A 29 -5.02 12.72 14.22
N LEU A 30 -3.91 12.50 14.89
CA LEU A 30 -2.64 13.11 14.49
C LEU A 30 -2.38 12.88 13.00
N GLU A 31 -1.72 13.85 12.37
CA GLU A 31 -1.40 13.74 10.95
C GLU A 31 -0.80 12.38 10.62
N VAL A 32 0.24 12.02 11.35
CA VAL A 32 0.92 10.74 11.13
C VAL A 32 -0.04 9.57 11.37
N GLU A 33 -0.82 9.66 12.44
CA GLU A 33 -1.77 8.61 12.79
C GLU A 33 -2.95 8.61 11.82
N LEU A 34 -2.84 7.79 10.76
CA LEU A 34 -3.89 7.70 9.77
C LEU A 34 -4.92 6.65 10.16
N SER A 35 -6.19 6.99 10.02
CA SER A 35 -7.28 6.07 10.36
C SER A 35 -7.83 5.39 9.11
N PHE A 36 -8.37 4.19 9.30
CA PHE A 36 -8.93 3.43 8.18
C PHE A 36 -9.91 2.37 8.69
N ARG A 37 -10.88 2.02 7.85
CA ARG A 37 -11.88 1.02 8.20
C ARG A 37 -11.48 -0.35 7.67
N LYS A 38 -11.83 -1.40 8.40
CA LYS A 38 -11.52 -2.76 8.00
C LYS A 38 -12.09 -3.06 6.61
N GLY A 39 -11.25 -3.64 5.75
CA GLY A 39 -11.68 -3.97 4.41
C GLY A 39 -11.14 -3.00 3.37
N GLU A 40 -11.11 -1.72 3.72
CA GLU A 40 -10.61 -0.70 2.81
C GLU A 40 -9.25 -1.09 2.24
N HIS A 41 -8.95 -0.58 1.05
CA HIS A 41 -7.69 -0.88 0.39
C HIS A 41 -6.71 0.29 0.51
N ILE A 42 -5.67 0.10 1.31
CA ILE A 42 -4.67 1.15 1.51
C ILE A 42 -3.48 0.96 0.57
N CYS A 43 -3.24 1.95 -0.28
CA CYS A 43 -2.12 1.88 -1.22
C CYS A 43 -0.81 2.17 -0.53
N LEU A 44 0.11 1.20 -0.58
CA LEU A 44 1.42 1.35 0.05
C LEU A 44 2.36 2.16 -0.83
N ILE A 45 2.69 3.37 -0.40
CA ILE A 45 3.58 4.24 -1.15
C ILE A 45 5.04 4.00 -0.76
N ARG A 46 5.33 4.12 0.53
CA ARG A 46 6.68 3.92 1.04
C ARG A 46 6.66 3.16 2.36
N LYS A 47 7.05 1.89 2.32
CA LYS A 47 7.08 1.05 3.51
C LYS A 47 8.01 1.64 4.57
N VAL A 48 7.44 2.37 5.53
CA VAL A 48 8.22 2.98 6.59
C VAL A 48 9.22 1.99 7.17
N ASN A 49 8.72 0.94 7.81
CA ASN A 49 9.57 -0.08 8.41
C ASN A 49 8.86 -1.43 8.44
N GLU A 50 9.56 -2.46 8.92
CA GLU A 50 9.01 -3.80 9.00
C GLU A 50 7.72 -3.80 9.83
N ASN A 51 7.60 -2.84 10.73
CA ASN A 51 6.43 -2.74 11.59
C ASN A 51 5.54 -1.57 11.16
N TRP A 52 6.14 -0.39 11.03
CA TRP A 52 5.39 0.80 10.62
C TRP A 52 5.26 0.85 9.10
N TYR A 53 4.21 1.51 8.63
CA TYR A 53 3.97 1.63 7.19
C TYR A 53 3.41 3.01 6.86
N GLU A 54 3.35 3.32 5.56
CA GLU A 54 2.83 4.61 5.10
C GLU A 54 2.00 4.44 3.84
N GLY A 55 0.70 4.69 3.96
CA GLY A 55 -0.19 4.56 2.81
C GLY A 55 -1.11 5.75 2.66
N ARG A 56 -2.15 5.58 1.85
CA ARG A 56 -3.11 6.65 1.62
C ARG A 56 -4.42 6.09 1.06
N ILE A 57 -5.53 6.43 1.71
CA ILE A 57 -6.84 5.97 1.28
C ILE A 57 -7.23 6.60 -0.06
N THR A 58 -6.78 5.97 -1.15
CA THR A 58 -7.08 6.46 -2.49
C THR A 58 -8.53 6.94 -2.59
N GLY A 59 -8.71 8.26 -2.58
CA GLY A 59 -10.04 8.82 -2.68
C GLY A 59 -10.31 9.86 -1.59
N THR A 60 -9.88 9.56 -0.37
CA THR A 60 -10.08 10.46 0.75
C THR A 60 -8.77 11.08 1.21
N GLY A 61 -8.81 12.36 1.57
CA GLY A 61 -7.61 13.04 2.01
C GLY A 61 -6.77 12.19 2.95
N ARG A 62 -7.42 11.26 3.63
CA ARG A 62 -6.72 10.39 4.57
C ARG A 62 -5.40 9.90 3.98
N GLN A 63 -4.31 10.13 4.72
CA GLN A 63 -2.99 9.72 4.27
C GLN A 63 -1.96 9.88 5.37
N GLY A 64 -1.31 8.79 5.74
CA GLY A 64 -0.31 8.84 6.79
C GLY A 64 0.33 7.49 7.04
N ILE A 65 0.79 7.27 8.27
CA ILE A 65 1.43 6.02 8.64
C ILE A 65 0.54 5.21 9.58
N PHE A 66 0.81 3.91 9.68
CA PHE A 66 0.04 3.03 10.54
C PHE A 66 0.78 1.71 10.77
N PRO A 67 0.44 1.03 11.87
CA PRO A 67 1.06 -0.25 12.23
C PRO A 67 0.64 -1.38 11.30
N ALA A 68 1.62 -2.10 10.76
CA ALA A 68 1.34 -3.20 9.85
C ALA A 68 0.43 -4.23 10.50
N SER A 69 0.81 -4.71 11.68
CA SER A 69 0.02 -5.69 12.40
C SER A 69 -1.47 -5.42 12.25
N TYR A 70 -1.83 -4.15 12.23
CA TYR A 70 -3.23 -3.74 12.09
C TYR A 70 -3.75 -4.06 10.69
N VAL A 71 -2.92 -3.77 9.68
CA VAL A 71 -3.29 -4.03 8.30
C VAL A 71 -2.71 -5.35 7.80
N GLN A 72 -3.13 -5.76 6.61
CA GLN A 72 -2.65 -7.01 6.02
C GLN A 72 -1.76 -6.74 4.82
N VAL A 73 -0.55 -7.28 4.86
CA VAL A 73 0.41 -7.09 3.77
C VAL A 73 0.29 -8.21 2.74
N SER A 74 -0.08 -7.84 1.52
CA SER A 74 -0.24 -8.82 0.44
C SER A 74 0.86 -8.65 -0.60
N ARG A 75 1.14 -7.41 -0.97
CA ARG A 75 2.17 -7.11 -1.96
C ARG A 75 3.10 -6.00 -1.48
N GLU A 76 4.25 -6.39 -0.95
CA GLU A 76 5.22 -5.43 -0.45
C GLU A 76 5.67 -4.47 -1.56
N PRO A 77 5.90 -3.20 -1.19
CA PRO A 77 6.34 -2.17 -2.14
C PRO A 77 7.76 -2.39 -2.63
N ARG A 78 8.04 -1.96 -3.85
CA ARG A 78 9.36 -2.12 -4.44
C ARG A 78 9.93 -0.77 -4.87
N LEU A 79 10.95 -0.30 -4.16
CA LEU A 79 11.58 0.97 -4.46
C LEU A 79 13.06 0.80 -4.76
N ARG A 80 13.35 0.20 -5.91
CA ARG A 80 14.73 -0.04 -6.32
C ARG A 80 15.61 -0.34 -5.11
N LEU A 81 15.20 -1.31 -4.31
CA LEU A 81 15.95 -1.69 -3.12
C LEU A 81 16.56 -3.08 -3.28
N CYS A 82 15.72 -4.04 -3.63
CA CYS A 82 16.18 -5.42 -3.82
C CYS A 82 16.14 -5.80 -5.29
N ASP A 83 17.09 -6.64 -5.69
CA ASP A 83 17.18 -7.09 -7.08
C ASP A 83 16.59 -8.48 -7.24
N ASP A 84 16.45 -8.91 -8.49
CA ASP A 84 15.89 -10.23 -8.78
C ASP A 84 16.87 -11.06 -9.61
N SER A 85 16.83 -12.37 -9.41
CA SER A 85 17.73 -13.28 -10.13
C SER A 85 16.93 -14.19 -11.06
N GLY A 86 17.09 -13.98 -12.36
CA GLY A 86 16.39 -14.79 -13.34
C GLY A 86 17.03 -16.15 -13.55
N PRO A 87 18.27 -16.15 -14.07
CA PRO A 87 19.01 -17.38 -14.34
C PRO A 87 19.46 -18.07 -13.05
N SER A 88 18.94 -19.27 -12.81
CA SER A 88 19.29 -20.02 -11.62
C SER A 88 18.98 -21.51 -11.80
N SER A 89 19.82 -22.36 -11.22
CA SER A 89 19.64 -23.80 -11.33
C SER A 89 18.53 -24.28 -10.40
N GLY A 90 17.41 -24.69 -10.98
CA GLY A 90 16.29 -25.17 -10.19
C GLY A 90 15.49 -24.03 -9.58
N GLY A 1 8.72 -1.31 -41.10
CA GLY A 1 9.42 -0.04 -41.09
C GLY A 1 8.50 1.12 -40.76
N SER A 2 8.19 1.28 -39.48
CA SER A 2 7.31 2.35 -39.03
C SER A 2 7.60 2.73 -37.58
N SER A 3 8.17 3.90 -37.38
CA SER A 3 8.51 4.38 -36.04
C SER A 3 7.59 5.54 -35.63
N GLY A 4 7.77 6.00 -34.40
CA GLY A 4 6.96 7.11 -33.91
C GLY A 4 7.42 7.60 -32.55
N SER A 5 6.46 7.88 -31.67
CA SER A 5 6.77 8.37 -30.33
C SER A 5 7.52 7.31 -29.53
N SER A 6 8.68 7.69 -29.00
CA SER A 6 9.50 6.78 -28.21
C SER A 6 9.31 7.03 -26.72
N GLY A 7 8.51 6.17 -26.08
CA GLY A 7 8.25 6.32 -24.66
C GLY A 7 6.78 6.22 -24.32
N LYS A 8 6.32 7.07 -23.41
CA LYS A 8 4.92 7.08 -23.00
C LYS A 8 4.60 8.33 -22.18
N PRO A 9 3.36 8.80 -22.28
CA PRO A 9 2.89 9.98 -21.56
C PRO A 9 2.78 9.74 -20.05
N PRO A 10 3.01 10.80 -19.27
CA PRO A 10 2.93 10.73 -17.80
C PRO A 10 1.51 10.53 -17.30
N THR A 11 1.16 9.28 -17.02
CA THR A 11 -0.18 8.96 -16.53
C THR A 11 -0.22 7.56 -15.94
N TYR A 12 -1.26 7.29 -15.16
CA TYR A 12 -1.42 5.98 -14.52
C TYR A 12 -0.07 5.42 -14.07
N GLN A 13 0.67 6.24 -13.33
CA GLN A 13 1.98 5.81 -12.84
C GLN A 13 1.87 5.12 -11.50
N VAL A 14 0.63 4.90 -11.06
CA VAL A 14 0.37 4.23 -9.78
C VAL A 14 1.00 2.84 -9.76
N LEU A 15 1.10 2.21 -10.92
CA LEU A 15 1.67 0.89 -11.03
C LEU A 15 2.98 0.79 -10.25
N GLU A 16 3.40 -0.44 -9.96
CA GLU A 16 4.63 -0.67 -9.21
C GLU A 16 4.46 -0.28 -7.75
N TYR A 17 3.22 -0.32 -7.27
CA TYR A 17 2.92 0.03 -5.89
C TYR A 17 2.46 -1.18 -5.10
N GLY A 18 2.86 -1.24 -3.84
CA GLY A 18 2.48 -2.37 -2.99
C GLY A 18 0.98 -2.42 -2.73
N GLU A 19 0.53 -3.48 -2.07
CA GLU A 19 -0.89 -3.65 -1.76
C GLU A 19 -1.08 -4.08 -0.32
N ALA A 20 -2.11 -3.53 0.33
CA ALA A 20 -2.40 -3.85 1.71
C ALA A 20 -3.90 -3.80 1.98
N VAL A 21 -4.36 -4.65 2.89
CA VAL A 21 -5.77 -4.70 3.25
C VAL A 21 -5.98 -4.52 4.75
N ALA A 22 -6.86 -3.59 5.10
CA ALA A 22 -7.16 -3.32 6.52
C ALA A 22 -7.80 -4.52 7.18
N GLN A 23 -7.29 -4.88 8.36
CA GLN A 23 -7.81 -6.02 9.10
C GLN A 23 -8.50 -5.56 10.38
N TYR A 24 -8.10 -4.40 10.89
CA TYR A 24 -8.68 -3.85 12.10
C TYR A 24 -8.87 -2.34 11.98
N THR A 25 -10.02 -1.85 12.44
CA THR A 25 -10.32 -0.43 12.38
C THR A 25 -9.38 0.37 13.27
N PHE A 26 -8.74 1.38 12.69
CA PHE A 26 -7.81 2.22 13.43
C PHE A 26 -8.41 3.60 13.69
N LYS A 27 -7.74 4.38 14.54
CA LYS A 27 -8.21 5.71 14.87
C LYS A 27 -7.03 6.65 15.16
N GLY A 28 -6.95 7.73 14.40
CA GLY A 28 -5.87 8.68 14.58
C GLY A 28 -6.25 10.08 14.13
N ASP A 29 -5.81 11.08 14.89
CA ASP A 29 -6.11 12.47 14.58
C ASP A 29 -4.86 13.19 14.04
N LEU A 30 -3.70 12.80 14.55
CA LEU A 30 -2.44 13.41 14.14
C LEU A 30 -2.17 13.12 12.67
N GLU A 31 -1.58 14.10 11.99
CA GLU A 31 -1.26 13.95 10.57
C GLU A 31 -0.57 12.61 10.30
N VAL A 32 0.50 12.34 11.06
CA VAL A 32 1.24 11.09 10.89
C VAL A 32 0.36 9.89 11.20
N GLU A 33 -0.69 10.11 11.98
CA GLU A 33 -1.61 9.03 12.35
C GLU A 33 -2.75 8.93 11.34
N LEU A 34 -2.63 8.01 10.41
CA LEU A 34 -3.65 7.80 9.38
C LEU A 34 -4.77 6.91 9.91
N SER A 35 -6.01 7.27 9.59
CA SER A 35 -7.17 6.51 10.03
C SER A 35 -7.76 5.70 8.87
N PHE A 36 -8.42 4.60 9.21
CA PHE A 36 -9.03 3.75 8.20
C PHE A 36 -9.86 2.64 8.85
N ARG A 37 -10.77 2.06 8.08
CA ARG A 37 -11.63 1.00 8.58
C ARG A 37 -11.27 -0.34 7.94
N LYS A 38 -11.44 -1.42 8.68
CA LYS A 38 -11.13 -2.76 8.19
C LYS A 38 -11.73 -2.98 6.80
N GLY A 39 -11.15 -3.90 6.05
CA GLY A 39 -11.64 -4.19 4.71
C GLY A 39 -11.12 -3.20 3.68
N GLU A 40 -11.12 -1.92 4.04
CA GLU A 40 -10.65 -0.88 3.13
C GLU A 40 -9.38 -1.32 2.42
N HIS A 41 -9.04 -0.63 1.33
CA HIS A 41 -7.85 -0.95 0.55
C HIS A 41 -6.84 0.19 0.63
N ILE A 42 -5.84 0.04 1.51
CA ILE A 42 -4.81 1.05 1.68
C ILE A 42 -3.61 0.75 0.79
N CYS A 43 -3.26 1.71 -0.06
CA CYS A 43 -2.12 1.55 -0.96
C CYS A 43 -0.80 1.71 -0.21
N LEU A 44 0.22 1.02 -0.68
CA LEU A 44 1.54 1.08 -0.05
C LEU A 44 2.52 1.90 -0.90
N ILE A 45 2.65 3.17 -0.56
CA ILE A 45 3.56 4.06 -1.28
C ILE A 45 5.00 3.83 -0.87
N ARG A 46 5.28 4.05 0.41
CA ARG A 46 6.64 3.85 0.93
C ARG A 46 6.60 3.09 2.25
N LYS A 47 7.38 2.01 2.33
CA LYS A 47 7.45 1.20 3.52
C LYS A 47 8.42 1.79 4.54
N VAL A 48 7.86 2.48 5.54
CA VAL A 48 8.67 3.10 6.59
C VAL A 48 9.45 2.06 7.38
N ASN A 49 8.74 1.03 7.84
CA ASN A 49 9.36 -0.03 8.61
C ASN A 49 8.50 -1.29 8.61
N GLU A 50 9.09 -2.42 9.00
CA GLU A 50 8.37 -3.69 9.04
C GLU A 50 7.21 -3.62 10.03
N ASN A 51 7.22 -2.61 10.88
CA ASN A 51 6.17 -2.44 11.88
C ASN A 51 5.31 -1.22 11.57
N TRP A 52 5.86 -0.30 10.77
CA TRP A 52 5.15 0.91 10.39
C TRP A 52 5.03 1.02 8.88
N TYR A 53 3.79 1.09 8.39
CA TYR A 53 3.53 1.19 6.96
C TYR A 53 2.85 2.51 6.62
N GLU A 54 3.27 3.13 5.53
CA GLU A 54 2.71 4.40 5.10
C GLU A 54 1.83 4.21 3.85
N GLY A 55 0.65 4.81 3.88
CA GLY A 55 -0.25 4.69 2.75
C GLY A 55 -1.21 5.87 2.65
N ARG A 56 -2.23 5.73 1.81
CA ARG A 56 -3.22 6.79 1.63
C ARG A 56 -4.60 6.20 1.32
N ILE A 57 -5.63 7.04 1.41
CA ILE A 57 -6.99 6.61 1.15
C ILE A 57 -7.56 7.30 -0.09
N THR A 58 -7.32 6.70 -1.25
CA THR A 58 -7.80 7.27 -2.51
C THR A 58 -9.16 7.93 -2.32
N GLY A 59 -9.36 9.07 -3.00
CA GLY A 59 -10.61 9.79 -2.89
C GLY A 59 -10.61 10.79 -1.76
N THR A 60 -9.86 10.51 -0.71
CA THR A 60 -9.76 11.39 0.44
C THR A 60 -8.33 11.86 0.67
N GLY A 61 -8.19 13.02 1.30
CA GLY A 61 -6.87 13.56 1.57
C GLY A 61 -6.11 12.76 2.61
N ARG A 62 -6.84 11.93 3.35
CA ARG A 62 -6.22 11.11 4.39
C ARG A 62 -4.94 10.45 3.87
N GLN A 63 -3.87 10.59 4.65
CA GLN A 63 -2.58 10.02 4.27
C GLN A 63 -1.59 10.10 5.42
N GLY A 64 -1.09 8.94 5.85
CA GLY A 64 -0.14 8.89 6.95
C GLY A 64 0.37 7.50 7.22
N ILE A 65 1.10 7.34 8.32
CA ILE A 65 1.64 6.03 8.70
C ILE A 65 0.69 5.29 9.63
N PHE A 66 0.81 3.97 9.66
CA PHE A 66 -0.03 3.15 10.51
C PHE A 66 0.65 1.83 10.84
N PRO A 67 0.22 1.21 11.95
CA PRO A 67 0.78 -0.07 12.40
C PRO A 67 0.41 -1.23 11.48
N ALA A 68 1.39 -2.06 11.16
CA ALA A 68 1.16 -3.21 10.28
C ALA A 68 0.18 -4.20 10.92
N SER A 69 0.46 -4.59 12.17
CA SER A 69 -0.40 -5.52 12.88
C SER A 69 -1.88 -5.20 12.64
N TYR A 70 -2.15 -3.94 12.31
CA TYR A 70 -3.52 -3.51 12.05
C TYR A 70 -3.95 -3.84 10.62
N VAL A 71 -3.01 -3.67 9.69
CA VAL A 71 -3.29 -3.95 8.28
C VAL A 71 -2.67 -5.28 7.85
N GLN A 72 -2.99 -5.70 6.64
CA GLN A 72 -2.47 -6.96 6.11
C GLN A 72 -1.63 -6.72 4.86
N VAL A 73 -0.38 -7.16 4.90
CA VAL A 73 0.52 -6.98 3.77
C VAL A 73 0.29 -8.06 2.72
N SER A 74 -0.08 -7.62 1.52
CA SER A 74 -0.33 -8.55 0.42
C SER A 74 0.75 -8.44 -0.66
N ARG A 75 1.13 -7.20 -0.98
CA ARG A 75 2.15 -6.96 -1.99
C ARG A 75 3.16 -5.92 -1.50
N GLU A 76 4.25 -6.38 -0.91
CA GLU A 76 5.28 -5.49 -0.40
C GLU A 76 5.86 -4.64 -1.52
N PRO A 77 6.21 -3.38 -1.19
CA PRO A 77 6.78 -2.44 -2.15
C PRO A 77 8.19 -2.83 -2.57
N ARG A 78 8.89 -1.89 -3.21
CA ARG A 78 10.26 -2.12 -3.65
C ARG A 78 11.25 -1.87 -2.53
N LEU A 79 11.48 -0.59 -2.23
CA LEU A 79 12.40 -0.21 -1.17
C LEU A 79 13.59 -1.16 -1.11
N ARG A 80 14.05 -1.60 -2.28
CA ARG A 80 15.17 -2.52 -2.36
C ARG A 80 16.47 -1.84 -1.91
N LEU A 81 16.49 -0.52 -2.00
CA LEU A 81 17.67 0.25 -1.61
C LEU A 81 17.38 1.08 -0.36
N CYS A 82 16.68 0.48 0.59
CA CYS A 82 16.35 1.16 1.84
C CYS A 82 17.53 1.16 2.80
N ASP A 83 17.74 2.29 3.47
CA ASP A 83 18.84 2.43 4.42
C ASP A 83 18.51 1.71 5.73
N ASP A 84 17.32 1.96 6.25
CA ASP A 84 16.89 1.33 7.49
C ASP A 84 17.25 -0.14 7.52
N SER A 85 17.90 -0.56 8.61
CA SER A 85 18.32 -1.96 8.76
C SER A 85 19.20 -2.39 7.60
N GLY A 86 20.14 -1.52 7.22
CA GLY A 86 21.04 -1.83 6.13
C GLY A 86 22.00 -2.94 6.46
N PRO A 87 22.56 -3.58 5.42
CA PRO A 87 23.51 -4.69 5.59
C PRO A 87 24.85 -4.23 6.15
N SER A 88 25.65 -5.17 6.62
CA SER A 88 26.96 -4.87 7.19
C SER A 88 28.04 -5.74 6.58
N SER A 89 29.03 -5.11 5.96
CA SER A 89 30.12 -5.83 5.32
C SER A 89 30.56 -7.01 6.18
N GLY A 90 30.39 -8.21 5.65
CA GLY A 90 30.77 -9.41 6.39
C GLY A 90 29.73 -10.51 6.30
N GLY A 1 23.95 12.22 -37.60
CA GLY A 1 23.92 11.97 -36.17
C GLY A 1 22.54 11.58 -35.68
N SER A 2 22.04 12.31 -34.69
CA SER A 2 20.73 12.03 -34.13
C SER A 2 20.53 10.54 -33.89
N SER A 3 21.58 9.89 -33.36
CA SER A 3 21.52 8.46 -33.08
C SER A 3 20.61 8.17 -31.91
N GLY A 4 20.37 6.89 -31.66
CA GLY A 4 19.52 6.50 -30.55
C GLY A 4 18.25 5.78 -31.01
N SER A 5 17.72 4.90 -30.17
CA SER A 5 16.52 4.15 -30.50
C SER A 5 15.28 4.87 -30.01
N SER A 6 14.19 4.77 -30.78
CA SER A 6 12.93 5.42 -30.42
C SER A 6 11.89 4.39 -30.00
N GLY A 7 11.19 4.67 -28.90
CA GLY A 7 10.18 3.77 -28.41
C GLY A 7 9.67 4.16 -27.03
N LYS A 8 8.64 3.45 -26.57
CA LYS A 8 8.06 3.73 -25.26
C LYS A 8 7.63 2.44 -24.57
N PRO A 9 7.58 2.46 -23.23
CA PRO A 9 7.19 1.30 -22.43
C PRO A 9 5.70 0.98 -22.57
N PRO A 10 5.40 -0.14 -23.24
CA PRO A 10 4.02 -0.59 -23.46
C PRO A 10 3.35 -1.05 -22.16
N THR A 11 4.14 -1.63 -21.27
CA THR A 11 3.62 -2.11 -20.00
C THR A 11 3.97 -1.17 -18.86
N TYR A 12 2.95 -0.53 -18.28
CA TYR A 12 3.16 0.40 -17.18
C TYR A 12 3.23 -0.34 -15.85
N GLN A 13 4.35 -0.99 -15.60
CA GLN A 13 4.55 -1.73 -14.36
C GLN A 13 5.59 -1.05 -13.48
N VAL A 14 6.51 -0.34 -14.11
CA VAL A 14 7.57 0.37 -13.38
C VAL A 14 7.06 0.91 -12.05
N LEU A 15 5.77 1.25 -12.02
CA LEU A 15 5.16 1.79 -10.81
C LEU A 15 5.72 1.11 -9.57
N GLU A 16 5.75 1.84 -8.46
CA GLU A 16 6.25 1.31 -7.21
C GLU A 16 5.24 1.49 -6.08
N TYR A 17 4.46 0.45 -5.81
CA TYR A 17 3.45 0.50 -4.76
C TYR A 17 3.08 -0.90 -4.30
N GLY A 18 2.67 -1.01 -3.03
CA GLY A 18 2.29 -2.30 -2.49
C GLY A 18 0.80 -2.41 -2.26
N GLU A 19 0.35 -3.62 -1.90
CA GLU A 19 -1.08 -3.85 -1.66
C GLU A 19 -1.30 -4.36 -0.25
N ALA A 20 -2.27 -3.77 0.46
CA ALA A 20 -2.58 -4.17 1.82
C ALA A 20 -4.09 -4.10 2.08
N VAL A 21 -4.54 -4.82 3.09
CA VAL A 21 -5.96 -4.84 3.44
C VAL A 21 -6.16 -4.63 4.95
N ALA A 22 -6.86 -3.57 5.29
CA ALA A 22 -7.13 -3.26 6.69
C ALA A 22 -7.94 -4.36 7.36
N GLN A 23 -7.36 -4.97 8.40
CA GLN A 23 -8.03 -6.04 9.12
C GLN A 23 -8.83 -5.50 10.30
N TYR A 24 -8.25 -4.53 11.01
CA TYR A 24 -8.90 -3.92 12.15
C TYR A 24 -9.03 -2.42 11.98
N THR A 25 -10.15 -1.86 12.42
CA THR A 25 -10.40 -0.42 12.32
C THR A 25 -9.55 0.35 13.32
N PHE A 26 -8.73 1.27 12.82
CA PHE A 26 -7.87 2.07 13.68
C PHE A 26 -8.45 3.47 13.88
N LYS A 27 -8.02 4.14 14.94
CA LYS A 27 -8.50 5.48 15.25
C LYS A 27 -7.36 6.38 15.73
N GLY A 28 -7.34 7.61 15.26
CA GLY A 28 -6.30 8.55 15.65
C GLY A 28 -6.68 10.00 15.37
N ASP A 29 -5.94 10.92 15.95
CA ASP A 29 -6.20 12.34 15.78
C ASP A 29 -4.93 13.07 15.32
N LEU A 30 -3.83 12.34 15.24
CA LEU A 30 -2.56 12.92 14.83
C LEU A 30 -2.34 12.75 13.33
N GLU A 31 -1.66 13.70 12.72
CA GLU A 31 -1.38 13.65 11.29
C GLU A 31 -0.67 12.36 10.91
N VAL A 32 0.29 11.96 11.74
CA VAL A 32 1.05 10.74 11.50
C VAL A 32 0.16 9.50 11.65
N GLU A 33 -0.86 9.62 12.49
CA GLU A 33 -1.78 8.52 12.73
C GLU A 33 -2.95 8.57 11.76
N LEU A 34 -2.94 7.69 10.77
CA LEU A 34 -4.02 7.65 9.77
C LEU A 34 -5.05 6.58 10.14
N SER A 35 -6.33 6.95 10.03
CA SER A 35 -7.41 6.03 10.35
C SER A 35 -7.92 5.32 9.09
N PHE A 36 -8.35 4.08 9.24
CA PHE A 36 -8.86 3.30 8.12
C PHE A 36 -9.88 2.27 8.60
N ARG A 37 -10.85 1.97 7.74
CA ARG A 37 -11.89 1.00 8.06
C ARG A 37 -11.53 -0.38 7.54
N LYS A 38 -11.75 -1.40 8.35
CA LYS A 38 -11.45 -2.78 7.98
C LYS A 38 -12.02 -3.09 6.60
N GLY A 39 -11.17 -3.55 5.70
CA GLY A 39 -11.60 -3.89 4.35
C GLY A 39 -11.05 -2.94 3.31
N GLU A 40 -10.93 -1.66 3.68
CA GLU A 40 -10.41 -0.65 2.76
C GLU A 40 -9.09 -1.09 2.15
N HIS A 41 -8.81 -0.62 0.94
CA HIS A 41 -7.57 -0.97 0.25
C HIS A 41 -6.59 0.21 0.27
N ILE A 42 -5.69 0.19 1.24
CA ILE A 42 -4.70 1.25 1.37
C ILE A 42 -3.51 1.01 0.44
N CYS A 43 -3.24 1.98 -0.42
CA CYS A 43 -2.12 1.87 -1.37
C CYS A 43 -0.80 2.19 -0.68
N LEU A 44 0.06 1.19 -0.56
CA LEU A 44 1.35 1.37 0.08
C LEU A 44 2.27 2.21 -0.79
N ILE A 45 2.39 3.50 -0.48
CA ILE A 45 3.25 4.40 -1.24
C ILE A 45 4.70 4.27 -0.80
N ARG A 46 4.92 4.27 0.51
CA ARG A 46 6.27 4.15 1.06
C ARG A 46 6.27 3.29 2.32
N LYS A 47 7.25 2.41 2.43
CA LYS A 47 7.36 1.54 3.59
C LYS A 47 8.23 2.17 4.68
N VAL A 48 7.57 2.78 5.67
CA VAL A 48 8.27 3.42 6.77
C VAL A 48 9.27 2.47 7.42
N ASN A 49 8.76 1.35 7.92
CA ASN A 49 9.60 0.36 8.58
C ASN A 49 8.96 -1.03 8.50
N GLU A 50 9.71 -2.05 8.92
CA GLU A 50 9.21 -3.42 8.91
C GLU A 50 8.00 -3.57 9.81
N ASN A 51 7.70 -2.53 10.58
CA ASN A 51 6.57 -2.54 11.50
C ASN A 51 5.57 -1.44 11.15
N TRP A 52 6.09 -0.34 10.62
CA TRP A 52 5.24 0.79 10.25
C TRP A 52 5.09 0.88 8.73
N TYR A 53 4.03 1.56 8.28
CA TYR A 53 3.77 1.70 6.87
C TYR A 53 3.06 3.02 6.57
N GLU A 54 3.49 3.70 5.51
CA GLU A 54 2.90 4.98 5.13
C GLU A 54 2.08 4.83 3.85
N GLY A 55 0.79 5.14 3.96
CA GLY A 55 -0.10 5.04 2.81
C GLY A 55 -1.19 6.08 2.82
N ARG A 56 -2.11 5.98 1.88
CA ARG A 56 -3.22 6.93 1.78
C ARG A 56 -4.55 6.19 1.57
N ILE A 57 -5.65 6.89 1.83
CA ILE A 57 -6.98 6.30 1.66
C ILE A 57 -7.60 6.73 0.33
N THR A 58 -7.71 5.77 -0.60
CA THR A 58 -8.29 6.04 -1.90
C THR A 58 -9.54 6.89 -1.78
N GLY A 59 -9.87 7.62 -2.85
CA GLY A 59 -11.05 8.46 -2.84
C GLY A 59 -10.85 9.73 -2.06
N THR A 60 -10.55 9.60 -0.77
CA THR A 60 -10.32 10.75 0.10
C THR A 60 -8.88 11.23 0.01
N GLY A 61 -8.63 12.43 0.54
CA GLY A 61 -7.29 12.97 0.51
C GLY A 61 -6.56 12.79 1.83
N ARG A 62 -6.70 11.61 2.42
CA ARG A 62 -6.06 11.30 3.68
C ARG A 62 -4.78 10.49 3.47
N GLN A 63 -3.73 10.83 4.22
CA GLN A 63 -2.46 10.12 4.11
C GLN A 63 -1.71 10.14 5.43
N GLY A 64 -1.09 9.01 5.77
CA GLY A 64 -0.34 8.92 7.02
C GLY A 64 0.25 7.55 7.23
N ILE A 65 0.80 7.32 8.42
CA ILE A 65 1.41 6.04 8.75
C ILE A 65 0.50 5.22 9.66
N PHE A 66 0.79 3.92 9.77
CA PHE A 66 0.00 3.03 10.61
C PHE A 66 0.73 1.71 10.83
N PRO A 67 0.37 1.01 11.92
CA PRO A 67 0.98 -0.28 12.27
C PRO A 67 0.58 -1.39 11.32
N ALA A 68 1.56 -2.20 10.93
CA ALA A 68 1.30 -3.31 10.01
C ALA A 68 0.42 -4.36 10.65
N SER A 69 0.82 -4.83 11.83
CA SER A 69 0.06 -5.85 12.55
C SER A 69 -1.44 -5.59 12.42
N TYR A 70 -1.81 -4.33 12.25
CA TYR A 70 -3.21 -3.95 12.13
C TYR A 70 -3.74 -4.29 10.73
N VAL A 71 -2.93 -4.03 9.72
CA VAL A 71 -3.32 -4.31 8.34
C VAL A 71 -2.65 -5.59 7.84
N GLN A 72 -3.12 -6.08 6.69
CA GLN A 72 -2.58 -7.30 6.11
C GLN A 72 -1.76 -6.98 4.85
N VAL A 73 -0.55 -7.50 4.80
CA VAL A 73 0.34 -7.27 3.66
C VAL A 73 0.17 -8.37 2.60
N SER A 74 -0.12 -7.96 1.38
CA SER A 74 -0.32 -8.90 0.28
C SER A 74 0.82 -8.78 -0.74
N ARG A 75 1.34 -7.57 -0.90
CA ARG A 75 2.43 -7.33 -1.85
C ARG A 75 3.24 -6.10 -1.43
N GLU A 76 4.43 -6.35 -0.89
CA GLU A 76 5.30 -5.27 -0.45
C GLU A 76 5.67 -4.34 -1.62
N PRO A 77 5.93 -3.07 -1.31
CA PRO A 77 6.29 -2.07 -2.31
C PRO A 77 7.67 -2.31 -2.90
N ARG A 78 8.18 -1.33 -3.65
CA ARG A 78 9.49 -1.43 -4.26
C ARG A 78 10.32 -0.19 -4.00
N LEU A 79 10.95 -0.14 -2.82
CA LEU A 79 11.77 1.00 -2.44
C LEU A 79 13.26 0.66 -2.55
N ARG A 80 13.63 0.00 -3.65
CA ARG A 80 15.02 -0.38 -3.87
C ARG A 80 15.52 -1.27 -2.73
N LEU A 81 14.71 -2.24 -2.36
CA LEU A 81 15.08 -3.17 -1.29
C LEU A 81 15.89 -2.46 -0.20
N CYS A 82 15.52 -1.21 0.07
CA CYS A 82 16.22 -0.42 1.08
C CYS A 82 16.65 -1.29 2.26
N ASP A 83 17.83 -1.01 2.79
CA ASP A 83 18.36 -1.77 3.93
C ASP A 83 17.25 -2.12 4.91
N ASP A 84 16.83 -3.38 4.89
CA ASP A 84 15.77 -3.85 5.78
C ASP A 84 16.23 -5.06 6.58
N SER A 85 16.57 -4.85 7.85
CA SER A 85 17.02 -5.93 8.72
C SER A 85 18.31 -6.54 8.18
N GLY A 86 19.20 -5.70 7.66
CA GLY A 86 20.45 -6.17 7.13
C GLY A 86 20.92 -5.37 5.92
N PRO A 87 22.23 -5.39 5.66
CA PRO A 87 22.82 -4.66 4.53
C PRO A 87 22.45 -5.28 3.19
N SER A 88 21.85 -6.46 3.23
CA SER A 88 21.45 -7.16 2.01
C SER A 88 22.67 -7.50 1.16
N SER A 89 23.73 -7.97 1.82
CA SER A 89 24.96 -8.33 1.12
C SER A 89 25.25 -9.82 1.27
N GLY A 90 25.11 -10.56 0.18
CA GLY A 90 25.35 -11.99 0.21
C GLY A 90 24.39 -12.77 -0.66
N GLY A 1 -38.80 4.23 -11.09
CA GLY A 1 -37.37 4.43 -11.16
C GLY A 1 -36.65 3.27 -11.83
N SER A 2 -35.48 3.54 -12.38
CA SER A 2 -34.69 2.52 -13.06
C SER A 2 -33.48 2.12 -12.22
N SER A 3 -33.08 0.86 -12.34
CA SER A 3 -31.93 0.34 -11.59
C SER A 3 -30.63 0.75 -12.26
N GLY A 4 -30.44 0.32 -13.50
CA GLY A 4 -29.24 0.64 -14.24
C GLY A 4 -29.40 0.46 -15.74
N SER A 5 -28.30 0.14 -16.41
CA SER A 5 -28.32 -0.05 -17.86
C SER A 5 -27.30 -1.09 -18.28
N SER A 6 -27.25 -1.37 -19.58
CA SER A 6 -26.31 -2.35 -20.12
C SER A 6 -24.88 -1.81 -20.07
N GLY A 7 -23.92 -2.72 -20.20
CA GLY A 7 -22.52 -2.32 -20.17
C GLY A 7 -21.63 -3.37 -19.52
N LYS A 8 -20.47 -2.94 -19.02
CA LYS A 8 -19.54 -3.85 -18.38
C LYS A 8 -19.05 -3.27 -17.05
N PRO A 9 -18.85 -4.14 -16.06
CA PRO A 9 -18.38 -3.74 -14.72
C PRO A 9 -16.93 -3.27 -14.74
N PRO A 10 -16.72 -1.96 -14.54
CA PRO A 10 -15.39 -1.37 -14.52
C PRO A 10 -14.58 -1.78 -13.30
N THR A 11 -13.28 -1.49 -13.32
CA THR A 11 -12.41 -1.84 -12.22
C THR A 11 -11.06 -1.13 -12.34
N TYR A 12 -10.76 -0.25 -11.39
CA TYR A 12 -9.51 0.50 -11.40
C TYR A 12 -8.37 -0.37 -10.87
N GLN A 13 -7.49 -0.79 -11.77
CA GLN A 13 -6.35 -1.62 -11.40
C GLN A 13 -5.04 -1.01 -11.89
N VAL A 14 -4.68 0.14 -11.31
CA VAL A 14 -3.46 0.83 -11.69
C VAL A 14 -2.46 0.84 -10.53
N LEU A 15 -2.97 0.75 -9.31
CA LEU A 15 -2.12 0.75 -8.13
C LEU A 15 -0.80 0.03 -8.40
N GLU A 16 0.29 0.79 -8.38
CA GLU A 16 1.62 0.24 -8.63
C GLU A 16 2.34 -0.06 -7.31
N TYR A 17 2.13 0.80 -6.32
CA TYR A 17 2.76 0.63 -5.02
C TYR A 17 2.27 -0.64 -4.33
N GLY A 18 2.75 -0.89 -3.12
CA GLY A 18 2.35 -2.07 -2.39
C GLY A 18 0.86 -2.10 -2.08
N GLU A 19 0.31 -3.30 -1.94
CA GLU A 19 -1.10 -3.45 -1.65
C GLU A 19 -1.32 -3.96 -0.23
N ALA A 20 -2.23 -3.31 0.50
CA ALA A 20 -2.54 -3.69 1.87
C ALA A 20 -4.03 -3.60 2.15
N VAL A 21 -4.51 -4.46 3.05
CA VAL A 21 -5.93 -4.47 3.40
C VAL A 21 -6.12 -4.28 4.90
N ALA A 22 -7.02 -3.37 5.27
CA ALA A 22 -7.29 -3.09 6.68
C ALA A 22 -8.07 -4.24 7.33
N GLN A 23 -7.52 -4.79 8.40
CA GLN A 23 -8.15 -5.89 9.11
C GLN A 23 -8.85 -5.40 10.37
N TYR A 24 -8.21 -4.46 11.07
CA TYR A 24 -8.77 -3.91 12.29
C TYR A 24 -8.99 -2.40 12.16
N THR A 25 -10.14 -1.93 12.64
CA THR A 25 -10.47 -0.51 12.57
C THR A 25 -9.57 0.30 13.51
N PHE A 26 -8.60 0.99 12.93
CA PHE A 26 -7.68 1.81 13.71
C PHE A 26 -8.22 3.23 13.87
N LYS A 27 -7.58 3.99 14.76
CA LYS A 27 -8.00 5.37 15.02
C LYS A 27 -6.82 6.21 15.48
N GLY A 28 -6.73 7.43 14.96
CA GLY A 28 -5.64 8.31 15.33
C GLY A 28 -6.03 9.78 15.23
N ASP A 29 -5.43 10.61 16.08
CA ASP A 29 -5.72 12.04 16.08
C ASP A 29 -4.55 12.83 15.47
N LEU A 30 -3.36 12.26 15.55
CA LEU A 30 -2.17 12.91 14.99
C LEU A 30 -2.14 12.80 13.48
N GLU A 31 -1.43 13.72 12.83
CA GLU A 31 -1.32 13.72 11.38
C GLU A 31 -0.71 12.42 10.88
N VAL A 32 0.41 12.02 11.49
CA VAL A 32 1.09 10.78 11.11
C VAL A 32 0.17 9.58 11.29
N GLU A 33 -0.53 9.53 12.41
CA GLU A 33 -1.44 8.43 12.70
C GLU A 33 -2.63 8.44 11.75
N LEU A 34 -2.57 7.58 10.73
CA LEU A 34 -3.64 7.48 9.75
C LEU A 34 -4.58 6.32 10.07
N SER A 35 -5.87 6.62 10.18
CA SER A 35 -6.87 5.60 10.49
C SER A 35 -7.49 5.05 9.21
N PHE A 36 -8.27 3.99 9.35
CA PHE A 36 -8.93 3.37 8.21
C PHE A 36 -10.04 2.42 8.66
N ARG A 37 -10.94 2.09 7.76
CA ARG A 37 -12.05 1.18 8.07
C ARG A 37 -11.78 -0.22 7.51
N LYS A 38 -11.89 -1.22 8.38
CA LYS A 38 -11.66 -2.61 7.98
C LYS A 38 -12.24 -2.87 6.60
N GLY A 39 -11.40 -3.40 5.70
CA GLY A 39 -11.86 -3.69 4.36
C GLY A 39 -11.29 -2.74 3.34
N GLU A 40 -11.25 -1.45 3.68
CA GLU A 40 -10.72 -0.44 2.77
C GLU A 40 -9.40 -0.87 2.17
N HIS A 41 -9.11 -0.39 0.96
CA HIS A 41 -7.88 -0.73 0.28
C HIS A 41 -6.88 0.43 0.33
N ILE A 42 -5.84 0.27 1.16
CA ILE A 42 -4.82 1.29 1.31
C ILE A 42 -3.58 0.95 0.50
N CYS A 43 -3.15 1.88 -0.34
CA CYS A 43 -1.96 1.68 -1.17
C CYS A 43 -0.69 2.06 -0.41
N LEU A 44 0.15 1.07 -0.14
CA LEU A 44 1.40 1.30 0.59
C LEU A 44 2.32 2.23 -0.20
N ILE A 45 2.12 3.54 -0.01
CA ILE A 45 2.93 4.53 -0.70
C ILE A 45 4.42 4.21 -0.56
N ARG A 46 4.88 4.06 0.68
CA ARG A 46 6.28 3.76 0.94
C ARG A 46 6.43 3.02 2.26
N LYS A 47 7.28 2.00 2.27
CA LYS A 47 7.52 1.21 3.48
C LYS A 47 8.44 1.97 4.45
N VAL A 48 7.87 2.46 5.53
CA VAL A 48 8.63 3.19 6.53
C VAL A 48 9.66 2.29 7.21
N ASN A 49 9.18 1.29 7.93
CA ASN A 49 10.05 0.35 8.62
C ASN A 49 9.53 -1.08 8.49
N GLU A 50 10.22 -2.02 9.14
CA GLU A 50 9.84 -3.42 9.09
C GLU A 50 8.56 -3.66 9.88
N ASN A 51 8.04 -2.60 10.49
CA ASN A 51 6.82 -2.69 11.29
C ASN A 51 5.84 -1.60 10.91
N TRP A 52 6.34 -0.39 10.73
CA TRP A 52 5.50 0.75 10.36
C TRP A 52 5.41 0.88 8.85
N TYR A 53 4.24 1.32 8.37
CA TYR A 53 4.03 1.49 6.94
C TYR A 53 3.35 2.83 6.65
N GLU A 54 3.34 3.21 5.37
CA GLU A 54 2.72 4.46 4.96
C GLU A 54 1.81 4.25 3.75
N GLY A 55 0.52 4.53 3.93
CA GLY A 55 -0.43 4.37 2.84
C GLY A 55 -1.37 5.55 2.73
N ARG A 56 -2.10 5.61 1.61
CA ARG A 56 -3.04 6.69 1.37
C ARG A 56 -4.48 6.18 1.41
N ILE A 57 -5.41 7.08 1.67
CA ILE A 57 -6.83 6.71 1.73
C ILE A 57 -7.60 7.33 0.57
N THR A 58 -7.68 6.60 -0.54
CA THR A 58 -8.39 7.07 -1.72
C THR A 58 -9.79 7.54 -1.36
N GLY A 59 -10.38 8.35 -2.24
CA GLY A 59 -11.71 8.87 -2.00
C GLY A 59 -11.72 10.10 -1.11
N THR A 60 -11.19 9.95 0.10
CA THR A 60 -11.14 11.07 1.05
C THR A 60 -9.90 11.92 0.83
N GLY A 61 -8.73 11.28 0.92
CA GLY A 61 -7.48 12.00 0.73
C GLY A 61 -6.61 12.00 1.97
N ARG A 62 -7.11 11.36 3.04
CA ARG A 62 -6.36 11.29 4.29
C ARG A 62 -5.33 10.16 4.25
N GLN A 63 -4.06 10.54 4.17
CA GLN A 63 -2.98 9.56 4.11
C GLN A 63 -2.08 9.69 5.34
N GLY A 64 -1.18 8.72 5.52
CA GLY A 64 -0.27 8.75 6.65
C GLY A 64 0.37 7.40 6.91
N ILE A 65 0.72 7.14 8.16
CA ILE A 65 1.36 5.88 8.53
C ILE A 65 0.48 5.09 9.48
N PHE A 66 0.78 3.80 9.63
CA PHE A 66 0.01 2.92 10.50
C PHE A 66 0.76 1.61 10.75
N PRO A 67 0.44 0.95 11.86
CA PRO A 67 1.05 -0.32 12.23
C PRO A 67 0.63 -1.47 11.32
N ALA A 68 1.59 -2.29 10.92
CA ALA A 68 1.32 -3.42 10.05
C ALA A 68 0.43 -4.44 10.73
N SER A 69 0.83 -4.88 11.92
CA SER A 69 0.07 -5.86 12.69
C SER A 69 -1.43 -5.59 12.56
N TYR A 70 -1.78 -4.35 12.31
CA TYR A 70 -3.18 -3.95 12.17
C TYR A 70 -3.69 -4.26 10.77
N VAL A 71 -2.87 -3.97 9.77
CA VAL A 71 -3.23 -4.21 8.38
C VAL A 71 -2.60 -5.50 7.86
N GLN A 72 -3.01 -5.91 6.66
CA GLN A 72 -2.49 -7.12 6.05
C GLN A 72 -1.66 -6.80 4.81
N VAL A 73 -0.40 -7.23 4.81
CA VAL A 73 0.49 -7.00 3.68
C VAL A 73 0.33 -8.07 2.61
N SER A 74 -0.16 -7.66 1.45
CA SER A 74 -0.37 -8.60 0.34
C SER A 74 0.83 -8.59 -0.60
N ARG A 75 1.40 -7.41 -0.82
CA ARG A 75 2.55 -7.27 -1.70
C ARG A 75 3.42 -6.09 -1.27
N GLU A 76 4.72 -6.33 -1.12
CA GLU A 76 5.66 -5.29 -0.72
C GLU A 76 5.90 -4.30 -1.86
N PRO A 77 6.07 -3.03 -1.51
CA PRO A 77 6.31 -1.96 -2.48
C PRO A 77 7.68 -2.06 -3.13
N ARG A 78 7.72 -1.95 -4.45
CA ARG A 78 8.98 -2.03 -5.20
C ARG A 78 9.38 -0.67 -5.72
N LEU A 79 8.42 0.24 -5.82
CA LEU A 79 8.69 1.58 -6.31
C LEU A 79 9.68 1.56 -7.47
N ARG A 80 9.36 0.79 -8.50
CA ARG A 80 10.21 0.67 -9.67
C ARG A 80 10.11 1.92 -10.54
N LEU A 81 8.97 2.61 -10.45
CA LEU A 81 8.74 3.81 -11.23
C LEU A 81 10.02 4.66 -11.31
N CYS A 82 10.85 4.56 -10.29
CA CYS A 82 12.11 5.31 -10.24
C CYS A 82 13.26 4.42 -9.79
N ASP A 83 14.39 4.51 -10.50
CA ASP A 83 15.56 3.71 -10.17
C ASP A 83 16.67 4.59 -9.63
N ASP A 84 17.54 4.01 -8.80
CA ASP A 84 18.66 4.74 -8.22
C ASP A 84 19.94 4.52 -9.03
N SER A 85 20.36 3.26 -9.12
CA SER A 85 21.57 2.93 -9.87
C SER A 85 21.58 3.61 -11.23
N GLY A 86 22.79 3.80 -11.77
CA GLY A 86 22.92 4.46 -13.06
C GLY A 86 24.28 4.20 -13.69
N PRO A 87 25.22 5.14 -13.48
CA PRO A 87 26.57 5.03 -14.03
C PRO A 87 27.38 3.92 -13.37
N SER A 88 27.49 2.79 -14.06
CA SER A 88 28.24 1.65 -13.54
C SER A 88 28.71 0.74 -14.67
N SER A 89 29.95 0.28 -14.59
CA SER A 89 30.52 -0.60 -15.60
C SER A 89 30.72 -2.00 -15.06
N GLY A 90 29.74 -2.48 -14.31
CA GLY A 90 29.84 -3.82 -13.73
C GLY A 90 28.48 -4.42 -13.44
#